data_1QST
# 
_entry.id   1QST 
# 
_audit_conform.dict_name       mmcif_pdbx.dic 
_audit_conform.dict_version    5.386 
_audit_conform.dict_location   http://mmcif.pdb.org/dictionaries/ascii/mmcif_pdbx.dic 
# 
loop_
_database_2.database_id 
_database_2.database_code 
_database_2.pdbx_database_accession 
_database_2.pdbx_DOI 
PDB   1QST         pdb_00001qst 10.2210/pdb1qst/pdb 
RCSB  RCSB009223   ?            ?                   
WWPDB D_1000009223 ?            ?                   
# 
loop_
_pdbx_audit_revision_history.ordinal 
_pdbx_audit_revision_history.data_content_type 
_pdbx_audit_revision_history.major_revision 
_pdbx_audit_revision_history.minor_revision 
_pdbx_audit_revision_history.revision_date 
1 'Structure model' 1 0 1999-09-08 
2 'Structure model' 1 1 2008-04-27 
3 'Structure model' 1 2 2011-07-13 
4 'Structure model' 2 0 2024-02-14 
# 
_pdbx_audit_revision_details.ordinal             1 
_pdbx_audit_revision_details.revision_ordinal    1 
_pdbx_audit_revision_details.data_content_type   'Structure model' 
_pdbx_audit_revision_details.provider            repository 
_pdbx_audit_revision_details.type                'Initial release' 
_pdbx_audit_revision_details.description         ? 
_pdbx_audit_revision_details.details             ? 
# 
loop_
_pdbx_audit_revision_group.ordinal 
_pdbx_audit_revision_group.revision_ordinal 
_pdbx_audit_revision_group.data_content_type 
_pdbx_audit_revision_group.group 
1 2 'Structure model' 'Version format compliance' 
2 3 'Structure model' 'Version format compliance' 
3 4 'Structure model' 'Atomic model'              
4 4 'Structure model' 'Data collection'           
5 4 'Structure model' 'Database references'       
6 4 'Structure model' 'Derived calculations'      
# 
loop_
_pdbx_audit_revision_category.ordinal 
_pdbx_audit_revision_category.revision_ordinal 
_pdbx_audit_revision_category.data_content_type 
_pdbx_audit_revision_category.category 
1 4 'Structure model' atom_site      
2 4 'Structure model' chem_comp_atom 
3 4 'Structure model' chem_comp_bond 
4 4 'Structure model' database_2     
5 4 'Structure model' struct_site    
# 
loop_
_pdbx_audit_revision_item.ordinal 
_pdbx_audit_revision_item.revision_ordinal 
_pdbx_audit_revision_item.data_content_type 
_pdbx_audit_revision_item.item 
1 4 'Structure model' '_atom_site.occupancy'                
2 4 'Structure model' '_database_2.pdbx_DOI'                
3 4 'Structure model' '_database_2.pdbx_database_accession' 
4 4 'Structure model' '_struct_site.pdbx_auth_asym_id'      
5 4 'Structure model' '_struct_site.pdbx_auth_comp_id'      
6 4 'Structure model' '_struct_site.pdbx_auth_seq_id'       
# 
_pdbx_database_status.status_code                     REL 
_pdbx_database_status.entry_id                        1QST 
_pdbx_database_status.recvd_initial_deposition_date   1999-06-23 
_pdbx_database_status.deposit_site                    RCSB 
_pdbx_database_status.process_site                    RCSB 
_pdbx_database_status.SG_entry                        . 
_pdbx_database_status.pdb_format_compatible           Y 
_pdbx_database_status.status_code_mr                  ? 
_pdbx_database_status.status_code_sf                  ? 
_pdbx_database_status.status_code_cs                  ? 
_pdbx_database_status.status_code_nmr_data            ? 
_pdbx_database_status.methods_development_category    ? 
# 
loop_
_audit_author.name 
_audit_author.pdbx_ordinal 
'Rojas, J.R.'     1 
'Trievel, R.C.'   2 
'Zhou, J.'        3 
'Mo, Y.'          4 
'Li, X.'          5 
'Berger, S.L.'    6 
'David Allis, C.' 7 
'Marmorstein, R.' 8 
# 
_citation.id                        primary 
_citation.title                     'Structure of Tetrahymena GCN5 bound to coenzyme A and a histone H3 peptide.' 
_citation.journal_abbrev            Nature 
_citation.journal_volume            401 
_citation.page_first                93 
_citation.page_last                 98 
_citation.year                      1999 
_citation.journal_id_ASTM           NATUAS 
_citation.country                   UK 
_citation.journal_id_ISSN           0028-0836 
_citation.journal_id_CSD            0006 
_citation.book_publisher            ? 
_citation.pdbx_database_id_PubMed   10485713 
_citation.pdbx_database_id_DOI      10.1038/43487 
# 
loop_
_citation_author.citation_id 
_citation_author.name 
_citation_author.ordinal 
_citation_author.identifier_ORCID 
primary 'Rojas, J.R.'     1 ? 
primary 'Trievel, R.C.'   2 ? 
primary 'Zhou, J.'        3 ? 
primary 'Mo, Y.'          4 ? 
primary 'Li, X.'          5 ? 
primary 'Berger, S.L.'    6 ? 
primary 'Allis, C.D.'     7 ? 
primary 'Marmorstein, R.' 8 ? 
# 
loop_
_entity.id 
_entity.type 
_entity.src_method 
_entity.pdbx_description 
_entity.formula_weight 
_entity.pdbx_number_of_molecules 
_entity.pdbx_ec 
_entity.pdbx_mutation 
_entity.pdbx_fragment 
_entity.details 
1 polymer     man 'TGCN5 HISTONE ACETYL TRANSFERASE'                    19130.256 1  ? ? ? ? 
2 non-polymer syn '4-(2-HYDROXYETHYL)-1-PIPERAZINE ETHANESULFONIC ACID' 238.305   1  ? ? ? ? 
3 water       nat water                                                 18.015    96 ? ? ? ? 
# 
_entity_poly.entity_id                      1 
_entity_poly.type                           'polypeptide(L)' 
_entity_poly.nstd_linkage                   no 
_entity_poly.nstd_monomer                   no 
_entity_poly.pdbx_seq_one_letter_code       
;LDFDILTNDGTHRNMKLLIDLKNIFSRQLPKMPKEYIVKLVFDRHHESMVILKNKQKVIGGICFRQYKPQRFAEVAFLAV
TANEQVRGYGTRLMNKFKDHMQKQNIEYLLTYADNFAIGYFKKQGFTKEHRMPQEKWKGYIKDYDGGTLMECYIHPYVDY
;
_entity_poly.pdbx_seq_one_letter_code_can   
;LDFDILTNDGTHRNMKLLIDLKNIFSRQLPKMPKEYIVKLVFDRHHESMVILKNKQKVIGGICFRQYKPQRFAEVAFLAV
TANEQVRGYGTRLMNKFKDHMQKQNIEYLLTYADNFAIGYFKKQGFTKEHRMPQEKWKGYIKDYDGGTLMECYIHPYVDY
;
_entity_poly.pdbx_strand_id                 A 
_entity_poly.pdbx_target_identifier         ? 
# 
loop_
_pdbx_entity_nonpoly.entity_id 
_pdbx_entity_nonpoly.name 
_pdbx_entity_nonpoly.comp_id 
2 '4-(2-HYDROXYETHYL)-1-PIPERAZINE ETHANESULFONIC ACID' EPE 
3 water                                                 HOH 
# 
loop_
_entity_poly_seq.entity_id 
_entity_poly_seq.num 
_entity_poly_seq.mon_id 
_entity_poly_seq.hetero 
1 1   LEU n 
1 2   ASP n 
1 3   PHE n 
1 4   ASP n 
1 5   ILE n 
1 6   LEU n 
1 7   THR n 
1 8   ASN n 
1 9   ASP n 
1 10  GLY n 
1 11  THR n 
1 12  HIS n 
1 13  ARG n 
1 14  ASN n 
1 15  MET n 
1 16  LYS n 
1 17  LEU n 
1 18  LEU n 
1 19  ILE n 
1 20  ASP n 
1 21  LEU n 
1 22  LYS n 
1 23  ASN n 
1 24  ILE n 
1 25  PHE n 
1 26  SER n 
1 27  ARG n 
1 28  GLN n 
1 29  LEU n 
1 30  PRO n 
1 31  LYS n 
1 32  MET n 
1 33  PRO n 
1 34  LYS n 
1 35  GLU n 
1 36  TYR n 
1 37  ILE n 
1 38  VAL n 
1 39  LYS n 
1 40  LEU n 
1 41  VAL n 
1 42  PHE n 
1 43  ASP n 
1 44  ARG n 
1 45  HIS n 
1 46  HIS n 
1 47  GLU n 
1 48  SER n 
1 49  MET n 
1 50  VAL n 
1 51  ILE n 
1 52  LEU n 
1 53  LYS n 
1 54  ASN n 
1 55  LYS n 
1 56  GLN n 
1 57  LYS n 
1 58  VAL n 
1 59  ILE n 
1 60  GLY n 
1 61  GLY n 
1 62  ILE n 
1 63  CYS n 
1 64  PHE n 
1 65  ARG n 
1 66  GLN n 
1 67  TYR n 
1 68  LYS n 
1 69  PRO n 
1 70  GLN n 
1 71  ARG n 
1 72  PHE n 
1 73  ALA n 
1 74  GLU n 
1 75  VAL n 
1 76  ALA n 
1 77  PHE n 
1 78  LEU n 
1 79  ALA n 
1 80  VAL n 
1 81  THR n 
1 82  ALA n 
1 83  ASN n 
1 84  GLU n 
1 85  GLN n 
1 86  VAL n 
1 87  ARG n 
1 88  GLY n 
1 89  TYR n 
1 90  GLY n 
1 91  THR n 
1 92  ARG n 
1 93  LEU n 
1 94  MET n 
1 95  ASN n 
1 96  LYS n 
1 97  PHE n 
1 98  LYS n 
1 99  ASP n 
1 100 HIS n 
1 101 MET n 
1 102 GLN n 
1 103 LYS n 
1 104 GLN n 
1 105 ASN n 
1 106 ILE n 
1 107 GLU n 
1 108 TYR n 
1 109 LEU n 
1 110 LEU n 
1 111 THR n 
1 112 TYR n 
1 113 ALA n 
1 114 ASP n 
1 115 ASN n 
1 116 PHE n 
1 117 ALA n 
1 118 ILE n 
1 119 GLY n 
1 120 TYR n 
1 121 PHE n 
1 122 LYS n 
1 123 LYS n 
1 124 GLN n 
1 125 GLY n 
1 126 PHE n 
1 127 THR n 
1 128 LYS n 
1 129 GLU n 
1 130 HIS n 
1 131 ARG n 
1 132 MET n 
1 133 PRO n 
1 134 GLN n 
1 135 GLU n 
1 136 LYS n 
1 137 TRP n 
1 138 LYS n 
1 139 GLY n 
1 140 TYR n 
1 141 ILE n 
1 142 LYS n 
1 143 ASP n 
1 144 TYR n 
1 145 ASP n 
1 146 GLY n 
1 147 GLY n 
1 148 THR n 
1 149 LEU n 
1 150 MET n 
1 151 GLU n 
1 152 CYS n 
1 153 TYR n 
1 154 ILE n 
1 155 HIS n 
1 156 PRO n 
1 157 TYR n 
1 158 VAL n 
1 159 ASP n 
1 160 TYR n 
# 
_entity_src_gen.entity_id                          1 
_entity_src_gen.pdbx_src_id                        1 
_entity_src_gen.pdbx_alt_source_flag               sample 
_entity_src_gen.pdbx_seq_type                      ? 
_entity_src_gen.pdbx_beg_seq_num                   ? 
_entity_src_gen.pdbx_end_seq_num                   ? 
_entity_src_gen.gene_src_common_name               ? 
_entity_src_gen.gene_src_genus                     Tetrahymena 
_entity_src_gen.pdbx_gene_src_gene                 ? 
_entity_src_gen.gene_src_species                   ? 
_entity_src_gen.gene_src_strain                    ? 
_entity_src_gen.gene_src_tissue                    ? 
_entity_src_gen.gene_src_tissue_fraction           ? 
_entity_src_gen.gene_src_details                   ? 
_entity_src_gen.pdbx_gene_src_fragment             ? 
_entity_src_gen.pdbx_gene_src_scientific_name      'Tetrahymena thermophila' 
_entity_src_gen.pdbx_gene_src_ncbi_taxonomy_id     5911 
_entity_src_gen.pdbx_gene_src_variant              ? 
_entity_src_gen.pdbx_gene_src_cell_line            ? 
_entity_src_gen.pdbx_gene_src_atcc                 ? 
_entity_src_gen.pdbx_gene_src_organ                ? 
_entity_src_gen.pdbx_gene_src_organelle            ? 
_entity_src_gen.pdbx_gene_src_cell                 ? 
_entity_src_gen.pdbx_gene_src_cellular_location    ? 
_entity_src_gen.host_org_common_name               ? 
_entity_src_gen.pdbx_host_org_scientific_name      'Escherichia coli' 
_entity_src_gen.pdbx_host_org_ncbi_taxonomy_id     562 
_entity_src_gen.host_org_genus                     Escherichia 
_entity_src_gen.pdbx_host_org_gene                 ? 
_entity_src_gen.pdbx_host_org_organ                ? 
_entity_src_gen.host_org_species                   ? 
_entity_src_gen.pdbx_host_org_tissue               ? 
_entity_src_gen.pdbx_host_org_tissue_fraction      ? 
_entity_src_gen.pdbx_host_org_strain               ? 
_entity_src_gen.pdbx_host_org_variant              ? 
_entity_src_gen.pdbx_host_org_cell_line            ? 
_entity_src_gen.pdbx_host_org_atcc                 ? 
_entity_src_gen.pdbx_host_org_culture_collection   ? 
_entity_src_gen.pdbx_host_org_cell                 ? 
_entity_src_gen.pdbx_host_org_organelle            ? 
_entity_src_gen.pdbx_host_org_cellular_location    ? 
_entity_src_gen.pdbx_host_org_vector_type          ? 
_entity_src_gen.pdbx_host_org_vector               ? 
_entity_src_gen.host_org_details                   ? 
_entity_src_gen.expression_system_id               ? 
_entity_src_gen.plasmid_name                       'PRSET A' 
_entity_src_gen.plasmid_details                    ? 
_entity_src_gen.pdbx_description                   ? 
# 
loop_
_chem_comp.id 
_chem_comp.type 
_chem_comp.mon_nstd_flag 
_chem_comp.name 
_chem_comp.pdbx_synonyms 
_chem_comp.formula 
_chem_comp.formula_weight 
ALA 'L-peptide linking' y ALANINE                                               ?     'C3 H7 N O2'     89.093  
ARG 'L-peptide linking' y ARGININE                                              ?     'C6 H15 N4 O2 1' 175.209 
ASN 'L-peptide linking' y ASPARAGINE                                            ?     'C4 H8 N2 O3'    132.118 
ASP 'L-peptide linking' y 'ASPARTIC ACID'                                       ?     'C4 H7 N O4'     133.103 
CYS 'L-peptide linking' y CYSTEINE                                              ?     'C3 H7 N O2 S'   121.158 
EPE non-polymer         . '4-(2-HYDROXYETHYL)-1-PIPERAZINE ETHANESULFONIC ACID' HEPES 'C8 H18 N2 O4 S' 238.305 
GLN 'L-peptide linking' y GLUTAMINE                                             ?     'C5 H10 N2 O3'   146.144 
GLU 'L-peptide linking' y 'GLUTAMIC ACID'                                       ?     'C5 H9 N O4'     147.129 
GLY 'peptide linking'   y GLYCINE                                               ?     'C2 H5 N O2'     75.067  
HIS 'L-peptide linking' y HISTIDINE                                             ?     'C6 H10 N3 O2 1' 156.162 
HOH non-polymer         . WATER                                                 ?     'H2 O'           18.015  
ILE 'L-peptide linking' y ISOLEUCINE                                            ?     'C6 H13 N O2'    131.173 
LEU 'L-peptide linking' y LEUCINE                                               ?     'C6 H13 N O2'    131.173 
LYS 'L-peptide linking' y LYSINE                                                ?     'C6 H15 N2 O2 1' 147.195 
MET 'L-peptide linking' y METHIONINE                                            ?     'C5 H11 N O2 S'  149.211 
PHE 'L-peptide linking' y PHENYLALANINE                                         ?     'C9 H11 N O2'    165.189 
PRO 'L-peptide linking' y PROLINE                                               ?     'C5 H9 N O2'     115.130 
SER 'L-peptide linking' y SERINE                                                ?     'C3 H7 N O3'     105.093 
THR 'L-peptide linking' y THREONINE                                             ?     'C4 H9 N O3'     119.119 
TRP 'L-peptide linking' y TRYPTOPHAN                                            ?     'C11 H12 N2 O2'  204.225 
TYR 'L-peptide linking' y TYROSINE                                              ?     'C9 H11 N O3'    181.189 
VAL 'L-peptide linking' y VALINE                                                ?     'C5 H11 N O2'    117.146 
# 
loop_
_pdbx_poly_seq_scheme.asym_id 
_pdbx_poly_seq_scheme.entity_id 
_pdbx_poly_seq_scheme.seq_id 
_pdbx_poly_seq_scheme.mon_id 
_pdbx_poly_seq_scheme.ndb_seq_num 
_pdbx_poly_seq_scheme.pdb_seq_num 
_pdbx_poly_seq_scheme.auth_seq_num 
_pdbx_poly_seq_scheme.pdb_mon_id 
_pdbx_poly_seq_scheme.auth_mon_id 
_pdbx_poly_seq_scheme.pdb_strand_id 
_pdbx_poly_seq_scheme.pdb_ins_code 
_pdbx_poly_seq_scheme.hetero 
A 1 1   LEU 1   49  49  LEU LEU A . n 
A 1 2   ASP 2   50  50  ASP ASP A . n 
A 1 3   PHE 3   51  51  PHE PHE A . n 
A 1 4   ASP 4   52  52  ASP ASP A . n 
A 1 5   ILE 5   53  53  ILE ILE A . n 
A 1 6   LEU 6   54  54  LEU LEU A . n 
A 1 7   THR 7   55  55  THR THR A . n 
A 1 8   ASN 8   56  56  ASN ASN A . n 
A 1 9   ASP 9   57  57  ASP ASP A . n 
A 1 10  GLY 10  58  58  GLY GLY A . n 
A 1 11  THR 11  59  59  THR THR A . n 
A 1 12  HIS 12  60  60  HIS HIS A . n 
A 1 13  ARG 13  61  61  ARG ARG A . n 
A 1 14  ASN 14  62  62  ASN ASN A . n 
A 1 15  MET 15  63  63  MET MET A . n 
A 1 16  LYS 16  64  64  LYS LYS A . n 
A 1 17  LEU 17  65  65  LEU LEU A . n 
A 1 18  LEU 18  66  66  LEU LEU A . n 
A 1 19  ILE 19  67  67  ILE ILE A . n 
A 1 20  ASP 20  68  68  ASP ASP A . n 
A 1 21  LEU 21  69  69  LEU LEU A . n 
A 1 22  LYS 22  70  70  LYS LYS A . n 
A 1 23  ASN 23  71  71  ASN ASN A . n 
A 1 24  ILE 24  72  72  ILE ILE A . n 
A 1 25  PHE 25  73  73  PHE PHE A . n 
A 1 26  SER 26  74  74  SER SER A . n 
A 1 27  ARG 27  75  75  ARG ARG A . n 
A 1 28  GLN 28  76  76  GLN GLN A . n 
A 1 29  LEU 29  77  77  LEU LEU A . n 
A 1 30  PRO 30  78  78  PRO PRO A . n 
A 1 31  LYS 31  79  79  LYS LYS A . n 
A 1 32  MET 32  80  80  MET MET A . n 
A 1 33  PRO 33  81  81  PRO PRO A . n 
A 1 34  LYS 34  82  82  LYS LYS A . n 
A 1 35  GLU 35  83  83  GLU GLU A . n 
A 1 36  TYR 36  84  84  TYR TYR A . n 
A 1 37  ILE 37  85  85  ILE ILE A . n 
A 1 38  VAL 38  86  86  VAL VAL A . n 
A 1 39  LYS 39  87  87  LYS LYS A . n 
A 1 40  LEU 40  88  88  LEU LEU A . n 
A 1 41  VAL 41  89  89  VAL VAL A . n 
A 1 42  PHE 42  90  90  PHE PHE A . n 
A 1 43  ASP 43  91  91  ASP ASP A . n 
A 1 44  ARG 44  92  92  ARG ARG A . n 
A 1 45  HIS 45  93  93  HIS HIS A . n 
A 1 46  HIS 46  94  94  HIS HIS A . n 
A 1 47  GLU 47  95  95  GLU GLU A . n 
A 1 48  SER 48  96  96  SER SER A . n 
A 1 49  MET 49  97  97  MET MET A . n 
A 1 50  VAL 50  98  98  VAL VAL A . n 
A 1 51  ILE 51  99  99  ILE ILE A . n 
A 1 52  LEU 52  100 100 LEU LEU A . n 
A 1 53  LYS 53  101 101 LYS LYS A . n 
A 1 54  ASN 54  102 102 ASN ASN A . n 
A 1 55  LYS 55  103 103 LYS LYS A . n 
A 1 56  GLN 56  104 104 GLN GLN A . n 
A 1 57  LYS 57  105 105 LYS LYS A . n 
A 1 58  VAL 58  106 106 VAL VAL A . n 
A 1 59  ILE 59  107 107 ILE ILE A . n 
A 1 60  GLY 60  108 108 GLY GLY A . n 
A 1 61  GLY 61  109 109 GLY GLY A . n 
A 1 62  ILE 62  110 110 ILE ILE A . n 
A 1 63  CYS 63  111 111 CYS CYS A . n 
A 1 64  PHE 64  112 112 PHE PHE A . n 
A 1 65  ARG 65  113 113 ARG ARG A . n 
A 1 66  GLN 66  114 114 GLN GLN A . n 
A 1 67  TYR 67  115 115 TYR TYR A . n 
A 1 68  LYS 68  116 116 LYS LYS A . n 
A 1 69  PRO 69  117 117 PRO PRO A . n 
A 1 70  GLN 70  118 118 GLN GLN A . n 
A 1 71  ARG 71  119 119 ARG ARG A . n 
A 1 72  PHE 72  120 120 PHE PHE A . n 
A 1 73  ALA 73  121 121 ALA ALA A . n 
A 1 74  GLU 74  122 122 GLU GLU A . n 
A 1 75  VAL 75  123 123 VAL VAL A . n 
A 1 76  ALA 76  124 124 ALA ALA A . n 
A 1 77  PHE 77  125 125 PHE PHE A . n 
A 1 78  LEU 78  126 126 LEU LEU A . n 
A 1 79  ALA 79  127 127 ALA ALA A . n 
A 1 80  VAL 80  128 128 VAL VAL A . n 
A 1 81  THR 81  129 129 THR THR A . n 
A 1 82  ALA 82  130 130 ALA ALA A . n 
A 1 83  ASN 83  131 131 ASN ASN A . n 
A 1 84  GLU 84  132 132 GLU GLU A . n 
A 1 85  GLN 85  133 133 GLN GLN A . n 
A 1 86  VAL 86  134 134 VAL VAL A . n 
A 1 87  ARG 87  135 135 ARG ARG A . n 
A 1 88  GLY 88  136 136 GLY GLY A . n 
A 1 89  TYR 89  137 137 TYR TYR A . n 
A 1 90  GLY 90  138 138 GLY GLY A . n 
A 1 91  THR 91  139 139 THR THR A . n 
A 1 92  ARG 92  140 140 ARG ARG A . n 
A 1 93  LEU 93  141 141 LEU LEU A . n 
A 1 94  MET 94  142 142 MET MET A . n 
A 1 95  ASN 95  143 143 ASN ASN A . n 
A 1 96  LYS 96  144 144 LYS LYS A . n 
A 1 97  PHE 97  145 145 PHE PHE A . n 
A 1 98  LYS 98  146 146 LYS LYS A . n 
A 1 99  ASP 99  147 147 ASP ASP A . n 
A 1 100 HIS 100 148 148 HIS HIS A . n 
A 1 101 MET 101 149 149 MET MET A . n 
A 1 102 GLN 102 150 150 GLN GLN A . n 
A 1 103 LYS 103 151 151 LYS LYS A . n 
A 1 104 GLN 104 152 152 GLN GLN A . n 
A 1 105 ASN 105 153 153 ASN ASN A . n 
A 1 106 ILE 106 154 154 ILE ILE A . n 
A 1 107 GLU 107 155 155 GLU GLU A . n 
A 1 108 TYR 108 156 156 TYR TYR A . n 
A 1 109 LEU 109 157 157 LEU LEU A . n 
A 1 110 LEU 110 158 158 LEU LEU A . n 
A 1 111 THR 111 159 159 THR THR A . n 
A 1 112 TYR 112 160 160 TYR TYR A . n 
A 1 113 ALA 113 161 161 ALA ALA A . n 
A 1 114 ASP 114 162 162 ASP ASP A . n 
A 1 115 ASN 115 163 163 ASN ASN A . n 
A 1 116 PHE 116 164 164 PHE PHE A . n 
A 1 117 ALA 117 165 165 ALA ALA A . n 
A 1 118 ILE 118 166 166 ILE ILE A . n 
A 1 119 GLY 119 167 167 GLY GLY A . n 
A 1 120 TYR 120 168 168 TYR TYR A . n 
A 1 121 PHE 121 169 169 PHE PHE A . n 
A 1 122 LYS 122 170 170 LYS LYS A . n 
A 1 123 LYS 123 171 171 LYS LYS A . n 
A 1 124 GLN 124 172 172 GLN GLN A . n 
A 1 125 GLY 125 173 173 GLY GLY A . n 
A 1 126 PHE 126 174 174 PHE PHE A . n 
A 1 127 THR 127 175 175 THR THR A . n 
A 1 128 LYS 128 176 176 LYS LYS A . n 
A 1 129 GLU 129 177 177 GLU GLU A . n 
A 1 130 HIS 130 178 178 HIS HIS A . n 
A 1 131 ARG 131 179 179 ARG ARG A . n 
A 1 132 MET 132 180 180 MET MET A . n 
A 1 133 PRO 133 181 181 PRO PRO A . n 
A 1 134 GLN 134 182 182 GLN GLN A . n 
A 1 135 GLU 135 183 183 GLU GLU A . n 
A 1 136 LYS 136 184 184 LYS LYS A . n 
A 1 137 TRP 137 185 185 TRP TRP A . n 
A 1 138 LYS 138 186 186 LYS LYS A . n 
A 1 139 GLY 139 187 187 GLY GLY A . n 
A 1 140 TYR 140 188 188 TYR TYR A . n 
A 1 141 ILE 141 189 189 ILE ILE A . n 
A 1 142 LYS 142 190 190 LYS LYS A . n 
A 1 143 ASP 143 191 191 ASP ASP A . n 
A 1 144 TYR 144 192 192 TYR TYR A . n 
A 1 145 ASP 145 193 193 ASP ASP A . n 
A 1 146 GLY 146 194 194 GLY GLY A . n 
A 1 147 GLY 147 195 195 GLY GLY A . n 
A 1 148 THR 148 196 196 THR THR A . n 
A 1 149 LEU 149 197 197 LEU LEU A . n 
A 1 150 MET 150 198 198 MET MET A . n 
A 1 151 GLU 151 199 199 GLU GLU A . n 
A 1 152 CYS 152 200 200 CYS CYS A . n 
A 1 153 TYR 153 201 201 TYR TYR A . n 
A 1 154 ILE 154 202 202 ILE ILE A . n 
A 1 155 HIS 155 203 203 HIS HIS A . n 
A 1 156 PRO 156 204 204 PRO PRO A . n 
A 1 157 TYR 157 205 205 TYR TYR A . n 
A 1 158 VAL 158 206 206 VAL VAL A . n 
A 1 159 ASP 159 207 207 ASP ASP A . n 
A 1 160 TYR 160 208 208 TYR TYR A . n 
# 
loop_
_pdbx_nonpoly_scheme.asym_id 
_pdbx_nonpoly_scheme.entity_id 
_pdbx_nonpoly_scheme.mon_id 
_pdbx_nonpoly_scheme.ndb_seq_num 
_pdbx_nonpoly_scheme.pdb_seq_num 
_pdbx_nonpoly_scheme.auth_seq_num 
_pdbx_nonpoly_scheme.pdb_mon_id 
_pdbx_nonpoly_scheme.auth_mon_id 
_pdbx_nonpoly_scheme.pdb_strand_id 
_pdbx_nonpoly_scheme.pdb_ins_code 
B 2 EPE 1  401 401 EPE EPE A . 
C 3 HOH 1  301 301 HOH HOH A . 
C 3 HOH 2  302 302 HOH HOH A . 
C 3 HOH 3  303 303 HOH HOH A . 
C 3 HOH 4  304 304 HOH HOH A . 
C 3 HOH 5  305 305 HOH HOH A . 
C 3 HOH 6  306 306 HOH HOH A . 
C 3 HOH 7  307 307 HOH HOH A . 
C 3 HOH 8  308 308 HOH HOH A . 
C 3 HOH 9  309 309 HOH HOH A . 
C 3 HOH 10 310 310 HOH HOH A . 
C 3 HOH 11 311 311 HOH HOH A . 
C 3 HOH 12 312 312 HOH HOH A . 
C 3 HOH 13 313 313 HOH HOH A . 
C 3 HOH 14 314 314 HOH HOH A . 
C 3 HOH 15 315 315 HOH HOH A . 
C 3 HOH 16 316 316 HOH HOH A . 
C 3 HOH 17 317 317 HOH HOH A . 
C 3 HOH 18 318 318 HOH HOH A . 
C 3 HOH 19 319 319 HOH HOH A . 
C 3 HOH 20 320 320 HOH HOH A . 
C 3 HOH 21 321 321 HOH HOH A . 
C 3 HOH 22 322 322 HOH HOH A . 
C 3 HOH 23 323 323 HOH HOH A . 
C 3 HOH 24 324 324 HOH HOH A . 
C 3 HOH 25 325 325 HOH HOH A . 
C 3 HOH 26 326 326 HOH HOH A . 
C 3 HOH 27 327 327 HOH HOH A . 
C 3 HOH 28 328 328 HOH HOH A . 
C 3 HOH 29 329 329 HOH HOH A . 
C 3 HOH 30 330 330 HOH HOH A . 
C 3 HOH 31 331 331 HOH HOH A . 
C 3 HOH 32 332 332 HOH HOH A . 
C 3 HOH 33 333 333 HOH HOH A . 
C 3 HOH 34 334 334 HOH HOH A . 
C 3 HOH 35 335 335 HOH HOH A . 
C 3 HOH 36 336 336 HOH HOH A . 
C 3 HOH 37 337 337 HOH HOH A . 
C 3 HOH 38 338 338 HOH HOH A . 
C 3 HOH 39 339 339 HOH HOH A . 
C 3 HOH 40 340 340 HOH HOH A . 
C 3 HOH 41 341 341 HOH HOH A . 
C 3 HOH 42 342 342 HOH HOH A . 
C 3 HOH 43 343 343 HOH HOH A . 
C 3 HOH 44 344 344 HOH HOH A . 
C 3 HOH 45 345 345 HOH HOH A . 
C 3 HOH 46 346 346 HOH HOH A . 
C 3 HOH 47 347 347 HOH HOH A . 
C 3 HOH 48 348 348 HOH HOH A . 
C 3 HOH 49 349 349 HOH HOH A . 
C 3 HOH 50 350 350 HOH HOH A . 
C 3 HOH 51 351 351 HOH HOH A . 
C 3 HOH 52 352 352 HOH HOH A . 
C 3 HOH 53 353 353 HOH HOH A . 
C 3 HOH 54 354 354 HOH HOH A . 
C 3 HOH 55 355 355 HOH HOH A . 
C 3 HOH 56 356 356 HOH HOH A . 
C 3 HOH 57 357 357 HOH HOH A . 
C 3 HOH 58 358 358 HOH HOH A . 
C 3 HOH 59 359 359 HOH HOH A . 
C 3 HOH 60 360 360 HOH HOH A . 
C 3 HOH 61 361 361 HOH HOH A . 
C 3 HOH 62 362 362 HOH HOH A . 
C 3 HOH 63 363 363 HOH HOH A . 
C 3 HOH 64 364 364 HOH HOH A . 
C 3 HOH 65 365 365 HOH HOH A . 
C 3 HOH 66 366 366 HOH HOH A . 
C 3 HOH 67 367 367 HOH HOH A . 
C 3 HOH 68 368 368 HOH HOH A . 
C 3 HOH 69 369 369 HOH HOH A . 
C 3 HOH 70 370 370 HOH HOH A . 
C 3 HOH 71 371 371 HOH HOH A . 
C 3 HOH 72 372 372 HOH HOH A . 
C 3 HOH 73 373 373 HOH HOH A . 
C 3 HOH 74 374 374 HOH HOH A . 
C 3 HOH 75 375 375 HOH HOH A . 
C 3 HOH 76 376 376 HOH HOH A . 
C 3 HOH 77 377 377 HOH HOH A . 
C 3 HOH 78 378 378 HOH HOH A . 
C 3 HOH 79 379 379 HOH HOH A . 
C 3 HOH 80 380 380 HOH HOH A . 
C 3 HOH 81 381 381 HOH HOH A . 
C 3 HOH 82 382 382 HOH HOH A . 
C 3 HOH 83 383 383 HOH HOH A . 
C 3 HOH 84 384 384 HOH HOH A . 
C 3 HOH 85 385 385 HOH HOH A . 
C 3 HOH 86 386 386 HOH HOH A . 
C 3 HOH 87 387 387 HOH HOH A . 
C 3 HOH 88 388 388 HOH HOH A . 
C 3 HOH 89 389 389 HOH HOH A . 
C 3 HOH 90 390 390 HOH HOH A . 
C 3 HOH 91 391 391 HOH HOH A . 
C 3 HOH 92 392 392 HOH HOH A . 
C 3 HOH 93 393 393 HOH HOH A . 
C 3 HOH 94 394 394 HOH HOH A . 
C 3 HOH 95 395 395 HOH HOH A . 
C 3 HOH 96 396 396 HOH HOH A . 
# 
loop_
_software.name 
_software.classification 
_software.version 
_software.citation_id 
_software.pdbx_ordinal 
PHASES phasing          .         ? 1 
X-PLOR refinement       3.851     ? 2 
MOSFLM 'data reduction' .         ? 3 
CCP4   'data scaling'   '(SCALA)' ? 4 
# 
_cell.entry_id           1QST 
_cell.length_a           64.10 
_cell.length_b           64.10 
_cell.length_c           97.80 
_cell.angle_alpha        90.00 
_cell.angle_beta         90.00 
_cell.angle_gamma        120.00 
_cell.Z_PDB              6 
_cell.pdbx_unique_axis   ? 
# 
_symmetry.entry_id                         1QST 
_symmetry.space_group_name_H-M             'P 32 2 1' 
_symmetry.pdbx_full_space_group_name_H-M   ? 
_symmetry.cell_setting                     ? 
_symmetry.Int_Tables_number                154 
# 
_exptl.entry_id          1QST 
_exptl.method            'X-RAY DIFFRACTION' 
_exptl.crystals_number   2 
# 
_exptl_crystal.id                    1 
_exptl_crystal.density_meas          ? 
_exptl_crystal.density_Matthews      3.03 
_exptl_crystal.density_percent_sol   59.42 
_exptl_crystal.description           ? 
# 
_exptl_crystal_grow.crystal_id      1 
_exptl_crystal_grow.method          'VAPOR DIFFUSION, HANGING DROP' 
_exptl_crystal_grow.temp            277 
_exptl_crystal_grow.temp_details    ? 
_exptl_crystal_grow.pH              7.5 
_exptl_crystal_grow.pdbx_details    'LITHIUM SULFATE, HEPES, pH 7.5, VAPOR DIFFUSION, HANGING DROP, temperature 277K' 
_exptl_crystal_grow.pdbx_pH_range   . 
# 
loop_
_diffrn.id 
_diffrn.ambient_temp 
_diffrn.ambient_temp_details 
_diffrn.crystal_id 
1 100 ? 1 
2 100 ? 1 
# 
loop_
_diffrn_detector.diffrn_id 
_diffrn_detector.detector 
_diffrn_detector.type 
_diffrn_detector.pdbx_collection_date 
_diffrn_detector.details 
1 CCD           'ADSC QUANTUM 4'           1998-04-29 ? 
2 'IMAGE PLATE' 'MAR scanner 345 mm plate' 1998-07-11 ? 
# 
loop_
_diffrn_radiation.diffrn_id 
_diffrn_radiation.wavelength_id 
_diffrn_radiation.pdbx_monochromatic_or_laue_m_l 
_diffrn_radiation.monochromator 
_diffrn_radiation.pdbx_diffrn_protocol 
_diffrn_radiation.pdbx_scattering_type 
1 1 M ? 'SINGLE WAVELENGTH' x-ray 
2 1 M ? 'SINGLE WAVELENGTH' x-ray 
# 
loop_
_diffrn_radiation_wavelength.id 
_diffrn_radiation_wavelength.wavelength 
_diffrn_radiation_wavelength.wt 
1 0.9840 1.0 
2 1.0093 1.0 
# 
loop_
_diffrn_source.diffrn_id 
_diffrn_source.source 
_diffrn_source.type 
_diffrn_source.pdbx_synchrotron_site 
_diffrn_source.pdbx_synchrotron_beamline 
_diffrn_source.pdbx_wavelength 
_diffrn_source.pdbx_wavelength_list 
1 SYNCHROTRON 'CHESS BEAMLINE F2' CHESS F2  0.9840 ? 
2 SYNCHROTRON 'NSLS BEAMLINE X8C' NSLS  X8C 1.0093 ? 
# 
_reflns.entry_id                     1QST 
_reflns.observed_criterion_sigma_I   2.0 
_reflns.observed_criterion_sigma_F   ? 
_reflns.d_resolution_low             20.0 
_reflns.d_resolution_high            1.7 
_reflns.number_obs                   25409 
_reflns.number_all                   25427 
_reflns.percent_possible_obs         97.3 
_reflns.pdbx_Rmerge_I_obs            0.0450000 
_reflns.pdbx_Rsym_value              ? 
_reflns.pdbx_netI_over_sigmaI        9.4 
_reflns.B_iso_Wilson_estimate        18.2 
_reflns.pdbx_redundancy              19.6 
_reflns.R_free_details               ? 
_reflns.pdbx_diffrn_id               1,2 
_reflns.pdbx_ordinal                 1 
# 
_reflns_shell.d_res_high             1.70 
_reflns_shell.d_res_low              1.78 
_reflns_shell.percent_possible_all   86.3 
_reflns_shell.Rmerge_I_obs           0.1490000 
_reflns_shell.pdbx_Rsym_value        ? 
_reflns_shell.meanI_over_sigI_obs    ? 
_reflns_shell.pdbx_redundancy        4.5 
_reflns_shell.percent_possible_obs   ? 
_reflns_shell.number_unique_all      ? 
_reflns_shell.pdbx_diffrn_id         ? 
_reflns_shell.pdbx_ordinal           1 
# 
_refine.entry_id                                 1QST 
_refine.ls_number_reflns_obs                     25165 
_refine.ls_number_reflns_all                     25403 
_refine.pdbx_ls_sigma_I                          ? 
_refine.pdbx_ls_sigma_F                          2.000 
_refine.pdbx_data_cutoff_high_absF               ? 
_refine.pdbx_data_cutoff_low_absF                ? 
_refine.pdbx_data_cutoff_high_rms_absF           ? 
_refine.ls_d_res_low                             8.0 
_refine.ls_d_res_high                            1.70 
_refine.ls_percent_reflns_obs                    99.1 
_refine.ls_R_factor_obs                          0.244 
_refine.ls_R_factor_all                          ? 
_refine.ls_R_factor_R_work                       0.244 
_refine.ls_R_factor_R_free                       0.278 
_refine.ls_R_factor_R_free_error                 ? 
_refine.ls_R_factor_R_free_error_details         ? 
_refine.ls_percent_reflns_R_free                 ? 
_refine.ls_number_reflns_R_free                  2489 
_refine.ls_number_parameters                     ? 
_refine.ls_number_restraints                     ? 
_refine.occupancy_min                            ? 
_refine.occupancy_max                            ? 
_refine.correlation_coeff_Fo_to_Fc               ? 
_refine.correlation_coeff_Fo_to_Fc_free          ? 
_refine.B_iso_mean                               ? 
_refine.aniso_B[1][1]                            ? 
_refine.aniso_B[2][2]                            ? 
_refine.aniso_B[3][3]                            ? 
_refine.aniso_B[1][2]                            ? 
_refine.aniso_B[1][3]                            ? 
_refine.aniso_B[2][3]                            ? 
_refine.solvent_model_details                    ? 
_refine.solvent_model_param_ksol                 ? 
_refine.solvent_model_param_bsol                 ? 
_refine.pdbx_solvent_vdw_probe_radii             ? 
_refine.pdbx_solvent_ion_probe_radii             ? 
_refine.pdbx_solvent_shrinkage_radii             ? 
_refine.pdbx_ls_cross_valid_method               ? 
_refine.details                                  ? 
_refine.pdbx_starting_model                      ? 
_refine.pdbx_method_to_determine_struct          ? 
_refine.pdbx_isotropic_thermal_model             ? 
_refine.pdbx_stereochemistry_target_values       'ENGH & HUBER' 
_refine.pdbx_stereochem_target_val_spec_case     ? 
_refine.pdbx_R_Free_selection_details            RANDOM 
_refine.pdbx_overall_ESU_R                       ? 
_refine.pdbx_overall_ESU_R_Free                  ? 
_refine.overall_SU_ML                            ? 
_refine.overall_SU_B                             ? 
_refine.pdbx_refine_id                           'X-RAY DIFFRACTION' 
_refine.pdbx_diffrn_id                           1 
_refine.pdbx_TLS_residual_ADP_flag               ? 
_refine.pdbx_overall_phase_error                 ? 
_refine.overall_SU_R_Cruickshank_DPI             ? 
_refine.pdbx_overall_SU_R_free_Cruickshank_DPI   ? 
_refine.pdbx_overall_SU_R_Blow_DPI               ? 
_refine.pdbx_overall_SU_R_free_Blow_DPI          ? 
# 
_refine_hist.pdbx_refine_id                   'X-RAY DIFFRACTION' 
_refine_hist.cycle_id                         LAST 
_refine_hist.pdbx_number_atoms_protein        1345 
_refine_hist.pdbx_number_atoms_nucleic_acid   0 
_refine_hist.pdbx_number_atoms_ligand         15 
_refine_hist.number_atoms_solvent             96 
_refine_hist.number_atoms_total               1456 
_refine_hist.d_res_high                       1.70 
_refine_hist.d_res_low                        8.0 
# 
loop_
_refine_ls_restr.type 
_refine_ls_restr.dev_ideal 
_refine_ls_restr.dev_ideal_target 
_refine_ls_restr.weight 
_refine_ls_restr.number 
_refine_ls_restr.pdbx_refine_id 
_refine_ls_restr.pdbx_restraint_function 
x_bond_d                .006  ? ? ? 'X-RAY DIFFRACTION' ? 
x_bond_d_na             ?     ? ? ? 'X-RAY DIFFRACTION' ? 
x_bond_d_prot           ?     ? ? ? 'X-RAY DIFFRACTION' ? 
x_angle_d               ?     ? ? ? 'X-RAY DIFFRACTION' ? 
x_angle_d_na            ?     ? ? ? 'X-RAY DIFFRACTION' ? 
x_angle_d_prot          ?     ? ? ? 'X-RAY DIFFRACTION' ? 
x_angle_deg             1.292 ? ? ? 'X-RAY DIFFRACTION' ? 
x_angle_deg_na          ?     ? ? ? 'X-RAY DIFFRACTION' ? 
x_angle_deg_prot        ?     ? ? ? 'X-RAY DIFFRACTION' ? 
x_dihedral_angle_d      ?     ? ? ? 'X-RAY DIFFRACTION' ? 
x_dihedral_angle_d_na   ?     ? ? ? 'X-RAY DIFFRACTION' ? 
x_dihedral_angle_d_prot ?     ? ? ? 'X-RAY DIFFRACTION' ? 
x_improper_angle_d      ?     ? ? ? 'X-RAY DIFFRACTION' ? 
x_improper_angle_d_na   ?     ? ? ? 'X-RAY DIFFRACTION' ? 
x_improper_angle_d_prot ?     ? ? ? 'X-RAY DIFFRACTION' ? 
x_mcbond_it             ?     ? ? ? 'X-RAY DIFFRACTION' ? 
x_mcangle_it            ?     ? ? ? 'X-RAY DIFFRACTION' ? 
x_scbond_it             ?     ? ? ? 'X-RAY DIFFRACTION' ? 
x_scangle_it            ?     ? ? ? 'X-RAY DIFFRACTION' ? 
# 
_struct.entry_id                  1QST 
_struct.title                     'CRYSTAL STRUCTURE OF TETRAHYMENA GCN5' 
_struct.pdbx_model_details        ? 
_struct.pdbx_CASP_flag            ? 
_struct.pdbx_model_type_details   ? 
# 
_struct_keywords.entry_id        1QST 
_struct_keywords.pdbx_keywords   TRANSFERASE 
_struct_keywords.text            'HISTONE ACETYLTRANSFERASE, GCN5-RELATED N-ACETYLTRANSFERASE, COA BINDING PROTEIN, TRANSFERASE' 
# 
loop_
_struct_asym.id 
_struct_asym.pdbx_blank_PDB_chainid_flag 
_struct_asym.pdbx_modified 
_struct_asym.entity_id 
_struct_asym.details 
A N N 1 ? 
B N N 2 ? 
C N N 3 ? 
# 
_struct_ref.id                         1 
_struct_ref.db_name                    UNP 
_struct_ref.db_code                    Q27198_TETTH 
_struct_ref.entity_id                  1 
_struct_ref.pdbx_db_accession          Q27198 
_struct_ref.pdbx_db_isoform            ? 
_struct_ref.pdbx_seq_one_letter_code   ? 
_struct_ref.pdbx_align_begin           ? 
# 
_struct_ref_seq.align_id                      1 
_struct_ref_seq.ref_id                        1 
_struct_ref_seq.pdbx_PDB_id_code              1QST 
_struct_ref_seq.pdbx_strand_id                A 
_struct_ref_seq.seq_align_beg                 1 
_struct_ref_seq.pdbx_seq_align_beg_ins_code   ? 
_struct_ref_seq.seq_align_end                 160 
_struct_ref_seq.pdbx_seq_align_end_ins_code   ? 
_struct_ref_seq.pdbx_db_accession             Q27198 
_struct_ref_seq.db_align_beg                  49 
_struct_ref_seq.pdbx_db_align_beg_ins_code    ? 
_struct_ref_seq.db_align_end                  208 
_struct_ref_seq.pdbx_db_align_end_ins_code    ? 
_struct_ref_seq.pdbx_auth_seq_align_beg       49 
_struct_ref_seq.pdbx_auth_seq_align_end       208 
# 
_pdbx_struct_assembly.id                   1 
_pdbx_struct_assembly.details              author_defined_assembly 
_pdbx_struct_assembly.method_details       ? 
_pdbx_struct_assembly.oligomeric_details   monomeric 
_pdbx_struct_assembly.oligomeric_count     1 
# 
_pdbx_struct_assembly_gen.assembly_id       1 
_pdbx_struct_assembly_gen.oper_expression   1 
_pdbx_struct_assembly_gen.asym_id_list      A,B,C 
# 
_pdbx_struct_oper_list.id                   1 
_pdbx_struct_oper_list.type                 'identity operation' 
_pdbx_struct_oper_list.name                 1_555 
_pdbx_struct_oper_list.symmetry_operation   x,y,z 
_pdbx_struct_oper_list.matrix[1][1]         1.0000000000 
_pdbx_struct_oper_list.matrix[1][2]         0.0000000000 
_pdbx_struct_oper_list.matrix[1][3]         0.0000000000 
_pdbx_struct_oper_list.vector[1]            0.0000000000 
_pdbx_struct_oper_list.matrix[2][1]         0.0000000000 
_pdbx_struct_oper_list.matrix[2][2]         1.0000000000 
_pdbx_struct_oper_list.matrix[2][3]         0.0000000000 
_pdbx_struct_oper_list.vector[2]            0.0000000000 
_pdbx_struct_oper_list.matrix[3][1]         0.0000000000 
_pdbx_struct_oper_list.matrix[3][2]         0.0000000000 
_pdbx_struct_oper_list.matrix[3][3]         1.0000000000 
_pdbx_struct_oper_list.vector[3]            0.0000000000 
# 
_struct_biol.id   1 
# 
loop_
_struct_conf.conf_type_id 
_struct_conf.id 
_struct_conf.pdbx_PDB_helix_id 
_struct_conf.beg_label_comp_id 
_struct_conf.beg_label_asym_id 
_struct_conf.beg_label_seq_id 
_struct_conf.pdbx_beg_PDB_ins_code 
_struct_conf.end_label_comp_id 
_struct_conf.end_label_asym_id 
_struct_conf.end_label_seq_id 
_struct_conf.pdbx_end_PDB_ins_code 
_struct_conf.beg_auth_comp_id 
_struct_conf.beg_auth_asym_id 
_struct_conf.beg_auth_seq_id 
_struct_conf.end_auth_comp_id 
_struct_conf.end_auth_asym_id 
_struct_conf.end_auth_seq_id 
_struct_conf.pdbx_PDB_helix_class 
_struct_conf.details 
_struct_conf.pdbx_PDB_helix_length 
HELX_P HELX_P1 1 THR A 11  ? LEU A 29  ? THR A 59  LEU A 77  1 ? 19 
HELX_P HELX_P2 2 PRO A 33  ? PHE A 42  ? PRO A 81  PHE A 90  1 ? 10 
HELX_P HELX_P3 3 ALA A 82  ? GLN A 85  ? ALA A 130 GLN A 133 5 ? 4  
HELX_P HELX_P4 4 GLY A 88  ? GLN A 104 ? GLY A 136 GLN A 152 1 ? 17 
HELX_P HELX_P5 5 ALA A 117 ? GLN A 124 ? ALA A 165 GLN A 172 1 ? 8  
HELX_P HELX_P6 6 PRO A 133 ? LYS A 138 ? PRO A 181 LYS A 186 1 ? 6  
# 
_struct_conf_type.id          HELX_P 
_struct_conf_type.criteria    ? 
_struct_conf_type.reference   ? 
# 
_struct_sheet.id               A 
_struct_sheet.type             ? 
_struct_sheet.number_strands   6 
_struct_sheet.details          ? 
# 
loop_
_struct_sheet_order.sheet_id 
_struct_sheet_order.range_id_1 
_struct_sheet_order.range_id_2 
_struct_sheet_order.offset 
_struct_sheet_order.sense 
A 1 2 ? anti-parallel 
A 2 3 ? anti-parallel 
A 3 4 ? anti-parallel 
A 4 5 ? parallel      
A 5 6 ? anti-parallel 
# 
loop_
_struct_sheet_range.sheet_id 
_struct_sheet_range.id 
_struct_sheet_range.beg_label_comp_id 
_struct_sheet_range.beg_label_asym_id 
_struct_sheet_range.beg_label_seq_id 
_struct_sheet_range.pdbx_beg_PDB_ins_code 
_struct_sheet_range.end_label_comp_id 
_struct_sheet_range.end_label_asym_id 
_struct_sheet_range.end_label_seq_id 
_struct_sheet_range.pdbx_end_PDB_ins_code 
_struct_sheet_range.beg_auth_comp_id 
_struct_sheet_range.beg_auth_asym_id 
_struct_sheet_range.beg_auth_seq_id 
_struct_sheet_range.end_auth_comp_id 
_struct_sheet_range.end_auth_asym_id 
_struct_sheet_range.end_auth_seq_id 
A 1 ASP A 2   ? LEU A 6   ? ASP A 50  LEU A 54  
A 2 HIS A 46  ? LYS A 53  ? HIS A 94  LYS A 101 
A 3 LYS A 57  ? TYR A 67  ? LYS A 105 TYR A 115 
A 4 PHE A 72  ? VAL A 80  ? PHE A 120 VAL A 128 
A 5 TYR A 108 ? ALA A 113 ? TYR A 156 ALA A 161 
A 6 THR A 148 ? TYR A 153 ? THR A 196 TYR A 201 
# 
loop_
_pdbx_struct_sheet_hbond.sheet_id 
_pdbx_struct_sheet_hbond.range_id_1 
_pdbx_struct_sheet_hbond.range_id_2 
_pdbx_struct_sheet_hbond.range_1_label_atom_id 
_pdbx_struct_sheet_hbond.range_1_label_comp_id 
_pdbx_struct_sheet_hbond.range_1_label_asym_id 
_pdbx_struct_sheet_hbond.range_1_label_seq_id 
_pdbx_struct_sheet_hbond.range_1_PDB_ins_code 
_pdbx_struct_sheet_hbond.range_1_auth_atom_id 
_pdbx_struct_sheet_hbond.range_1_auth_comp_id 
_pdbx_struct_sheet_hbond.range_1_auth_asym_id 
_pdbx_struct_sheet_hbond.range_1_auth_seq_id 
_pdbx_struct_sheet_hbond.range_2_label_atom_id 
_pdbx_struct_sheet_hbond.range_2_label_comp_id 
_pdbx_struct_sheet_hbond.range_2_label_asym_id 
_pdbx_struct_sheet_hbond.range_2_label_seq_id 
_pdbx_struct_sheet_hbond.range_2_PDB_ins_code 
_pdbx_struct_sheet_hbond.range_2_auth_atom_id 
_pdbx_struct_sheet_hbond.range_2_auth_comp_id 
_pdbx_struct_sheet_hbond.range_2_auth_asym_id 
_pdbx_struct_sheet_hbond.range_2_auth_seq_id 
A 1 2 N LEU A 6   ? N LEU A 54  O SER A 48  ? O SER A 96  
A 2 3 N LYS A 53  ? N LYS A 101 O LYS A 57  ? O LYS A 105 
A 3 4 N TYR A 67  ? N TYR A 115 O PHE A 72  ? O PHE A 120 
A 4 5 N ALA A 73  ? N ALA A 121 O TYR A 108 ? O TYR A 156 
A 5 6 N ALA A 113 ? N ALA A 161 O THR A 148 ? O THR A 196 
# 
_struct_site.id                   AC1 
_struct_site.pdbx_evidence_code   Software 
_struct_site.pdbx_auth_asym_id    A 
_struct_site.pdbx_auth_comp_id    EPE 
_struct_site.pdbx_auth_seq_id     401 
_struct_site.pdbx_auth_ins_code   ? 
_struct_site.pdbx_num_residues    9 
_struct_site.details              'BINDING SITE FOR RESIDUE EPE A 401' 
# 
loop_
_struct_site_gen.id 
_struct_site_gen.site_id 
_struct_site_gen.pdbx_num_res 
_struct_site_gen.label_comp_id 
_struct_site_gen.label_asym_id 
_struct_site_gen.label_seq_id 
_struct_site_gen.pdbx_auth_ins_code 
_struct_site_gen.auth_comp_id 
_struct_site_gen.auth_asym_id 
_struct_site_gen.auth_seq_id 
_struct_site_gen.label_atom_id 
_struct_site_gen.label_alt_id 
_struct_site_gen.symmetry 
_struct_site_gen.details 
1 AC1 9 LEU A 78  ? LEU A 126 . ? 1_555 ? 
2 AC1 9 VAL A 80  ? VAL A 128 . ? 1_555 ? 
3 AC1 9 GLN A 85  ? GLN A 133 . ? 1_555 ? 
4 AC1 9 VAL A 86  ? VAL A 134 . ? 1_555 ? 
5 AC1 9 GLY A 90  ? GLY A 138 . ? 1_555 ? 
6 AC1 9 ALA A 117 ? ALA A 165 . ? 1_555 ? 
7 AC1 9 HOH C .   ? HOH A 302 . ? 1_555 ? 
8 AC1 9 HOH C .   ? HOH A 313 . ? 1_555 ? 
9 AC1 9 HOH C .   ? HOH A 346 . ? 1_555 ? 
# 
loop_
_pdbx_validate_symm_contact.id 
_pdbx_validate_symm_contact.PDB_model_num 
_pdbx_validate_symm_contact.auth_atom_id_1 
_pdbx_validate_symm_contact.auth_asym_id_1 
_pdbx_validate_symm_contact.auth_comp_id_1 
_pdbx_validate_symm_contact.auth_seq_id_1 
_pdbx_validate_symm_contact.PDB_ins_code_1 
_pdbx_validate_symm_contact.label_alt_id_1 
_pdbx_validate_symm_contact.site_symmetry_1 
_pdbx_validate_symm_contact.auth_atom_id_2 
_pdbx_validate_symm_contact.auth_asym_id_2 
_pdbx_validate_symm_contact.auth_comp_id_2 
_pdbx_validate_symm_contact.auth_seq_id_2 
_pdbx_validate_symm_contact.PDB_ins_code_2 
_pdbx_validate_symm_contact.label_alt_id_2 
_pdbx_validate_symm_contact.site_symmetry_2 
_pdbx_validate_symm_contact.dist 
1 1 O A HOH 366 ? ? 1_555 O A HOH 366 ? ? 5_555 0.31 
2 1 O A HOH 321 ? ? 1_555 O A HOH 321 ? ? 5_555 2.08 
3 1 O A HOH 344 ? ? 1_555 O A HOH 364 ? ? 5_555 2.16 
# 
loop_
_pdbx_validate_torsion.id 
_pdbx_validate_torsion.PDB_model_num 
_pdbx_validate_torsion.auth_comp_id 
_pdbx_validate_torsion.auth_asym_id 
_pdbx_validate_torsion.auth_seq_id 
_pdbx_validate_torsion.PDB_ins_code 
_pdbx_validate_torsion.label_alt_id 
_pdbx_validate_torsion.phi 
_pdbx_validate_torsion.psi 
1 1 LYS A 103 ? ? 70.58   -3.81  
2 1 GLN A 104 ? ? -150.61 -9.96  
3 1 TYR A 115 ? ? -114.96 76.12  
4 1 ASN A 163 ? ? 72.85   -35.20 
5 1 TYR A 188 ? ? -121.90 -54.26 
# 
loop_
_chem_comp_atom.comp_id 
_chem_comp_atom.atom_id 
_chem_comp_atom.type_symbol 
_chem_comp_atom.pdbx_aromatic_flag 
_chem_comp_atom.pdbx_stereo_config 
_chem_comp_atom.pdbx_ordinal 
ALA N    N N N 1   
ALA CA   C N S 2   
ALA C    C N N 3   
ALA O    O N N 4   
ALA CB   C N N 5   
ALA OXT  O N N 6   
ALA H    H N N 7   
ALA H2   H N N 8   
ALA HA   H N N 9   
ALA HB1  H N N 10  
ALA HB2  H N N 11  
ALA HB3  H N N 12  
ALA HXT  H N N 13  
ARG N    N N N 14  
ARG CA   C N S 15  
ARG C    C N N 16  
ARG O    O N N 17  
ARG CB   C N N 18  
ARG CG   C N N 19  
ARG CD   C N N 20  
ARG NE   N N N 21  
ARG CZ   C N N 22  
ARG NH1  N N N 23  
ARG NH2  N N N 24  
ARG OXT  O N N 25  
ARG H    H N N 26  
ARG H2   H N N 27  
ARG HA   H N N 28  
ARG HB2  H N N 29  
ARG HB3  H N N 30  
ARG HG2  H N N 31  
ARG HG3  H N N 32  
ARG HD2  H N N 33  
ARG HD3  H N N 34  
ARG HE   H N N 35  
ARG HH11 H N N 36  
ARG HH12 H N N 37  
ARG HH21 H N N 38  
ARG HH22 H N N 39  
ARG HXT  H N N 40  
ASN N    N N N 41  
ASN CA   C N S 42  
ASN C    C N N 43  
ASN O    O N N 44  
ASN CB   C N N 45  
ASN CG   C N N 46  
ASN OD1  O N N 47  
ASN ND2  N N N 48  
ASN OXT  O N N 49  
ASN H    H N N 50  
ASN H2   H N N 51  
ASN HA   H N N 52  
ASN HB2  H N N 53  
ASN HB3  H N N 54  
ASN HD21 H N N 55  
ASN HD22 H N N 56  
ASN HXT  H N N 57  
ASP N    N N N 58  
ASP CA   C N S 59  
ASP C    C N N 60  
ASP O    O N N 61  
ASP CB   C N N 62  
ASP CG   C N N 63  
ASP OD1  O N N 64  
ASP OD2  O N N 65  
ASP OXT  O N N 66  
ASP H    H N N 67  
ASP H2   H N N 68  
ASP HA   H N N 69  
ASP HB2  H N N 70  
ASP HB3  H N N 71  
ASP HD2  H N N 72  
ASP HXT  H N N 73  
CYS N    N N N 74  
CYS CA   C N R 75  
CYS C    C N N 76  
CYS O    O N N 77  
CYS CB   C N N 78  
CYS SG   S N N 79  
CYS OXT  O N N 80  
CYS H    H N N 81  
CYS H2   H N N 82  
CYS HA   H N N 83  
CYS HB2  H N N 84  
CYS HB3  H N N 85  
CYS HG   H N N 86  
CYS HXT  H N N 87  
EPE N1   N N N 88  
EPE C2   C N N 89  
EPE C3   C N N 90  
EPE N4   N N N 91  
EPE C5   C N N 92  
EPE C6   C N N 93  
EPE C7   C N N 94  
EPE C8   C N N 95  
EPE O8   O N N 96  
EPE C9   C N N 97  
EPE C10  C N N 98  
EPE S    S N N 99  
EPE O1S  O N N 100 
EPE O2S  O N N 101 
EPE O3S  O N N 102 
EPE H21  H N N 103 
EPE H22  H N N 104 
EPE H31  H N N 105 
EPE H32  H N N 106 
EPE H51  H N N 107 
EPE H52  H N N 108 
EPE H61  H N N 109 
EPE H62  H N N 110 
EPE H71  H N N 111 
EPE H72  H N N 112 
EPE H81  H N N 113 
EPE H82  H N N 114 
EPE HO8  H N N 115 
EPE H91  H N N 116 
EPE H92  H N N 117 
EPE H101 H N N 118 
EPE H102 H N N 119 
EPE HOS3 H N N 120 
GLN N    N N N 121 
GLN CA   C N S 122 
GLN C    C N N 123 
GLN O    O N N 124 
GLN CB   C N N 125 
GLN CG   C N N 126 
GLN CD   C N N 127 
GLN OE1  O N N 128 
GLN NE2  N N N 129 
GLN OXT  O N N 130 
GLN H    H N N 131 
GLN H2   H N N 132 
GLN HA   H N N 133 
GLN HB2  H N N 134 
GLN HB3  H N N 135 
GLN HG2  H N N 136 
GLN HG3  H N N 137 
GLN HE21 H N N 138 
GLN HE22 H N N 139 
GLN HXT  H N N 140 
GLU N    N N N 141 
GLU CA   C N S 142 
GLU C    C N N 143 
GLU O    O N N 144 
GLU CB   C N N 145 
GLU CG   C N N 146 
GLU CD   C N N 147 
GLU OE1  O N N 148 
GLU OE2  O N N 149 
GLU OXT  O N N 150 
GLU H    H N N 151 
GLU H2   H N N 152 
GLU HA   H N N 153 
GLU HB2  H N N 154 
GLU HB3  H N N 155 
GLU HG2  H N N 156 
GLU HG3  H N N 157 
GLU HE2  H N N 158 
GLU HXT  H N N 159 
GLY N    N N N 160 
GLY CA   C N N 161 
GLY C    C N N 162 
GLY O    O N N 163 
GLY OXT  O N N 164 
GLY H    H N N 165 
GLY H2   H N N 166 
GLY HA2  H N N 167 
GLY HA3  H N N 168 
GLY HXT  H N N 169 
HIS N    N N N 170 
HIS CA   C N S 171 
HIS C    C N N 172 
HIS O    O N N 173 
HIS CB   C N N 174 
HIS CG   C Y N 175 
HIS ND1  N Y N 176 
HIS CD2  C Y N 177 
HIS CE1  C Y N 178 
HIS NE2  N Y N 179 
HIS OXT  O N N 180 
HIS H    H N N 181 
HIS H2   H N N 182 
HIS HA   H N N 183 
HIS HB2  H N N 184 
HIS HB3  H N N 185 
HIS HD1  H N N 186 
HIS HD2  H N N 187 
HIS HE1  H N N 188 
HIS HE2  H N N 189 
HIS HXT  H N N 190 
HOH O    O N N 191 
HOH H1   H N N 192 
HOH H2   H N N 193 
ILE N    N N N 194 
ILE CA   C N S 195 
ILE C    C N N 196 
ILE O    O N N 197 
ILE CB   C N S 198 
ILE CG1  C N N 199 
ILE CG2  C N N 200 
ILE CD1  C N N 201 
ILE OXT  O N N 202 
ILE H    H N N 203 
ILE H2   H N N 204 
ILE HA   H N N 205 
ILE HB   H N N 206 
ILE HG12 H N N 207 
ILE HG13 H N N 208 
ILE HG21 H N N 209 
ILE HG22 H N N 210 
ILE HG23 H N N 211 
ILE HD11 H N N 212 
ILE HD12 H N N 213 
ILE HD13 H N N 214 
ILE HXT  H N N 215 
LEU N    N N N 216 
LEU CA   C N S 217 
LEU C    C N N 218 
LEU O    O N N 219 
LEU CB   C N N 220 
LEU CG   C N N 221 
LEU CD1  C N N 222 
LEU CD2  C N N 223 
LEU OXT  O N N 224 
LEU H    H N N 225 
LEU H2   H N N 226 
LEU HA   H N N 227 
LEU HB2  H N N 228 
LEU HB3  H N N 229 
LEU HG   H N N 230 
LEU HD11 H N N 231 
LEU HD12 H N N 232 
LEU HD13 H N N 233 
LEU HD21 H N N 234 
LEU HD22 H N N 235 
LEU HD23 H N N 236 
LEU HXT  H N N 237 
LYS N    N N N 238 
LYS CA   C N S 239 
LYS C    C N N 240 
LYS O    O N N 241 
LYS CB   C N N 242 
LYS CG   C N N 243 
LYS CD   C N N 244 
LYS CE   C N N 245 
LYS NZ   N N N 246 
LYS OXT  O N N 247 
LYS H    H N N 248 
LYS H2   H N N 249 
LYS HA   H N N 250 
LYS HB2  H N N 251 
LYS HB3  H N N 252 
LYS HG2  H N N 253 
LYS HG3  H N N 254 
LYS HD2  H N N 255 
LYS HD3  H N N 256 
LYS HE2  H N N 257 
LYS HE3  H N N 258 
LYS HZ1  H N N 259 
LYS HZ2  H N N 260 
LYS HZ3  H N N 261 
LYS HXT  H N N 262 
MET N    N N N 263 
MET CA   C N S 264 
MET C    C N N 265 
MET O    O N N 266 
MET CB   C N N 267 
MET CG   C N N 268 
MET SD   S N N 269 
MET CE   C N N 270 
MET OXT  O N N 271 
MET H    H N N 272 
MET H2   H N N 273 
MET HA   H N N 274 
MET HB2  H N N 275 
MET HB3  H N N 276 
MET HG2  H N N 277 
MET HG3  H N N 278 
MET HE1  H N N 279 
MET HE2  H N N 280 
MET HE3  H N N 281 
MET HXT  H N N 282 
PHE N    N N N 283 
PHE CA   C N S 284 
PHE C    C N N 285 
PHE O    O N N 286 
PHE CB   C N N 287 
PHE CG   C Y N 288 
PHE CD1  C Y N 289 
PHE CD2  C Y N 290 
PHE CE1  C Y N 291 
PHE CE2  C Y N 292 
PHE CZ   C Y N 293 
PHE OXT  O N N 294 
PHE H    H N N 295 
PHE H2   H N N 296 
PHE HA   H N N 297 
PHE HB2  H N N 298 
PHE HB3  H N N 299 
PHE HD1  H N N 300 
PHE HD2  H N N 301 
PHE HE1  H N N 302 
PHE HE2  H N N 303 
PHE HZ   H N N 304 
PHE HXT  H N N 305 
PRO N    N N N 306 
PRO CA   C N S 307 
PRO C    C N N 308 
PRO O    O N N 309 
PRO CB   C N N 310 
PRO CG   C N N 311 
PRO CD   C N N 312 
PRO OXT  O N N 313 
PRO H    H N N 314 
PRO HA   H N N 315 
PRO HB2  H N N 316 
PRO HB3  H N N 317 
PRO HG2  H N N 318 
PRO HG3  H N N 319 
PRO HD2  H N N 320 
PRO HD3  H N N 321 
PRO HXT  H N N 322 
SER N    N N N 323 
SER CA   C N S 324 
SER C    C N N 325 
SER O    O N N 326 
SER CB   C N N 327 
SER OG   O N N 328 
SER OXT  O N N 329 
SER H    H N N 330 
SER H2   H N N 331 
SER HA   H N N 332 
SER HB2  H N N 333 
SER HB3  H N N 334 
SER HG   H N N 335 
SER HXT  H N N 336 
THR N    N N N 337 
THR CA   C N S 338 
THR C    C N N 339 
THR O    O N N 340 
THR CB   C N R 341 
THR OG1  O N N 342 
THR CG2  C N N 343 
THR OXT  O N N 344 
THR H    H N N 345 
THR H2   H N N 346 
THR HA   H N N 347 
THR HB   H N N 348 
THR HG1  H N N 349 
THR HG21 H N N 350 
THR HG22 H N N 351 
THR HG23 H N N 352 
THR HXT  H N N 353 
TRP N    N N N 354 
TRP CA   C N S 355 
TRP C    C N N 356 
TRP O    O N N 357 
TRP CB   C N N 358 
TRP CG   C Y N 359 
TRP CD1  C Y N 360 
TRP CD2  C Y N 361 
TRP NE1  N Y N 362 
TRP CE2  C Y N 363 
TRP CE3  C Y N 364 
TRP CZ2  C Y N 365 
TRP CZ3  C Y N 366 
TRP CH2  C Y N 367 
TRP OXT  O N N 368 
TRP H    H N N 369 
TRP H2   H N N 370 
TRP HA   H N N 371 
TRP HB2  H N N 372 
TRP HB3  H N N 373 
TRP HD1  H N N 374 
TRP HE1  H N N 375 
TRP HE3  H N N 376 
TRP HZ2  H N N 377 
TRP HZ3  H N N 378 
TRP HH2  H N N 379 
TRP HXT  H N N 380 
TYR N    N N N 381 
TYR CA   C N S 382 
TYR C    C N N 383 
TYR O    O N N 384 
TYR CB   C N N 385 
TYR CG   C Y N 386 
TYR CD1  C Y N 387 
TYR CD2  C Y N 388 
TYR CE1  C Y N 389 
TYR CE2  C Y N 390 
TYR CZ   C Y N 391 
TYR OH   O N N 392 
TYR OXT  O N N 393 
TYR H    H N N 394 
TYR H2   H N N 395 
TYR HA   H N N 396 
TYR HB2  H N N 397 
TYR HB3  H N N 398 
TYR HD1  H N N 399 
TYR HD2  H N N 400 
TYR HE1  H N N 401 
TYR HE2  H N N 402 
TYR HH   H N N 403 
TYR HXT  H N N 404 
VAL N    N N N 405 
VAL CA   C N S 406 
VAL C    C N N 407 
VAL O    O N N 408 
VAL CB   C N N 409 
VAL CG1  C N N 410 
VAL CG2  C N N 411 
VAL OXT  O N N 412 
VAL H    H N N 413 
VAL H2   H N N 414 
VAL HA   H N N 415 
VAL HB   H N N 416 
VAL HG11 H N N 417 
VAL HG12 H N N 418 
VAL HG13 H N N 419 
VAL HG21 H N N 420 
VAL HG22 H N N 421 
VAL HG23 H N N 422 
VAL HXT  H N N 423 
# 
loop_
_chem_comp_bond.comp_id 
_chem_comp_bond.atom_id_1 
_chem_comp_bond.atom_id_2 
_chem_comp_bond.value_order 
_chem_comp_bond.pdbx_aromatic_flag 
_chem_comp_bond.pdbx_stereo_config 
_chem_comp_bond.pdbx_ordinal 
ALA N   CA   sing N N 1   
ALA N   H    sing N N 2   
ALA N   H2   sing N N 3   
ALA CA  C    sing N N 4   
ALA CA  CB   sing N N 5   
ALA CA  HA   sing N N 6   
ALA C   O    doub N N 7   
ALA C   OXT  sing N N 8   
ALA CB  HB1  sing N N 9   
ALA CB  HB2  sing N N 10  
ALA CB  HB3  sing N N 11  
ALA OXT HXT  sing N N 12  
ARG N   CA   sing N N 13  
ARG N   H    sing N N 14  
ARG N   H2   sing N N 15  
ARG CA  C    sing N N 16  
ARG CA  CB   sing N N 17  
ARG CA  HA   sing N N 18  
ARG C   O    doub N N 19  
ARG C   OXT  sing N N 20  
ARG CB  CG   sing N N 21  
ARG CB  HB2  sing N N 22  
ARG CB  HB3  sing N N 23  
ARG CG  CD   sing N N 24  
ARG CG  HG2  sing N N 25  
ARG CG  HG3  sing N N 26  
ARG CD  NE   sing N N 27  
ARG CD  HD2  sing N N 28  
ARG CD  HD3  sing N N 29  
ARG NE  CZ   sing N N 30  
ARG NE  HE   sing N N 31  
ARG CZ  NH1  sing N N 32  
ARG CZ  NH2  doub N N 33  
ARG NH1 HH11 sing N N 34  
ARG NH1 HH12 sing N N 35  
ARG NH2 HH21 sing N N 36  
ARG NH2 HH22 sing N N 37  
ARG OXT HXT  sing N N 38  
ASN N   CA   sing N N 39  
ASN N   H    sing N N 40  
ASN N   H2   sing N N 41  
ASN CA  C    sing N N 42  
ASN CA  CB   sing N N 43  
ASN CA  HA   sing N N 44  
ASN C   O    doub N N 45  
ASN C   OXT  sing N N 46  
ASN CB  CG   sing N N 47  
ASN CB  HB2  sing N N 48  
ASN CB  HB3  sing N N 49  
ASN CG  OD1  doub N N 50  
ASN CG  ND2  sing N N 51  
ASN ND2 HD21 sing N N 52  
ASN ND2 HD22 sing N N 53  
ASN OXT HXT  sing N N 54  
ASP N   CA   sing N N 55  
ASP N   H    sing N N 56  
ASP N   H2   sing N N 57  
ASP CA  C    sing N N 58  
ASP CA  CB   sing N N 59  
ASP CA  HA   sing N N 60  
ASP C   O    doub N N 61  
ASP C   OXT  sing N N 62  
ASP CB  CG   sing N N 63  
ASP CB  HB2  sing N N 64  
ASP CB  HB3  sing N N 65  
ASP CG  OD1  doub N N 66  
ASP CG  OD2  sing N N 67  
ASP OD2 HD2  sing N N 68  
ASP OXT HXT  sing N N 69  
CYS N   CA   sing N N 70  
CYS N   H    sing N N 71  
CYS N   H2   sing N N 72  
CYS CA  C    sing N N 73  
CYS CA  CB   sing N N 74  
CYS CA  HA   sing N N 75  
CYS C   O    doub N N 76  
CYS C   OXT  sing N N 77  
CYS CB  SG   sing N N 78  
CYS CB  HB2  sing N N 79  
CYS CB  HB3  sing N N 80  
CYS SG  HG   sing N N 81  
CYS OXT HXT  sing N N 82  
EPE N1  C2   sing N N 83  
EPE N1  C6   sing N N 84  
EPE N1  C9   sing N N 85  
EPE C2  C3   sing N N 86  
EPE C2  H21  sing N N 87  
EPE C2  H22  sing N N 88  
EPE C3  N4   sing N N 89  
EPE C3  H31  sing N N 90  
EPE C3  H32  sing N N 91  
EPE N4  C5   sing N N 92  
EPE N4  C7   sing N N 93  
EPE C5  C6   sing N N 94  
EPE C5  H51  sing N N 95  
EPE C5  H52  sing N N 96  
EPE C6  H61  sing N N 97  
EPE C6  H62  sing N N 98  
EPE C7  C8   sing N N 99  
EPE C7  H71  sing N N 100 
EPE C7  H72  sing N N 101 
EPE C8  O8   sing N N 102 
EPE C8  H81  sing N N 103 
EPE C8  H82  sing N N 104 
EPE O8  HO8  sing N N 105 
EPE C9  C10  sing N N 106 
EPE C9  H91  sing N N 107 
EPE C9  H92  sing N N 108 
EPE C10 S    sing N N 109 
EPE C10 H101 sing N N 110 
EPE C10 H102 sing N N 111 
EPE S   O1S  doub N N 112 
EPE S   O2S  doub N N 113 
EPE S   O3S  sing N N 114 
EPE O3S HOS3 sing N N 115 
GLN N   CA   sing N N 116 
GLN N   H    sing N N 117 
GLN N   H2   sing N N 118 
GLN CA  C    sing N N 119 
GLN CA  CB   sing N N 120 
GLN CA  HA   sing N N 121 
GLN C   O    doub N N 122 
GLN C   OXT  sing N N 123 
GLN CB  CG   sing N N 124 
GLN CB  HB2  sing N N 125 
GLN CB  HB3  sing N N 126 
GLN CG  CD   sing N N 127 
GLN CG  HG2  sing N N 128 
GLN CG  HG3  sing N N 129 
GLN CD  OE1  doub N N 130 
GLN CD  NE2  sing N N 131 
GLN NE2 HE21 sing N N 132 
GLN NE2 HE22 sing N N 133 
GLN OXT HXT  sing N N 134 
GLU N   CA   sing N N 135 
GLU N   H    sing N N 136 
GLU N   H2   sing N N 137 
GLU CA  C    sing N N 138 
GLU CA  CB   sing N N 139 
GLU CA  HA   sing N N 140 
GLU C   O    doub N N 141 
GLU C   OXT  sing N N 142 
GLU CB  CG   sing N N 143 
GLU CB  HB2  sing N N 144 
GLU CB  HB3  sing N N 145 
GLU CG  CD   sing N N 146 
GLU CG  HG2  sing N N 147 
GLU CG  HG3  sing N N 148 
GLU CD  OE1  doub N N 149 
GLU CD  OE2  sing N N 150 
GLU OE2 HE2  sing N N 151 
GLU OXT HXT  sing N N 152 
GLY N   CA   sing N N 153 
GLY N   H    sing N N 154 
GLY N   H2   sing N N 155 
GLY CA  C    sing N N 156 
GLY CA  HA2  sing N N 157 
GLY CA  HA3  sing N N 158 
GLY C   O    doub N N 159 
GLY C   OXT  sing N N 160 
GLY OXT HXT  sing N N 161 
HIS N   CA   sing N N 162 
HIS N   H    sing N N 163 
HIS N   H2   sing N N 164 
HIS CA  C    sing N N 165 
HIS CA  CB   sing N N 166 
HIS CA  HA   sing N N 167 
HIS C   O    doub N N 168 
HIS C   OXT  sing N N 169 
HIS CB  CG   sing N N 170 
HIS CB  HB2  sing N N 171 
HIS CB  HB3  sing N N 172 
HIS CG  ND1  sing Y N 173 
HIS CG  CD2  doub Y N 174 
HIS ND1 CE1  doub Y N 175 
HIS ND1 HD1  sing N N 176 
HIS CD2 NE2  sing Y N 177 
HIS CD2 HD2  sing N N 178 
HIS CE1 NE2  sing Y N 179 
HIS CE1 HE1  sing N N 180 
HIS NE2 HE2  sing N N 181 
HIS OXT HXT  sing N N 182 
HOH O   H1   sing N N 183 
HOH O   H2   sing N N 184 
ILE N   CA   sing N N 185 
ILE N   H    sing N N 186 
ILE N   H2   sing N N 187 
ILE CA  C    sing N N 188 
ILE CA  CB   sing N N 189 
ILE CA  HA   sing N N 190 
ILE C   O    doub N N 191 
ILE C   OXT  sing N N 192 
ILE CB  CG1  sing N N 193 
ILE CB  CG2  sing N N 194 
ILE CB  HB   sing N N 195 
ILE CG1 CD1  sing N N 196 
ILE CG1 HG12 sing N N 197 
ILE CG1 HG13 sing N N 198 
ILE CG2 HG21 sing N N 199 
ILE CG2 HG22 sing N N 200 
ILE CG2 HG23 sing N N 201 
ILE CD1 HD11 sing N N 202 
ILE CD1 HD12 sing N N 203 
ILE CD1 HD13 sing N N 204 
ILE OXT HXT  sing N N 205 
LEU N   CA   sing N N 206 
LEU N   H    sing N N 207 
LEU N   H2   sing N N 208 
LEU CA  C    sing N N 209 
LEU CA  CB   sing N N 210 
LEU CA  HA   sing N N 211 
LEU C   O    doub N N 212 
LEU C   OXT  sing N N 213 
LEU CB  CG   sing N N 214 
LEU CB  HB2  sing N N 215 
LEU CB  HB3  sing N N 216 
LEU CG  CD1  sing N N 217 
LEU CG  CD2  sing N N 218 
LEU CG  HG   sing N N 219 
LEU CD1 HD11 sing N N 220 
LEU CD1 HD12 sing N N 221 
LEU CD1 HD13 sing N N 222 
LEU CD2 HD21 sing N N 223 
LEU CD2 HD22 sing N N 224 
LEU CD2 HD23 sing N N 225 
LEU OXT HXT  sing N N 226 
LYS N   CA   sing N N 227 
LYS N   H    sing N N 228 
LYS N   H2   sing N N 229 
LYS CA  C    sing N N 230 
LYS CA  CB   sing N N 231 
LYS CA  HA   sing N N 232 
LYS C   O    doub N N 233 
LYS C   OXT  sing N N 234 
LYS CB  CG   sing N N 235 
LYS CB  HB2  sing N N 236 
LYS CB  HB3  sing N N 237 
LYS CG  CD   sing N N 238 
LYS CG  HG2  sing N N 239 
LYS CG  HG3  sing N N 240 
LYS CD  CE   sing N N 241 
LYS CD  HD2  sing N N 242 
LYS CD  HD3  sing N N 243 
LYS CE  NZ   sing N N 244 
LYS CE  HE2  sing N N 245 
LYS CE  HE3  sing N N 246 
LYS NZ  HZ1  sing N N 247 
LYS NZ  HZ2  sing N N 248 
LYS NZ  HZ3  sing N N 249 
LYS OXT HXT  sing N N 250 
MET N   CA   sing N N 251 
MET N   H    sing N N 252 
MET N   H2   sing N N 253 
MET CA  C    sing N N 254 
MET CA  CB   sing N N 255 
MET CA  HA   sing N N 256 
MET C   O    doub N N 257 
MET C   OXT  sing N N 258 
MET CB  CG   sing N N 259 
MET CB  HB2  sing N N 260 
MET CB  HB3  sing N N 261 
MET CG  SD   sing N N 262 
MET CG  HG2  sing N N 263 
MET CG  HG3  sing N N 264 
MET SD  CE   sing N N 265 
MET CE  HE1  sing N N 266 
MET CE  HE2  sing N N 267 
MET CE  HE3  sing N N 268 
MET OXT HXT  sing N N 269 
PHE N   CA   sing N N 270 
PHE N   H    sing N N 271 
PHE N   H2   sing N N 272 
PHE CA  C    sing N N 273 
PHE CA  CB   sing N N 274 
PHE CA  HA   sing N N 275 
PHE C   O    doub N N 276 
PHE C   OXT  sing N N 277 
PHE CB  CG   sing N N 278 
PHE CB  HB2  sing N N 279 
PHE CB  HB3  sing N N 280 
PHE CG  CD1  doub Y N 281 
PHE CG  CD2  sing Y N 282 
PHE CD1 CE1  sing Y N 283 
PHE CD1 HD1  sing N N 284 
PHE CD2 CE2  doub Y N 285 
PHE CD2 HD2  sing N N 286 
PHE CE1 CZ   doub Y N 287 
PHE CE1 HE1  sing N N 288 
PHE CE2 CZ   sing Y N 289 
PHE CE2 HE2  sing N N 290 
PHE CZ  HZ   sing N N 291 
PHE OXT HXT  sing N N 292 
PRO N   CA   sing N N 293 
PRO N   CD   sing N N 294 
PRO N   H    sing N N 295 
PRO CA  C    sing N N 296 
PRO CA  CB   sing N N 297 
PRO CA  HA   sing N N 298 
PRO C   O    doub N N 299 
PRO C   OXT  sing N N 300 
PRO CB  CG   sing N N 301 
PRO CB  HB2  sing N N 302 
PRO CB  HB3  sing N N 303 
PRO CG  CD   sing N N 304 
PRO CG  HG2  sing N N 305 
PRO CG  HG3  sing N N 306 
PRO CD  HD2  sing N N 307 
PRO CD  HD3  sing N N 308 
PRO OXT HXT  sing N N 309 
SER N   CA   sing N N 310 
SER N   H    sing N N 311 
SER N   H2   sing N N 312 
SER CA  C    sing N N 313 
SER CA  CB   sing N N 314 
SER CA  HA   sing N N 315 
SER C   O    doub N N 316 
SER C   OXT  sing N N 317 
SER CB  OG   sing N N 318 
SER CB  HB2  sing N N 319 
SER CB  HB3  sing N N 320 
SER OG  HG   sing N N 321 
SER OXT HXT  sing N N 322 
THR N   CA   sing N N 323 
THR N   H    sing N N 324 
THR N   H2   sing N N 325 
THR CA  C    sing N N 326 
THR CA  CB   sing N N 327 
THR CA  HA   sing N N 328 
THR C   O    doub N N 329 
THR C   OXT  sing N N 330 
THR CB  OG1  sing N N 331 
THR CB  CG2  sing N N 332 
THR CB  HB   sing N N 333 
THR OG1 HG1  sing N N 334 
THR CG2 HG21 sing N N 335 
THR CG2 HG22 sing N N 336 
THR CG2 HG23 sing N N 337 
THR OXT HXT  sing N N 338 
TRP N   CA   sing N N 339 
TRP N   H    sing N N 340 
TRP N   H2   sing N N 341 
TRP CA  C    sing N N 342 
TRP CA  CB   sing N N 343 
TRP CA  HA   sing N N 344 
TRP C   O    doub N N 345 
TRP C   OXT  sing N N 346 
TRP CB  CG   sing N N 347 
TRP CB  HB2  sing N N 348 
TRP CB  HB3  sing N N 349 
TRP CG  CD1  doub Y N 350 
TRP CG  CD2  sing Y N 351 
TRP CD1 NE1  sing Y N 352 
TRP CD1 HD1  sing N N 353 
TRP CD2 CE2  doub Y N 354 
TRP CD2 CE3  sing Y N 355 
TRP NE1 CE2  sing Y N 356 
TRP NE1 HE1  sing N N 357 
TRP CE2 CZ2  sing Y N 358 
TRP CE3 CZ3  doub Y N 359 
TRP CE3 HE3  sing N N 360 
TRP CZ2 CH2  doub Y N 361 
TRP CZ2 HZ2  sing N N 362 
TRP CZ3 CH2  sing Y N 363 
TRP CZ3 HZ3  sing N N 364 
TRP CH2 HH2  sing N N 365 
TRP OXT HXT  sing N N 366 
TYR N   CA   sing N N 367 
TYR N   H    sing N N 368 
TYR N   H2   sing N N 369 
TYR CA  C    sing N N 370 
TYR CA  CB   sing N N 371 
TYR CA  HA   sing N N 372 
TYR C   O    doub N N 373 
TYR C   OXT  sing N N 374 
TYR CB  CG   sing N N 375 
TYR CB  HB2  sing N N 376 
TYR CB  HB3  sing N N 377 
TYR CG  CD1  doub Y N 378 
TYR CG  CD2  sing Y N 379 
TYR CD1 CE1  sing Y N 380 
TYR CD1 HD1  sing N N 381 
TYR CD2 CE2  doub Y N 382 
TYR CD2 HD2  sing N N 383 
TYR CE1 CZ   doub Y N 384 
TYR CE1 HE1  sing N N 385 
TYR CE2 CZ   sing Y N 386 
TYR CE2 HE2  sing N N 387 
TYR CZ  OH   sing N N 388 
TYR OH  HH   sing N N 389 
TYR OXT HXT  sing N N 390 
VAL N   CA   sing N N 391 
VAL N   H    sing N N 392 
VAL N   H2   sing N N 393 
VAL CA  C    sing N N 394 
VAL CA  CB   sing N N 395 
VAL CA  HA   sing N N 396 
VAL C   O    doub N N 397 
VAL C   OXT  sing N N 398 
VAL CB  CG1  sing N N 399 
VAL CB  CG2  sing N N 400 
VAL CB  HB   sing N N 401 
VAL CG1 HG11 sing N N 402 
VAL CG1 HG12 sing N N 403 
VAL CG1 HG13 sing N N 404 
VAL CG2 HG21 sing N N 405 
VAL CG2 HG22 sing N N 406 
VAL CG2 HG23 sing N N 407 
VAL OXT HXT  sing N N 408 
# 
_atom_sites.entry_id                    1QST 
_atom_sites.fract_transf_matrix[1][1]   0.00774529 
_atom_sites.fract_transf_matrix[1][2]   -0.01525017 
_atom_sites.fract_transf_matrix[1][3]   -0.00565330 
_atom_sites.fract_transf_matrix[2][1]   0.01790085 
_atom_sites.fract_transf_matrix[2][2]   -0.00184712 
_atom_sites.fract_transf_matrix[2][3]   0.00080734 
_atom_sites.fract_transf_matrix[3][1]   -0.00082788 
_atom_sites.fract_transf_matrix[3][2]   -0.00390945 
_atom_sites.fract_transf_matrix[3][3]   0.00941177 
_atom_sites.fract_transf_vector[1]      0.735940 
_atom_sites.fract_transf_vector[2]      0.271754 
_atom_sites.fract_transf_vector[3]      0.071897 
# 
loop_
_atom_type.symbol 
C 
N 
O 
S 
# 
loop_
_atom_site.group_PDB 
_atom_site.id 
_atom_site.type_symbol 
_atom_site.label_atom_id 
_atom_site.label_alt_id 
_atom_site.label_comp_id 
_atom_site.label_asym_id 
_atom_site.label_entity_id 
_atom_site.label_seq_id 
_atom_site.pdbx_PDB_ins_code 
_atom_site.Cartn_x 
_atom_site.Cartn_y 
_atom_site.Cartn_z 
_atom_site.occupancy 
_atom_site.B_iso_or_equiv 
_atom_site.pdbx_formal_charge 
_atom_site.auth_seq_id 
_atom_site.auth_comp_id 
_atom_site.auth_asym_id 
_atom_site.auth_atom_id 
_atom_site.pdbx_PDB_model_num 
ATOM   1    N N   . LEU A 1 1   ? -2.130  -12.310 -14.622 1.00 23.16 ? 49  LEU A N   1 
ATOM   2    C CA  . LEU A 1 1   ? -1.885  -11.361 -13.496 1.00 22.36 ? 49  LEU A CA  1 
ATOM   3    C C   . LEU A 1 1   ? -2.656  -10.062 -13.664 1.00 22.61 ? 49  LEU A C   1 
ATOM   4    O O   . LEU A 1 1   ? -2.459  -9.334  -14.630 1.00 22.90 ? 49  LEU A O   1 
ATOM   5    C CB  . LEU A 1 1   ? -0.394  -11.038 -13.387 1.00 24.05 ? 49  LEU A CB  1 
ATOM   6    C CG  . LEU A 1 1   ? 0.423   -11.596 -12.218 1.00 24.14 ? 49  LEU A CG  1 
ATOM   7    C CD1 . LEU A 1 1   ? 1.147   -10.451 -11.550 1.00 23.38 ? 49  LEU A CD1 1 
ATOM   8    C CD2 . LEU A 1 1   ? -0.463  -12.333 -11.220 1.00 25.04 ? 49  LEU A CD2 1 
ATOM   9    N N   . ASP A 1 2   ? -3.534  -9.771  -12.713 1.00 21.75 ? 50  ASP A N   1 
ATOM   10   C CA  . ASP A 1 2   ? -4.320  -8.550  -12.745 1.00 21.30 ? 50  ASP A CA  1 
ATOM   11   C C   . ASP A 1 2   ? -4.014  -7.734  -11.501 1.00 20.48 ? 50  ASP A C   1 
ATOM   12   O O   . ASP A 1 2   ? -3.786  -8.289  -10.433 1.00 19.95 ? 50  ASP A O   1 
ATOM   13   C CB  . ASP A 1 2   ? -5.812  -8.878  -12.771 1.00 24.52 ? 50  ASP A CB  1 
ATOM   14   C CG  . ASP A 1 2   ? -6.297  -9.281  -14.146 1.00 27.50 ? 50  ASP A CG  1 
ATOM   15   O OD1 . ASP A 1 2   ? -6.891  -10.376 -14.263 1.00 27.65 ? 50  ASP A OD1 1 
ATOM   16   O OD2 . ASP A 1 2   ? -6.087  -8.504  -15.104 1.00 30.71 ? 50  ASP A OD2 1 
ATOM   17   N N   . PHE A 1 3   ? -4.001  -6.415  -11.644 1.00 19.18 ? 51  PHE A N   1 
ATOM   18   C CA  . PHE A 1 3   ? -3.745  -5.528  -10.515 1.00 18.99 ? 51  PHE A CA  1 
ATOM   19   C C   . PHE A 1 3   ? -5.000  -4.686  -10.375 1.00 20.26 ? 51  PHE A C   1 
ATOM   20   O O   . PHE A 1 3   ? -5.126  -3.641  -11.017 1.00 20.46 ? 51  PHE A O   1 
ATOM   21   C CB  . PHE A 1 3   ? -2.521  -4.657  -10.797 1.00 17.69 ? 51  PHE A CB  1 
ATOM   22   C CG  . PHE A 1 3   ? -1.261  -5.442  -10.954 1.00 15.90 ? 51  PHE A CG  1 
ATOM   23   C CD1 . PHE A 1 3   ? -0.908  -5.969  -12.187 1.00 16.04 ? 51  PHE A CD1 1 
ATOM   24   C CD2 . PHE A 1 3   ? -0.448  -5.707  -9.853  1.00 16.16 ? 51  PHE A CD2 1 
ATOM   25   C CE1 . PHE A 1 3   ? 0.232   -6.751  -12.326 1.00 15.10 ? 51  PHE A CE1 1 
ATOM   26   C CE2 . PHE A 1 3   ? 0.697   -6.489  -9.982  1.00 16.50 ? 51  PHE A CE2 1 
ATOM   27   C CZ  . PHE A 1 3   ? 1.037   -7.013  -11.222 1.00 15.54 ? 51  PHE A CZ  1 
ATOM   28   N N   . ASP A 1 4   ? -5.932  -5.162  -9.549  1.00 18.52 ? 52  ASP A N   1 
ATOM   29   C CA  . ASP A 1 4   ? -7.212  -4.489  -9.360  1.00 17.93 ? 52  ASP A CA  1 
ATOM   30   C C   . ASP A 1 4   ? -7.435  -3.849  -8.007  1.00 16.43 ? 52  ASP A C   1 
ATOM   31   O O   . ASP A 1 4   ? -7.025  -4.386  -6.984  1.00 15.80 ? 52  ASP A O   1 
ATOM   32   C CB  . ASP A 1 4   ? -8.362  -5.468  -9.593  1.00 19.29 ? 52  ASP A CB  1 
ATOM   33   C CG  . ASP A 1 4   ? -8.237  -6.226  -10.895 1.00 23.08 ? 52  ASP A CG  1 
ATOM   34   O OD1 . ASP A 1 4   ? -8.810  -7.329  -10.983 1.00 25.89 ? 52  ASP A OD1 1 
ATOM   35   O OD2 . ASP A 1 4   ? -7.574  -5.728  -11.829 1.00 23.59 ? 52  ASP A OD2 1 
ATOM   36   N N   . ILE A 1 5   ? -8.107  -2.701  -8.024  1.00 15.39 ? 53  ILE A N   1 
ATOM   37   C CA  . ILE A 1 5   ? -8.462  -1.984  -6.808  1.00 17.78 ? 53  ILE A CA  1 
ATOM   38   C C   . ILE A 1 5   ? -9.647  -2.773  -6.270  1.00 20.41 ? 53  ILE A C   1 
ATOM   39   O O   . ILE A 1 5   ? -10.654 -2.943  -6.959  1.00 21.25 ? 53  ILE A O   1 
ATOM   40   C CB  . ILE A 1 5   ? -8.906  -0.540  -7.106  1.00 17.64 ? 53  ILE A CB  1 
ATOM   41   C CG1 . ILE A 1 5   ? -7.677  0.344   -7.330  1.00 18.63 ? 53  ILE A CG1 1 
ATOM   42   C CG2 . ILE A 1 5   ? -9.744  -0.003  -5.957  1.00 18.51 ? 53  ILE A CG2 1 
ATOM   43   C CD1 . ILE A 1 5   ? -6.755  0.422   -6.132  1.00 23.09 ? 53  ILE A CD1 1 
ATOM   44   N N   . LEU A 1 6   ? -9.512  -3.267  -5.048  1.00 21.69 ? 54  LEU A N   1 
ATOM   45   C CA  . LEU A 1 6   ? -10.550 -4.076  -4.423  1.00 24.50 ? 54  LEU A CA  1 
ATOM   46   C C   . LEU A 1 6   ? -11.428 -3.242  -3.514  1.00 25.10 ? 54  LEU A C   1 
ATOM   47   O O   . LEU A 1 6   ? -10.967 -2.686  -2.517  1.00 25.51 ? 54  LEU A O   1 
ATOM   48   C CB  . LEU A 1 6   ? -9.902  -5.206  -3.625  1.00 23.31 ? 54  LEU A CB  1 
ATOM   49   C CG  . LEU A 1 6   ? -10.615 -6.553  -3.563  1.00 23.84 ? 54  LEU A CG  1 
ATOM   50   C CD1 . LEU A 1 6   ? -11.321 -6.864  -4.871  1.00 24.88 ? 54  LEU A CD1 1 
ATOM   51   C CD2 . LEU A 1 6   ? -9.580  -7.612  -3.238  1.00 23.77 ? 54  LEU A CD2 1 
ATOM   52   N N   . THR A 1 7   ? -12.704 -3.160  -3.863  1.00 26.64 ? 55  THR A N   1 
ATOM   53   C CA  . THR A 1 7   ? -13.644 -2.383  -3.076  1.00 27.86 ? 55  THR A CA  1 
ATOM   54   C C   . THR A 1 7   ? -14.390 -3.259  -2.074  1.00 27.07 ? 55  THR A C   1 
ATOM   55   O O   . THR A 1 7   ? -14.800 -4.380  -2.381  1.00 26.28 ? 55  THR A O   1 
ATOM   56   C CB  . THR A 1 7   ? -14.667 -1.661  -3.987  1.00 28.40 ? 55  THR A CB  1 
ATOM   57   O OG1 . THR A 1 7   ? -15.585 -2.616  -4.534  1.00 29.21 ? 55  THR A OG1 1 
ATOM   58   C CG2 . THR A 1 7   ? -13.948 -0.940  -5.136  1.00 30.36 ? 55  THR A CG2 1 
ATOM   59   N N   . ASN A 1 8   ? -14.539 -2.744  -0.860  1.00 26.97 ? 56  ASN A N   1 
ATOM   60   C CA  . ASN A 1 8   ? -15.255 -3.449  0.185   1.00 27.46 ? 56  ASN A CA  1 
ATOM   61   C C   . ASN A 1 8   ? -16.721 -3.089  -0.044  1.00 25.28 ? 56  ASN A C   1 
ATOM   62   O O   . ASN A 1 8   ? -17.229 -2.112  0.505   1.00 25.74 ? 56  ASN A O   1 
ATOM   63   C CB  . ASN A 1 8   ? -14.769 -2.960  1.548   1.00 30.36 ? 56  ASN A CB  1 
ATOM   64   C CG  . ASN A 1 8   ? -15.731 -3.292  2.666   1.00 32.54 ? 56  ASN A CG  1 
ATOM   65   O OD1 . ASN A 1 8   ? -16.686 -4.052  2.489   1.00 37.29 ? 56  ASN A OD1 1 
ATOM   66   N ND2 . ASN A 1 8   ? -15.481 -2.717  3.835   1.00 33.06 ? 56  ASN A ND2 1 
ATOM   67   N N   . ASP A 1 9   ? -17.392 -3.876  -0.873  1.00 22.36 ? 57  ASP A N   1 
ATOM   68   C CA  . ASP A 1 9   ? -18.779 -3.608  -1.212  1.00 21.90 ? 57  ASP A CA  1 
ATOM   69   C C   . ASP A 1 9   ? -19.784 -4.555  -0.564  1.00 20.50 ? 57  ASP A C   1 
ATOM   70   O O   . ASP A 1 9   ? -20.958 -4.567  -0.933  1.00 19.39 ? 57  ASP A O   1 
ATOM   71   C CB  . ASP A 1 9   ? -18.945 -3.646  -2.732  1.00 21.42 ? 57  ASP A CB  1 
ATOM   72   C CG  . ASP A 1 9   ? -18.600 -4.996  -3.320  1.00 23.54 ? 57  ASP A CG  1 
ATOM   73   O OD1 . ASP A 1 9   ? -18.743 -5.155  -4.555  1.00 24.92 ? 57  ASP A OD1 1 
ATOM   74   O OD2 . ASP A 1 9   ? -18.189 -5.900  -2.554  1.00 20.05 ? 57  ASP A OD2 1 
ATOM   75   N N   . GLY A 1 10  ? -19.324 -5.346  0.399   1.00 18.31 ? 58  GLY A N   1 
ATOM   76   C CA  . GLY A 1 10  ? -20.221 -6.268  1.067   1.00 18.69 ? 58  GLY A CA  1 
ATOM   77   C C   . GLY A 1 10  ? -20.609 -7.508  0.278   1.00 18.84 ? 58  GLY A C   1 
ATOM   78   O O   . GLY A 1 10  ? -21.491 -8.247  0.712   1.00 19.83 ? 58  GLY A O   1 
ATOM   79   N N   . THR A 1 11  ? -19.974 -7.751  -0.867  1.00 16.38 ? 59  THR A N   1 
ATOM   80   C CA  . THR A 1 11  ? -20.294 -8.939  -1.668  1.00 15.83 ? 59  THR A CA  1 
ATOM   81   C C   . THR A 1 11  ? -19.403 -10.106 -1.259  1.00 14.55 ? 59  THR A C   1 
ATOM   82   O O   . THR A 1 11  ? -18.280 -9.907  -0.807  1.00 15.70 ? 59  THR A O   1 
ATOM   83   C CB  . THR A 1 11  ? -20.097 -8.687  -3.184  1.00 17.37 ? 59  THR A CB  1 
ATOM   84   O OG1 . THR A 1 11  ? -18.751 -8.259  -3.426  1.00 17.19 ? 59  THR A OG1 1 
ATOM   85   C CG2 . THR A 1 11  ? -21.062 -7.615  -3.679  1.00 15.77 ? 59  THR A CG2 1 
ATOM   86   N N   . HIS A 1 12  ? -19.898 -11.326 -1.422  1.00 15.21 ? 60  HIS A N   1 
ATOM   87   C CA  . HIS A 1 12  ? -19.125 -12.501 -1.048  1.00 16.18 ? 60  HIS A CA  1 
ATOM   88   C C   . HIS A 1 12  ? -17.781 -12.554 -1.780  1.00 18.31 ? 60  HIS A C   1 
ATOM   89   O O   . HIS A 1 12  ? -16.740 -12.808 -1.169  1.00 17.77 ? 60  HIS A O   1 
ATOM   90   C CB  . HIS A 1 12  ? -19.918 -13.779 -1.342  1.00 15.52 ? 60  HIS A CB  1 
ATOM   91   C CG  . HIS A 1 12  ? -21.089 -13.990 -0.434  1.00 15.90 ? 60  HIS A CG  1 
ATOM   92   N ND1 . HIS A 1 12  ? -20.954 -14.407 0.874   1.00 18.08 ? 60  HIS A ND1 1 
ATOM   93   C CD2 . HIS A 1 12  ? -22.420 -13.862 -0.650  1.00 16.98 ? 60  HIS A CD2 1 
ATOM   94   C CE1 . HIS A 1 12  ? -22.150 -14.529 1.422   1.00 17.70 ? 60  HIS A CE1 1 
ATOM   95   N NE2 . HIS A 1 12  ? -23.058 -14.203 0.518   1.00 18.14 ? 60  HIS A NE2 1 
ATOM   96   N N   . ARG A 1 13  ? -17.809 -12.309 -3.087  1.00 19.12 ? 61  ARG A N   1 
ATOM   97   C CA  . ARG A 1 13  ? -16.600 -12.349 -3.907  1.00 19.67 ? 61  ARG A CA  1 
ATOM   98   C C   . ARG A 1 13  ? -15.523 -11.383 -3.441  1.00 17.37 ? 61  ARG A C   1 
ATOM   99   O O   . ARG A 1 13  ? -14.386 -11.782 -3.199  1.00 16.72 ? 61  ARG A O   1 
ATOM   100  C CB  . ARG A 1 13  ? -16.945 -12.050 -5.368  1.00 22.87 ? 61  ARG A CB  1 
ATOM   101  C CG  . ARG A 1 13  ? -15.779 -11.498 -6.186  1.00 29.37 ? 61  ARG A CG  1 
ATOM   102  C CD  . ARG A 1 13  ? -15.606 -12.259 -7.496  1.00 33.22 ? 61  ARG A CD  1 
ATOM   103  N NE  . ARG A 1 13  ? -14.320 -11.979 -8.134  1.00 36.98 ? 61  ARG A NE  1 
ATOM   104  C CZ  . ARG A 1 13  ? -13.327 -12.861 -8.236  1.00 38.35 ? 61  ARG A CZ  1 
ATOM   105  N NH1 . ARG A 1 13  ? -13.469 -14.084 -7.739  1.00 37.93 ? 61  ARG A NH1 1 
ATOM   106  N NH2 . ARG A 1 13  ? -12.193 -12.519 -8.840  1.00 37.48 ? 61  ARG A NH2 1 
ATOM   107  N N   . ASN A 1 14  ? -15.885 -10.111 -3.319  1.00 17.28 ? 62  ASN A N   1 
ATOM   108  C CA  . ASN A 1 14  ? -14.938 -9.087  -2.902  1.00 17.69 ? 62  ASN A CA  1 
ATOM   109  C C   . ASN A 1 14  ? -14.466 -9.240  -1.476  1.00 16.98 ? 62  ASN A C   1 
ATOM   110  O O   . ASN A 1 14  ? -13.280 -9.122  -1.203  1.00 16.47 ? 62  ASN A O   1 
ATOM   111  C CB  . ASN A 1 14  ? -15.543 -7.698  -3.071  1.00 17.70 ? 62  ASN A CB  1 
ATOM   112  C CG  . ASN A 1 14  ? -15.382 -7.173  -4.476  1.00 18.92 ? 62  ASN A CG  1 
ATOM   113  O OD1 . ASN A 1 14  ? -15.378 -7.944  -5.436  1.00 18.75 ? 62  ASN A OD1 1 
ATOM   114  N ND2 . ASN A 1 14  ? -15.245 -5.859  -4.607  1.00 20.84 ? 62  ASN A ND2 1 
ATOM   115  N N   . MET A 1 15  ? -15.386 -9.494  -0.556  1.00 18.64 ? 63  MET A N   1 
ATOM   116  C CA  . MET A 1 15  ? -14.977 -9.631  0.828   1.00 21.53 ? 63  MET A CA  1 
ATOM   117  C C   . MET A 1 15  ? -14.083 -10.865 1.013   1.00 19.69 ? 63  MET A C   1 
ATOM   118  O O   . MET A 1 15  ? -13.249 -10.896 1.920   1.00 19.36 ? 63  MET A O   1 
ATOM   119  C CB  . MET A 1 15  ? -16.210 -9.650  1.750   1.00 27.44 ? 63  MET A CB  1 
ATOM   120  C CG  . MET A 1 15  ? -17.248 -8.502  1.464   1.00 35.37 ? 63  MET A CG  1 
ATOM   121  S SD  . MET A 1 15  ? -16.484 -6.953  2.032   1.00 42.43 ? 63  MET A SD  1 
ATOM   122  C CE  . MET A 1 15  ? -16.048 -7.663  3.931   1.00 42.10 ? 63  MET A CE  1 
ATOM   123  N N   . LYS A 1 16  ? -14.224 -11.857 0.134   1.00 16.77 ? 64  LYS A N   1 
ATOM   124  C CA  . LYS A 1 16  ? -13.388 -13.055 0.205   1.00 17.43 ? 64  LYS A CA  1 
ATOM   125  C C   . LYS A 1 16  ? -11.946 -12.737 -0.178  1.00 17.31 ? 64  LYS A C   1 
ATOM   126  O O   . LYS A 1 16  ? -10.995 -13.239 0.431   1.00 18.05 ? 64  LYS A O   1 
ATOM   127  C CB  . LYS A 1 16  ? -13.900 -14.147 -0.733  1.00 18.27 ? 64  LYS A CB  1 
ATOM   128  C CG  . LYS A 1 16  ? -13.221 -15.489 -0.495  1.00 19.52 ? 64  LYS A CG  1 
ATOM   129  C CD  . LYS A 1 16  ? -12.828 -16.169 -1.785  1.00 20.56 ? 64  LYS A CD  1 
ATOM   130  C CE  . LYS A 1 16  ? -12.076 -17.459 -1.509  1.00 19.71 ? 64  LYS A CE  1 
ATOM   131  N NZ  . LYS A 1 16  ? -10.641 -17.377 -1.896  1.00 20.18 ? 64  LYS A NZ  1 
ATOM   132  N N   . LEU A 1 17  ? -11.793 -11.904 -1.200  1.00 15.76 ? 65  LEU A N   1 
ATOM   133  C CA  . LEU A 1 17  ? -10.475 -11.510 -1.676  1.00 13.98 ? 65  LEU A CA  1 
ATOM   134  C C   . LEU A 1 17  ? -9.806  -10.572 -0.684  1.00 12.10 ? 65  LEU A C   1 
ATOM   135  O O   . LEU A 1 17  ? -8.588  -10.562 -0.555  1.00 12.78 ? 65  LEU A O   1 
ATOM   136  C CB  . LEU A 1 17  ? -10.599 -10.831 -3.036  1.00 14.93 ? 65  LEU A CB  1 
ATOM   137  C CG  . LEU A 1 17  ? -11.162 -11.687 -4.174  1.00 13.79 ? 65  LEU A CG  1 
ATOM   138  C CD1 . LEU A 1 17  ? -11.422 -10.809 -5.380  1.00 15.44 ? 65  LEU A CD1 1 
ATOM   139  C CD2 . LEU A 1 17  ? -10.195 -12.794 -4.523  1.00 12.35 ? 65  LEU A CD2 1 
ATOM   140  N N   . LEU A 1 18  ? -10.605 -9.779  0.022   1.00 12.55 ? 66  LEU A N   1 
ATOM   141  C CA  . LEU A 1 18  ? -10.058 -8.850  1.008   1.00 12.23 ? 66  LEU A CA  1 
ATOM   142  C C   . LEU A 1 18  ? -9.569  -9.619  2.234   1.00 11.18 ? 66  LEU A C   1 
ATOM   143  O O   . LEU A 1 18  ? -8.547  -9.272  2.826   1.00 10.40 ? 66  LEU A O   1 
ATOM   144  C CB  . LEU A 1 18  ? -11.109 -7.807  1.413   1.00 12.51 ? 66  LEU A CB  1 
ATOM   145  C CG  . LEU A 1 18  ? -11.333 -6.670  0.402   1.00 13.33 ? 66  LEU A CG  1 
ATOM   146  C CD1 . LEU A 1 18  ? -12.613 -5.933  0.745   1.00 14.13 ? 66  LEU A CD1 1 
ATOM   147  C CD2 . LEU A 1 18  ? -10.146 -5.720  0.407   1.00 11.48 ? 66  LEU A CD2 1 
ATOM   148  N N   . ILE A 1 19  ? -10.297 -10.663 2.611   1.00 11.54 ? 67  ILE A N   1 
ATOM   149  C CA  . ILE A 1 19  ? -9.883  -11.486 3.749   1.00 12.23 ? 67  ILE A CA  1 
ATOM   150  C C   . ILE A 1 19  ? -8.579  -12.187 3.349   1.00 12.45 ? 67  ILE A C   1 
ATOM   151  O O   . ILE A 1 19  ? -7.624  -12.231 4.122   1.00 13.16 ? 67  ILE A O   1 
ATOM   152  C CB  . ILE A 1 19  ? -10.958 -12.541 4.109   1.00 11.12 ? 67  ILE A CB  1 
ATOM   153  C CG1 . ILE A 1 19  ? -12.186 -11.841 4.687   1.00 12.36 ? 67  ILE A CG1 1 
ATOM   154  C CG2 . ILE A 1 19  ? -10.402 -13.545 5.129   1.00 9.93  ? 67  ILE A CG2 1 
ATOM   155  C CD1 . ILE A 1 19  ? -13.345 -12.766 5.003   1.00 14.82 ? 67  ILE A CD1 1 
ATOM   156  N N   . ASP A 1 20  ? -8.538  -12.711 2.125   1.00 13.27 ? 68  ASP A N   1 
ATOM   157  C CA  . ASP A 1 20  ? -7.345  -13.389 1.617   1.00 13.40 ? 68  ASP A CA  1 
ATOM   158  C C   . ASP A 1 20  ? -6.137  -12.451 1.707   1.00 12.52 ? 68  ASP A C   1 
ATOM   159  O O   . ASP A 1 20  ? -5.054  -12.856 2.137   1.00 11.93 ? 68  ASP A O   1 
ATOM   160  C CB  . ASP A 1 20  ? -7.556  -13.826 0.161   1.00 13.93 ? 68  ASP A CB  1 
ATOM   161  C CG  . ASP A 1 20  ? -8.493  -15.021 0.031   1.00 17.14 ? 68  ASP A CG  1 
ATOM   162  O OD1 . ASP A 1 20  ? -8.805  -15.655 1.062   1.00 17.68 ? 68  ASP A OD1 1 
ATOM   163  O OD2 . ASP A 1 20  ? -8.916  -15.333 -1.102  1.00 18.00 ? 68  ASP A OD2 1 
ATOM   164  N N   . LEU A 1 21  ? -6.328  -11.195 1.308   1.00 10.97 ? 69  LEU A N   1 
ATOM   165  C CA  . LEU A 1 21  ? -5.248  -10.208 1.360   1.00 10.50 ? 69  LEU A CA  1 
ATOM   166  C C   . LEU A 1 21  ? -4.865  -9.922  2.814   1.00 10.59 ? 69  LEU A C   1 
ATOM   167  O O   . LEU A 1 21  ? -3.684  -9.829  3.154   1.00 10.06 ? 69  LEU A O   1 
ATOM   168  C CB  . LEU A 1 21  ? -5.678  -8.899  0.676   1.00 10.46 ? 69  LEU A CB  1 
ATOM   169  C CG  . LEU A 1 21  ? -4.633  -7.778  0.722   1.00 9.32  ? 69  LEU A CG  1 
ATOM   170  C CD1 . LEU A 1 21  ? -3.432  -8.175  -0.120  1.00 9.92  ? 69  LEU A CD1 1 
ATOM   171  C CD2 . LEU A 1 21  ? -5.223  -6.478  0.217   1.00 9.83  ? 69  LEU A CD2 1 
ATOM   172  N N   . LYS A 1 22  ? -5.873  -9.772  3.665   1.00 10.59 ? 70  LYS A N   1 
ATOM   173  C CA  . LYS A 1 22  ? -5.641  -9.509  5.077   1.00 10.84 ? 70  LYS A CA  1 
ATOM   174  C C   . LYS A 1 22  ? -4.780  -10.621 5.669   1.00 9.19  ? 70  LYS A C   1 
ATOM   175  O O   . LYS A 1 22  ? -3.875  -10.360 6.458   1.00 10.48 ? 70  LYS A O   1 
ATOM   176  C CB  . LYS A 1 22  ? -6.978  -9.427  5.819   1.00 11.39 ? 70  LYS A CB  1 
ATOM   177  C CG  . LYS A 1 22  ? -6.851  -9.346  7.343   1.00 13.06 ? 70  LYS A CG  1 
ATOM   178  C CD  . LYS A 1 22  ? -6.944  -10.728 7.993   1.00 13.36 ? 70  LYS A CD  1 
ATOM   179  C CE  . LYS A 1 22  ? -8.218  -11.469 7.594   1.00 13.53 ? 70  LYS A CE  1 
ATOM   180  N NZ  . LYS A 1 22  ? -8.402  -12.733 8.376   1.00 14.66 ? 70  LYS A NZ  1 
ATOM   181  N N   . ASN A 1 23  ? -5.057  -11.859 5.273   1.00 10.71 ? 71  ASN A N   1 
ATOM   182  C CA  . ASN A 1 23  ? -4.305  -13.002 5.777   1.00 11.49 ? 71  ASN A CA  1 
ATOM   183  C C   . ASN A 1 23  ? -2.868  -13.004 5.271   1.00 12.60 ? 71  ASN A C   1 
ATOM   184  O O   . ASN A 1 23  ? -1.963  -13.471 5.959   1.00 12.37 ? 71  ASN A O   1 
ATOM   185  C CB  . ASN A 1 23  ? -5.015  -14.308 5.405   1.00 13.05 ? 71  ASN A CB  1 
ATOM   186  C CG  . ASN A 1 23  ? -6.204  -14.596 6.314   1.00 13.22 ? 71  ASN A CG  1 
ATOM   187  O OD1 . ASN A 1 23  ? -7.171  -15.242 5.910   1.00 15.88 ? 71  ASN A OD1 1 
ATOM   188  N ND2 . ASN A 1 23  ? -6.137  -14.106 7.543   1.00 10.71 ? 71  ASN A ND2 1 
ATOM   189  N N   . ILE A 1 24  ? -2.654  -12.469 4.073   1.00 11.51 ? 72  ILE A N   1 
ATOM   190  C CA  . ILE A 1 24  ? -1.307  -12.398 3.527   1.00 11.65 ? 72  ILE A CA  1 
ATOM   191  C C   . ILE A 1 24  ? -0.542  -11.334 4.310   1.00 11.24 ? 72  ILE A C   1 
ATOM   192  O O   . ILE A 1 24  ? 0.616   -11.528 4.687   1.00 12.63 ? 72  ILE A O   1 
ATOM   193  C CB  . ILE A 1 24  ? -1.323  -12.019 2.028   1.00 12.49 ? 72  ILE A CB  1 
ATOM   194  C CG1 . ILE A 1 24  ? -1.744  -13.226 1.190   1.00 12.77 ? 72  ILE A CG1 1 
ATOM   195  C CG2 . ILE A 1 24  ? 0.066   -11.569 1.588   1.00 13.20 ? 72  ILE A CG2 1 
ATOM   196  C CD1 . ILE A 1 24  ? -2.018  -12.897 -0.267  1.00 13.59 ? 72  ILE A CD1 1 
ATOM   197  N N   . PHE A 1 25  ? -1.201  -10.208 4.558   1.00 11.07 ? 73  PHE A N   1 
ATOM   198  C CA  . PHE A 1 25  ? -0.584  -9.118  5.303   1.00 11.27 ? 73  PHE A CA  1 
ATOM   199  C C   . PHE A 1 25  ? -0.148  -9.650  6.660   1.00 14.30 ? 73  PHE A C   1 
ATOM   200  O O   . PHE A 1 25  ? 0.976   -9.413  7.095   1.00 14.70 ? 73  PHE A O   1 
ATOM   201  C CB  . PHE A 1 25  ? -1.583  -7.975  5.520   1.00 10.68 ? 73  PHE A CB  1 
ATOM   202  C CG  . PHE A 1 25  ? -1.795  -7.096  4.311   1.00 10.17 ? 73  PHE A CG  1 
ATOM   203  C CD1 . PHE A 1 25  ? -3.005  -6.434  4.131   1.00 11.14 ? 73  PHE A CD1 1 
ATOM   204  C CD2 . PHE A 1 25  ? -0.780  -6.905  3.369   1.00 11.23 ? 73  PHE A CD2 1 
ATOM   205  C CE1 . PHE A 1 25  ? -3.207  -5.591  3.031   1.00 11.99 ? 73  PHE A CE1 1 
ATOM   206  C CE2 . PHE A 1 25  ? -0.973  -6.063  2.268   1.00 10.19 ? 73  PHE A CE2 1 
ATOM   207  C CZ  . PHE A 1 25  ? -2.186  -5.408  2.102   1.00 10.02 ? 73  PHE A CZ  1 
ATOM   208  N N   . SER A 1 26  ? -1.056  -10.369 7.315   1.00 15.81 ? 74  SER A N   1 
ATOM   209  C CA  . SER A 1 26  ? -0.811  -10.937 8.637   1.00 18.02 ? 74  SER A CA  1 
ATOM   210  C C   . SER A 1 26  ? 0.412   -11.849 8.690   1.00 19.09 ? 74  SER A C   1 
ATOM   211  O O   . SER A 1 26  ? 1.212   -11.777 9.630   1.00 19.74 ? 74  SER A O   1 
ATOM   212  C CB  . SER A 1 26  ? -2.046  -11.709 9.103   1.00 18.95 ? 74  SER A CB  1 
ATOM   213  O OG  . SER A 1 26  ? -2.100  -11.749 10.516  1.00 25.44 ? 74  SER A OG  1 
ATOM   214  N N   . ARG A 1 27  ? 0.558   -12.704 7.680   1.00 19.13 ? 75  ARG A N   1 
ATOM   215  C CA  . ARG A 1 27  ? 1.687   -13.627 7.616   1.00 22.26 ? 75  ARG A CA  1 
ATOM   216  C C   . ARG A 1 27  ? 3.010   -12.938 7.286   1.00 21.74 ? 75  ARG A C   1 
ATOM   217  O O   . ARG A 1 27  ? 4.056   -13.324 7.806   1.00 21.46 ? 75  ARG A O   1 
ATOM   218  C CB  . ARG A 1 27  ? 1.411   -14.732 6.587   1.00 24.92 ? 75  ARG A CB  1 
ATOM   219  C CG  . ARG A 1 27  ? 0.674   -15.936 7.167   1.00 31.36 ? 75  ARG A CG  1 
ATOM   220  C CD  . ARG A 1 27  ? -0.065  -16.717 6.091   1.00 38.47 ? 75  ARG A CD  1 
ATOM   221  N NE  . ARG A 1 27  ? -1.513  -16.742 6.305   1.00 45.57 ? 75  ARG A NE  1 
ATOM   222  C CZ  . ARG A 1 27  ? -2.160  -17.688 6.983   1.00 48.37 ? 75  ARG A CZ  1 
ATOM   223  N NH1 . ARG A 1 27  ? -1.486  -18.700 7.524   1.00 50.26 ? 75  ARG A NH1 1 
ATOM   224  N NH2 . ARG A 1 27  ? -3.481  -17.629 7.115   1.00 50.16 ? 75  ARG A NH2 1 
ATOM   225  N N   . GLN A 1 28  ? 2.963   -11.919 6.428   1.00 20.77 ? 76  GLN A N   1 
ATOM   226  C CA  . GLN A 1 28  ? 4.171   -11.193 6.035   1.00 20.63 ? 76  GLN A CA  1 
ATOM   227  C C   . GLN A 1 28  ? 4.588   -10.136 7.061   1.00 20.56 ? 76  GLN A C   1 
ATOM   228  O O   . GLN A 1 28  ? 5.710   -9.631  7.024   1.00 20.65 ? 76  GLN A O   1 
ATOM   229  C CB  . GLN A 1 28  ? 3.979   -10.544 4.652   1.00 20.15 ? 76  GLN A CB  1 
ATOM   230  C CG  . GLN A 1 28  ? 4.083   -11.519 3.472   1.00 17.68 ? 76  GLN A CG  1 
ATOM   231  C CD  . GLN A 1 28  ? 5.446   -12.190 3.378   1.00 18.77 ? 76  GLN A CD  1 
ATOM   232  O OE1 . GLN A 1 28  ? 5.556   -13.420 3.406   1.00 20.57 ? 76  GLN A OE1 1 
ATOM   233  N NE2 . GLN A 1 28  ? 6.494   -11.382 3.265   1.00 19.31 ? 76  GLN A NE2 1 
ATOM   234  N N   . LEU A 1 29  ? 3.678   -9.804  7.972   1.00 21.58 ? 77  LEU A N   1 
ATOM   235  C CA  . LEU A 1 29  ? 3.943   -8.829  9.031   1.00 24.14 ? 77  LEU A CA  1 
ATOM   236  C C   . LEU A 1 29  ? 3.512   -9.487  10.340  1.00 25.42 ? 77  LEU A C   1 
ATOM   237  O O   . LEU A 1 29  ? 2.499   -9.115  10.931  1.00 25.86 ? 77  LEU A O   1 
ATOM   238  C CB  . LEU A 1 29  ? 3.138   -7.544  8.796   1.00 24.45 ? 77  LEU A CB  1 
ATOM   239  C CG  . LEU A 1 29  ? 3.107   -6.997  7.359   1.00 26.70 ? 77  LEU A CG  1 
ATOM   240  C CD1 . LEU A 1 29  ? 2.028   -5.926  7.232   1.00 24.68 ? 77  LEU A CD1 1 
ATOM   241  C CD2 . LEU A 1 29  ? 4.469   -6.422  6.996   1.00 25.06 ? 77  LEU A CD2 1 
ATOM   242  N N   . PRO A 1 30  ? 4.286   -10.482 10.812  1.00 27.72 ? 78  PRO A N   1 
ATOM   243  C CA  . PRO A 1 30  ? 3.989   -11.212 12.051  1.00 27.78 ? 78  PRO A CA  1 
ATOM   244  C C   . PRO A 1 30  ? 3.819   -10.383 13.326  1.00 28.10 ? 78  PRO A C   1 
ATOM   245  O O   . PRO A 1 30  ? 3.050   -10.766 14.208  1.00 29.09 ? 78  PRO A O   1 
ATOM   246  C CB  . PRO A 1 30  ? 5.142   -12.212 12.172  1.00 27.91 ? 78  PRO A CB  1 
ATOM   247  C CG  . PRO A 1 30  ? 5.704   -12.324 10.796  1.00 28.91 ? 78  PRO A CG  1 
ATOM   248  C CD  . PRO A 1 30  ? 5.527   -10.968 10.182  1.00 28.23 ? 78  PRO A CD  1 
ATOM   249  N N   . LYS A 1 31  ? 4.525   -9.258  13.429  1.00 26.29 ? 79  LYS A N   1 
ATOM   250  C CA  . LYS A 1 31  ? 4.424   -8.422  14.624  1.00 25.94 ? 79  LYS A CA  1 
ATOM   251  C C   . LYS A 1 31  ? 3.219   -7.475  14.625  1.00 25.22 ? 79  LYS A C   1 
ATOM   252  O O   . LYS A 1 31  ? 2.798   -6.989  15.683  1.00 22.57 ? 79  LYS A O   1 
ATOM   253  C CB  . LYS A 1 31  ? 5.709   -7.613  14.803  1.00 29.36 ? 79  LYS A CB  1 
ATOM   254  C CG  . LYS A 1 31  ? 6.939   -8.449  15.139  1.00 33.39 ? 79  LYS A CG  1 
ATOM   255  C CD  . LYS A 1 31  ? 6.751   -9.238  16.424  1.00 34.03 ? 79  LYS A CD  1 
ATOM   256  C CE  . LYS A 1 31  ? 7.645   -8.716  17.540  1.00 36.95 ? 79  LYS A CE  1 
ATOM   257  N NZ  . LYS A 1 31  ? 7.203   -9.222  18.874  1.00 36.75 ? 79  LYS A NZ  1 
ATOM   258  N N   . MET A 1 32  ? 2.667   -7.210  13.443  1.00 23.24 ? 80  MET A N   1 
ATOM   259  C CA  . MET A 1 32  ? 1.514   -6.324  13.315  1.00 20.67 ? 80  MET A CA  1 
ATOM   260  C C   . MET A 1 32  ? 0.289   -7.054  13.846  1.00 19.39 ? 80  MET A C   1 
ATOM   261  O O   . MET A 1 32  ? 0.003   -8.173  13.430  1.00 19.24 ? 80  MET A O   1 
ATOM   262  C CB  . MET A 1 32  ? 1.315   -5.935  11.837  1.00 22.85 ? 80  MET A CB  1 
ATOM   263  C CG  . MET A 1 32  ? 0.132   -5.004  11.542  1.00 21.60 ? 80  MET A CG  1 
ATOM   264  S SD  . MET A 1 32  ? 0.709   -3.388  12.047  1.00 24.98 ? 80  MET A SD  1 
ATOM   265  C CE  . MET A 1 32  ? 2.108   -3.110  10.551  1.00 24.17 ? 80  MET A CE  1 
ATOM   266  N N   . PRO A 1 33  ? -0.440  -6.439  14.789  1.00 18.81 ? 81  PRO A N   1 
ATOM   267  C CA  . PRO A 1 33  ? -1.643  -7.059  15.369  1.00 19.25 ? 81  PRO A CA  1 
ATOM   268  C C   . PRO A 1 33  ? -2.703  -7.367  14.306  1.00 18.36 ? 81  PRO A C   1 
ATOM   269  O O   . PRO A 1 33  ? -3.197  -6.463  13.636  1.00 17.43 ? 81  PRO A O   1 
ATOM   270  C CB  . PRO A 1 33  ? -2.131  -6.028  16.389  1.00 18.01 ? 81  PRO A CB  1 
ATOM   271  C CG  . PRO A 1 33  ? -0.953  -5.144  16.645  1.00 19.14 ? 81  PRO A CG  1 
ATOM   272  C CD  . PRO A 1 33  ? -0.168  -5.116  15.372  1.00 18.99 ? 81  PRO A CD  1 
ATOM   273  N N   . LYS A 1 34  ? -3.061  -8.639  14.165  1.00 17.27 ? 82  LYS A N   1 
ATOM   274  C CA  . LYS A 1 34  ? -4.033  -9.041  13.160  1.00 17.68 ? 82  LYS A CA  1 
ATOM   275  C C   . LYS A 1 34  ? -5.354  -8.295  13.227  1.00 17.99 ? 82  LYS A C   1 
ATOM   276  O O   . LYS A 1 34  ? -5.916  -7.934  12.197  1.00 17.02 ? 82  LYS A O   1 
ATOM   277  C CB  . LYS A 1 34  ? -4.297  -10.540 13.235  1.00 18.69 ? 82  LYS A CB  1 
ATOM   278  C CG  . LYS A 1 34  ? -5.132  -11.064 12.080  1.00 21.07 ? 82  LYS A CG  1 
ATOM   279  C CD  . LYS A 1 34  ? -4.735  -12.481 11.717  1.00 20.82 ? 82  LYS A CD  1 
ATOM   280  C CE  . LYS A 1 34  ? -5.865  -13.205 11.021  1.00 20.93 ? 82  LYS A CE  1 
ATOM   281  N NZ  . LYS A 1 34  ? -5.393  -14.500 10.452  1.00 20.79 ? 82  LYS A NZ  1 
ATOM   282  N N   . GLU A 1 35  ? -5.860  -8.060  14.429  1.00 18.33 ? 83  GLU A N   1 
ATOM   283  C CA  . GLU A 1 35  ? -7.126  -7.352  14.556  1.00 19.41 ? 83  GLU A CA  1 
ATOM   284  C C   . GLU A 1 35  ? -6.999  -5.925  14.017  1.00 16.84 ? 83  GLU A C   1 
ATOM   285  O O   . GLU A 1 35  ? -7.974  -5.336  13.552  1.00 15.76 ? 83  GLU A O   1 
ATOM   286  C CB  . GLU A 1 35  ? -7.574  -7.342  16.021  1.00 24.75 ? 83  GLU A CB  1 
ATOM   287  C CG  . GLU A 1 35  ? -7.610  -5.968  16.668  1.00 36.39 ? 83  GLU A CG  1 
ATOM   288  C CD  . GLU A 1 35  ? -6.346  -5.661  17.450  1.00 44.12 ? 83  GLU A CD  1 
ATOM   289  O OE1 . GLU A 1 35  ? -5.644  -6.616  17.855  1.00 49.12 ? 83  GLU A OE1 1 
ATOM   290  O OE2 . GLU A 1 35  ? -6.054  -4.462  17.660  1.00 47.82 ? 83  GLU A OE2 1 
ATOM   291  N N   . TYR A 1 36  ? -5.791  -5.377  14.081  1.00 14.71 ? 84  TYR A N   1 
ATOM   292  C CA  . TYR A 1 36  ? -5.535  -4.029  13.594  1.00 13.81 ? 84  TYR A CA  1 
ATOM   293  C C   . TYR A 1 36  ? -5.514  -4.033  12.064  1.00 13.39 ? 84  TYR A C   1 
ATOM   294  O O   . TYR A 1 36  ? -5.964  -3.084  11.420  1.00 13.90 ? 84  TYR A O   1 
ATOM   295  C CB  . TYR A 1 36  ? -4.196  -3.525  14.126  1.00 12.25 ? 84  TYR A CB  1 
ATOM   296  C CG  . TYR A 1 36  ? -3.855  -2.117  13.694  1.00 11.48 ? 84  TYR A CG  1 
ATOM   297  C CD1 . TYR A 1 36  ? -4.602  -1.032  14.146  1.00 10.12 ? 84  TYR A CD1 1 
ATOM   298  C CD2 . TYR A 1 36  ? -2.758  -1.865  12.862  1.00 10.55 ? 84  TYR A CD2 1 
ATOM   299  C CE1 . TYR A 1 36  ? -4.265  0.271   13.789  1.00 12.41 ? 84  TYR A CE1 1 
ATOM   300  C CE2 . TYR A 1 36  ? -2.411  -0.562  12.499  1.00 10.48 ? 84  TYR A CE2 1 
ATOM   301  C CZ  . TYR A 1 36  ? -3.165  0.499   12.970  1.00 9.59  ? 84  TYR A CZ  1 
ATOM   302  O OH  . TYR A 1 36  ? -2.808  1.792   12.665  1.00 11.32 ? 84  TYR A OH  1 
ATOM   303  N N   . ILE A 1 37  ? -4.976  -5.103  11.488  1.00 12.10 ? 85  ILE A N   1 
ATOM   304  C CA  . ILE A 1 37  ? -4.921  -5.228  10.040  1.00 12.76 ? 85  ILE A CA  1 
ATOM   305  C C   . ILE A 1 37  ? -6.356  -5.300  9.523   1.00 14.17 ? 85  ILE A C   1 
ATOM   306  O O   . ILE A 1 37  ? -6.699  -4.672  8.518   1.00 14.39 ? 85  ILE A O   1 
ATOM   307  C CB  . ILE A 1 37  ? -4.172  -6.508  9.611   1.00 12.33 ? 85  ILE A CB  1 
ATOM   308  C CG1 . ILE A 1 37  ? -2.720  -6.455  10.099  1.00 10.23 ? 85  ILE A CG1 1 
ATOM   309  C CG2 . ILE A 1 37  ? -4.232  -6.660  8.080   1.00 15.49 ? 85  ILE A CG2 1 
ATOM   310  C CD1 . ILE A 1 37  ? -1.935  -7.697  9.792   1.00 10.15 ? 85  ILE A CD1 1 
ATOM   311  N N   . VAL A 1 38  ? -7.194  -6.071  10.215  1.00 11.90 ? 86  VAL A N   1 
ATOM   312  C CA  . VAL A 1 38  ? -8.591  -6.227  9.829   1.00 11.24 ? 86  VAL A CA  1 
ATOM   313  C C   . VAL A 1 38  ? -9.294  -4.876  9.914   1.00 11.50 ? 86  VAL A C   1 
ATOM   314  O O   . VAL A 1 38  ? -10.055 -4.493  9.023   1.00 11.86 ? 86  VAL A O   1 
ATOM   315  C CB  . VAL A 1 38  ? -9.318  -7.247  10.758  1.00 11.19 ? 86  VAL A CB  1 
ATOM   316  C CG1 . VAL A 1 38  ? -10.826 -7.197  10.516  1.00 10.05 ? 86  VAL A CG1 1 
ATOM   317  C CG2 . VAL A 1 38  ? -8.778  -8.665  10.515  1.00 8.88  ? 86  VAL A CG2 1 
ATOM   318  N N   . LYS A 1 39  ? -9.024  -4.153  10.992  1.00 10.94 ? 87  LYS A N   1 
ATOM   319  C CA  . LYS A 1 39  ? -9.625  -2.850  11.221  1.00 12.73 ? 87  LYS A CA  1 
ATOM   320  C C   . LYS A 1 39  ? -9.380  -1.886  10.057  1.00 12.36 ? 87  LYS A C   1 
ATOM   321  O O   . LYS A 1 39  ? -10.307 -1.260  9.546   1.00 12.43 ? 87  LYS A O   1 
ATOM   322  C CB  . LYS A 1 39  ? -9.060  -2.253  12.512  1.00 13.44 ? 87  LYS A CB  1 
ATOM   323  C CG  . LYS A 1 39  ? -9.735  -0.983  12.988  1.00 17.47 ? 87  LYS A CG  1 
ATOM   324  C CD  . LYS A 1 39  ? -9.255  -0.623  14.391  1.00 21.44 ? 87  LYS A CD  1 
ATOM   325  C CE  . LYS A 1 39  ? -9.256  0.876   14.619  1.00 23.10 ? 87  LYS A CE  1 
ATOM   326  N NZ  . LYS A 1 39  ? -8.000  1.333   15.273  1.00 26.12 ? 87  LYS A NZ  1 
ATOM   327  N N   . LEU A 1 40  ? -8.126  -1.772  9.641   1.00 12.35 ? 88  LEU A N   1 
ATOM   328  C CA  . LEU A 1 40  ? -7.770  -0.868  8.556   1.00 12.53 ? 88  LEU A CA  1 
ATOM   329  C C   . LEU A 1 40  ? -8.248  -1.335  7.181   1.00 13.51 ? 88  LEU A C   1 
ATOM   330  O O   . LEU A 1 40  ? -8.782  -0.540  6.402   1.00 12.84 ? 88  LEU A O   1 
ATOM   331  C CB  . LEU A 1 40  ? -6.257  -0.669  8.535   1.00 11.43 ? 88  LEU A CB  1 
ATOM   332  C CG  . LEU A 1 40  ? -5.730  0.588   9.228   1.00 15.46 ? 88  LEU A CG  1 
ATOM   333  C CD1 . LEU A 1 40  ? -6.462  0.820   10.543  1.00 14.18 ? 88  LEU A CD1 1 
ATOM   334  C CD2 . LEU A 1 40  ? -4.234  0.442   9.454   1.00 15.81 ? 88  LEU A CD2 1 
ATOM   335  N N   . VAL A 1 41  ? -8.066  -2.619  6.887   1.00 12.12 ? 89  VAL A N   1 
ATOM   336  C CA  . VAL A 1 41  ? -8.466  -3.163  5.595   1.00 12.63 ? 89  VAL A CA  1 
ATOM   337  C C   . VAL A 1 41  ? -9.952  -2.959  5.294   1.00 14.27 ? 89  VAL A C   1 
ATOM   338  O O   . VAL A 1 41  ? -10.323 -2.621  4.163   1.00 14.82 ? 89  VAL A O   1 
ATOM   339  C CB  . VAL A 1 41  ? -8.110  -4.680  5.495   1.00 10.70 ? 89  VAL A CB  1 
ATOM   340  C CG1 . VAL A 1 41  ? -8.797  -5.316  4.288   1.00 9.44  ? 89  VAL A CG1 1 
ATOM   341  C CG2 . VAL A 1 41  ? -6.593  -4.848  5.392   1.00 9.46  ? 89  VAL A CG2 1 
ATOM   342  N N   . PHE A 1 42  ? -10.804 -3.147  6.300   1.00 14.34 ? 90  PHE A N   1 
ATOM   343  C CA  . PHE A 1 42  ? -12.246 -2.995  6.105   1.00 14.71 ? 90  PHE A CA  1 
ATOM   344  C C   . PHE A 1 42  ? -12.767 -1.623  6.523   1.00 16.68 ? 90  PHE A C   1 
ATOM   345  O O   . PHE A 1 42  ? -13.970 -1.410  6.654   1.00 18.67 ? 90  PHE A O   1 
ATOM   346  C CB  . PHE A 1 42  ? -12.980 -4.116  6.843   1.00 13.20 ? 90  PHE A CB  1 
ATOM   347  C CG  . PHE A 1 42  ? -12.594 -5.477  6.367   1.00 10.68 ? 90  PHE A CG  1 
ATOM   348  C CD1 . PHE A 1 42  ? -11.557 -6.174  6.978   1.00 12.17 ? 90  PHE A CD1 1 
ATOM   349  C CD2 . PHE A 1 42  ? -13.215 -6.040  5.259   1.00 12.07 ? 90  PHE A CD2 1 
ATOM   350  C CE1 . PHE A 1 42  ? -11.138 -7.407  6.490   1.00 11.34 ? 90  PHE A CE1 1 
ATOM   351  C CE2 . PHE A 1 42  ? -12.803 -7.276  4.763   1.00 11.36 ? 90  PHE A CE2 1 
ATOM   352  C CZ  . PHE A 1 42  ? -11.763 -7.957  5.380   1.00 13.57 ? 90  PHE A CZ  1 
ATOM   353  N N   . ASP A 1 43  ? -11.830 -0.698  6.708   1.00 18.71 ? 91  ASP A N   1 
ATOM   354  C CA  . ASP A 1 43  ? -12.095 0.682   7.087   1.00 21.78 ? 91  ASP A CA  1 
ATOM   355  C C   . ASP A 1 43  ? -12.732 1.409   5.900   1.00 23.37 ? 91  ASP A C   1 
ATOM   356  O O   . ASP A 1 43  ? -12.501 1.040   4.746   1.00 22.51 ? 91  ASP A O   1 
ATOM   357  C CB  . ASP A 1 43  ? -10.773 1.358   7.450   1.00 26.90 ? 91  ASP A CB  1 
ATOM   358  C CG  . ASP A 1 43  ? -10.960 2.742   7.994   1.00 32.43 ? 91  ASP A CG  1 
ATOM   359  O OD1 . ASP A 1 43  ? -10.278 3.671   7.509   1.00 36.68 ? 91  ASP A OD1 1 
ATOM   360  O OD2 . ASP A 1 43  ? -11.790 2.902   8.916   1.00 35.66 ? 91  ASP A OD2 1 
ATOM   361  N N   . ARG A 1 44  ? -13.518 2.444   6.182   1.00 22.47 ? 92  ARG A N   1 
ATOM   362  C CA  . ARG A 1 44  ? -14.186 3.201   5.123   1.00 23.75 ? 92  ARG A CA  1 
ATOM   363  C C   . ARG A 1 44  ? -13.252 4.137   4.367   1.00 21.98 ? 92  ARG A C   1 
ATOM   364  O O   . ARG A 1 44  ? -13.588 4.596   3.279   1.00 24.24 ? 92  ARG A O   1 
ATOM   365  C CB  . ARG A 1 44  ? -15.347 4.020   5.700   1.00 24.88 ? 92  ARG A CB  1 
ATOM   366  C CG  . ARG A 1 44  ? -14.912 5.208   6.545   1.00 28.33 ? 92  ARG A CG  1 
ATOM   367  C CD  . ARG A 1 44  ? -16.059 5.704   7.414   1.00 35.79 ? 92  ARG A CD  1 
ATOM   368  N NE  . ARG A 1 44  ? -15.799 7.034   7.959   1.00 41.76 ? 92  ARG A NE  1 
ATOM   369  C CZ  . ARG A 1 44  ? -16.315 8.159   7.467   1.00 45.21 ? 92  ARG A CZ  1 
ATOM   370  N NH1 . ARG A 1 44  ? -17.122 8.118   6.413   1.00 45.85 ? 92  ARG A NH1 1 
ATOM   371  N NH2 . ARG A 1 44  ? -16.020 9.325   8.027   1.00 45.95 ? 92  ARG A NH2 1 
ATOM   372  N N   . HIS A 1 45  ? -12.091 4.424   4.942   1.00 20.05 ? 93  HIS A N   1 
ATOM   373  C CA  . HIS A 1 45  ? -11.124 5.318   4.316   1.00 20.33 ? 93  HIS A CA  1 
ATOM   374  C C   . HIS A 1 45  ? -10.021 4.576   3.562   1.00 19.71 ? 93  HIS A C   1 
ATOM   375  O O   . HIS A 1 45  ? -9.270  5.186   2.799   1.00 19.41 ? 93  HIS A O   1 
ATOM   376  C CB  . HIS A 1 45  ? -10.463 6.202   5.373   1.00 22.75 ? 93  HIS A CB  1 
ATOM   377  C CG  . HIS A 1 45  ? -11.420 7.069   6.127   1.00 27.29 ? 93  HIS A CG  1 
ATOM   378  N ND1 . HIS A 1 45  ? -12.118 8.099   5.534   1.00 27.98 ? 93  HIS A ND1 1 
ATOM   379  C CD2 . HIS A 1 45  ? -11.777 7.075   7.433   1.00 28.96 ? 93  HIS A CD2 1 
ATOM   380  C CE1 . HIS A 1 45  ? -12.865 8.702   6.443   1.00 29.74 ? 93  HIS A CE1 1 
ATOM   381  N NE2 . HIS A 1 45  ? -12.675 8.100   7.603   1.00 29.54 ? 93  HIS A NE2 1 
ATOM   382  N N   . HIS A 1 46  ? -9.919  3.268   3.780   1.00 17.91 ? 94  HIS A N   1 
ATOM   383  C CA  . HIS A 1 46  ? -8.876  2.477   3.144   1.00 16.08 ? 94  HIS A CA  1 
ATOM   384  C C   . HIS A 1 46  ? -9.308  1.733   1.892   1.00 16.72 ? 94  HIS A C   1 
ATOM   385  O O   . HIS A 1 46  ? -10.463 1.322   1.760   1.00 18.14 ? 94  HIS A O   1 
ATOM   386  C CB  . HIS A 1 46  ? -8.286  1.482   4.152   1.00 15.06 ? 94  HIS A CB  1 
ATOM   387  C CG  . HIS A 1 46  ? -7.419  2.124   5.191   1.00 14.97 ? 94  HIS A CG  1 
ATOM   388  N ND1 . HIS A 1 46  ? -7.932  2.877   6.224   1.00 13.95 ? 94  HIS A ND1 1 
ATOM   389  C CD2 . HIS A 1 46  ? -6.073  2.147   5.345   1.00 14.53 ? 94  HIS A CD2 1 
ATOM   390  C CE1 . HIS A 1 46  ? -6.943  3.335   6.970   1.00 14.54 ? 94  HIS A CE1 1 
ATOM   391  N NE2 . HIS A 1 46  ? -5.804  2.906   6.457   1.00 13.96 ? 94  HIS A NE2 1 
ATOM   392  N N   . GLU A 1 47  ? -8.357  1.568   0.976   1.00 14.34 ? 95  GLU A N   1 
ATOM   393  C CA  . GLU A 1 47  ? -8.580  0.858   -0.281  1.00 13.55 ? 95  GLU A CA  1 
ATOM   394  C C   . GLU A 1 47  ? -7.423  -0.109  -0.467  1.00 11.46 ? 95  GLU A C   1 
ATOM   395  O O   . GLU A 1 47  ? -6.351  0.087   0.102   1.00 11.68 ? 95  GLU A O   1 
ATOM   396  C CB  . GLU A 1 47  ? -8.607  1.829   -1.471  1.00 12.18 ? 95  GLU A CB  1 
ATOM   397  C CG  . GLU A 1 47  ? -9.484  3.064   -1.293  1.00 15.44 ? 95  GLU A CG  1 
ATOM   398  C CD  . GLU A 1 47  ? -9.323  4.056   -2.443  1.00 13.72 ? 95  GLU A CD  1 
ATOM   399  O OE1 . GLU A 1 47  ? -8.971  5.226   -2.192  1.00 15.48 ? 95  GLU A OE1 1 
ATOM   400  O OE2 . GLU A 1 47  ? -9.544  3.651   -3.596  1.00 15.64 ? 95  GLU A OE2 1 
ATOM   401  N N   . SER A 1 48  ? -7.636  -1.150  -1.263  1.00 11.26 ? 96  SER A N   1 
ATOM   402  C CA  . SER A 1 48  ? -6.585  -2.131  -1.516  1.00 11.82 ? 96  SER A CA  1 
ATOM   403  C C   . SER A 1 48  ? -6.466  -2.490  -2.997  1.00 11.88 ? 96  SER A C   1 
ATOM   404  O O   . SER A 1 48  ? -7.474  -2.739  -3.652  1.00 13.63 ? 96  SER A O   1 
ATOM   405  C CB  . SER A 1 48  ? -6.855  -3.429  -0.735  1.00 14.14 ? 96  SER A CB  1 
ATOM   406  O OG  . SER A 1 48  ? -6.901  -3.224  0.666   1.00 13.06 ? 96  SER A OG  1 
ATOM   407  N N   . MET A 1 49  ? -5.243  -2.488  -3.524  1.00 11.50 ? 97  MET A N   1 
ATOM   408  C CA  . MET A 1 49  ? -5.003  -2.915  -4.900  1.00 10.21 ? 97  MET A CA  1 
ATOM   409  C C   . MET A 1 49  ? -4.429  -4.310  -4.675  1.00 11.38 ? 97  MET A C   1 
ATOM   410  O O   . MET A 1 49  ? -3.467  -4.474  -3.915  1.00 11.24 ? 97  MET A O   1 
ATOM   411  C CB  . MET A 1 49  ? -3.950  -2.050  -5.634  1.00 10.99 ? 97  MET A CB  1 
ATOM   412  C CG  . MET A 1 49  ? -3.574  -2.625  -7.044  1.00 15.55 ? 97  MET A CG  1 
ATOM   413  S SD  . MET A 1 49  ? -2.385  -1.469  -7.808  1.00 19.06 ? 97  MET A SD  1 
ATOM   414  C CE  . MET A 1 49  ? -3.754  -0.115  -8.528  1.00 14.28 ? 97  MET A CE  1 
ATOM   415  N N   . VAL A 1 50  ? -5.019  -5.322  -5.296  1.00 11.30 ? 98  VAL A N   1 
ATOM   416  C CA  . VAL A 1 50  ? -4.506  -6.672  -5.116  1.00 13.30 ? 98  VAL A CA  1 
ATOM   417  C C   . VAL A 1 50  ? -3.876  -7.197  -6.394  1.00 15.48 ? 98  VAL A C   1 
ATOM   418  O O   . VAL A 1 50  ? -4.203  -6.732  -7.493  1.00 15.89 ? 98  VAL A O   1 
ATOM   419  C CB  . VAL A 1 50  ? -5.620  -7.664  -4.710  1.00 14.07 ? 98  VAL A CB  1 
ATOM   420  C CG1 . VAL A 1 50  ? -6.128  -7.348  -3.318  1.00 12.69 ? 98  VAL A CG1 1 
ATOM   421  C CG2 . VAL A 1 50  ? -6.755  -7.610  -5.723  1.00 12.09 ? 98  VAL A CG2 1 
ATOM   422  N N   . ILE A 1 51  ? -2.959  -8.151  -6.230  1.00 15.87 ? 99  ILE A N   1 
ATOM   423  C CA  . ILE A 1 51  ? -2.307  -8.823  -7.350  1.00 15.04 ? 99  ILE A CA  1 
ATOM   424  C C   . ILE A 1 51  ? -3.136  -10.093 -7.467  1.00 16.02 ? 99  ILE A C   1 
ATOM   425  O O   . ILE A 1 51  ? -3.019  -10.998 -6.645  1.00 15.44 ? 99  ILE A O   1 
ATOM   426  C CB  . ILE A 1 51  ? -0.846  -9.228  -7.046  1.00 14.10 ? 99  ILE A CB  1 
ATOM   427  C CG1 . ILE A 1 51  ? -0.011  -8.000  -6.692  1.00 12.41 ? 99  ILE A CG1 1 
ATOM   428  C CG2 . ILE A 1 51  ? -0.248  -9.927  -8.255  1.00 13.31 ? 99  ILE A CG2 1 
ATOM   429  C CD1 . ILE A 1 51  ? 1.360   -8.341  -6.182  1.00 12.29 ? 99  ILE A CD1 1 
ATOM   430  N N   . LEU A 1 52  ? -3.994  -10.132 -8.476  1.00 17.28 ? 100 LEU A N   1 
ATOM   431  C CA  . LEU A 1 52  ? -4.879  -11.259 -8.717  1.00 20.20 ? 100 LEU A CA  1 
ATOM   432  C C   . LEU A 1 52  ? -4.274  -12.248 -9.709  1.00 21.07 ? 100 LEU A C   1 
ATOM   433  O O   . LEU A 1 52  ? -3.970  -11.892 -10.839 1.00 22.98 ? 100 LEU A O   1 
ATOM   434  C CB  . LEU A 1 52  ? -6.206  -10.736 -9.258  1.00 21.63 ? 100 LEU A CB  1 
ATOM   435  C CG  . LEU A 1 52  ? -7.485  -11.469 -8.881  1.00 24.77 ? 100 LEU A CG  1 
ATOM   436  C CD1 . LEU A 1 52  ? -7.581  -11.607 -7.368  1.00 24.49 ? 100 LEU A CD1 1 
ATOM   437  C CD2 . LEU A 1 52  ? -8.666  -10.690 -9.436  1.00 26.96 ? 100 LEU A CD2 1 
ATOM   438  N N   . LYS A 1 53  ? -4.105  -13.491 -9.279  1.00 22.12 ? 101 LYS A N   1 
ATOM   439  C CA  . LYS A 1 53  ? -3.542  -14.524 -10.131 1.00 24.86 ? 101 LYS A CA  1 
ATOM   440  C C   . LYS A 1 53  ? -4.655  -15.433 -10.643 1.00 27.68 ? 101 LYS A C   1 
ATOM   441  O O   . LYS A 1 53  ? -5.411  -16.004 -9.861  1.00 29.42 ? 101 LYS A O   1 
ATOM   442  C CB  . LYS A 1 53  ? -2.523  -15.352 -9.346  1.00 23.79 ? 101 LYS A CB  1 
ATOM   443  C CG  . LYS A 1 53  ? -1.479  -16.033 -10.203 1.00 24.59 ? 101 LYS A CG  1 
ATOM   444  C CD  . LYS A 1 53  ? -0.796  -17.161 -9.449  1.00 24.71 ? 101 LYS A CD  1 
ATOM   445  C CE  . LYS A 1 53  ? -0.153  -18.157 -10.407 1.00 26.97 ? 101 LYS A CE  1 
ATOM   446  N NZ  . LYS A 1 53  ? 1.209   -18.564 -9.959  1.00 25.82 ? 101 LYS A NZ  1 
ATOM   447  N N   . ASN A 1 54  ? -4.769  -15.551 -11.959 1.00 29.77 ? 102 ASN A N   1 
ATOM   448  C CA  . ASN A 1 54  ? -5.785  -16.408 -12.555 1.00 31.88 ? 102 ASN A CA  1 
ATOM   449  C C   . ASN A 1 54  ? -7.221  -16.029 -12.210 1.00 32.60 ? 102 ASN A C   1 
ATOM   450  O O   . ASN A 1 54  ? -8.085  -16.897 -12.071 1.00 33.17 ? 102 ASN A O   1 
ATOM   451  C CB  . ASN A 1 54  ? -5.529  -17.858 -12.158 1.00 34.21 ? 102 ASN A CB  1 
ATOM   452  C CG  . ASN A 1 54  ? -4.638  -18.574 -13.144 1.00 38.14 ? 102 ASN A CG  1 
ATOM   453  O OD1 . ASN A 1 54  ? -4.990  -18.721 -14.315 1.00 41.43 ? 102 ASN A OD1 1 
ATOM   454  N ND2 . ASN A 1 54  ? -3.474  -19.019 -12.681 1.00 38.54 ? 102 ASN A ND2 1 
ATOM   455  N N   . LYS A 1 55  ? -7.467  -14.730 -12.068 1.00 32.70 ? 103 LYS A N   1 
ATOM   456  C CA  . LYS A 1 55  ? -8.800  -14.211 -11.776 1.00 33.03 ? 103 LYS A CA  1 
ATOM   457  C C   . LYS A 1 55  ? -9.371  -14.471 -10.383 1.00 32.81 ? 103 LYS A C   1 
ATOM   458  O O   . LYS A 1 55  ? -10.461 -13.987 -10.072 1.00 32.96 ? 103 LYS A O   1 
ATOM   459  C CB  . LYS A 1 55  ? -9.800  -14.730 -12.819 1.00 34.18 ? 103 LYS A CB  1 
ATOM   460  C CG  . LYS A 1 55  ? -9.284  -14.701 -14.255 1.00 36.48 ? 103 LYS A CG  1 
ATOM   461  C CD  . LYS A 1 55  ? -9.812  -13.494 -15.020 1.00 38.77 ? 103 LYS A CD  1 
ATOM   462  C CE  . LYS A 1 55  ? -9.164  -12.200 -14.537 1.00 41.12 ? 103 LYS A CE  1 
ATOM   463  N NZ  . LYS A 1 55  ? -9.437  -11.049 -15.448 1.00 41.82 ? 103 LYS A NZ  1 
ATOM   464  N N   . GLN A 1 56  ? -8.668  -15.217 -9.535  1.00 31.85 ? 104 GLN A N   1 
ATOM   465  C CA  . GLN A 1 56  ? -9.222  -15.469 -8.211  1.00 31.21 ? 104 GLN A CA  1 
ATOM   466  C C   . GLN A 1 56  ? -8.250  -15.688 -7.061  1.00 29.15 ? 104 GLN A C   1 
ATOM   467  O O   . GLN A 1 56  ? -8.667  -15.725 -5.904  1.00 28.39 ? 104 GLN A O   1 
ATOM   468  C CB  . GLN A 1 56  ? -10.186 -16.656 -8.260  1.00 34.14 ? 104 GLN A CB  1 
ATOM   469  C CG  . GLN A 1 56  ? -10.073 -17.513 -9.496  1.00 39.33 ? 104 GLN A CG  1 
ATOM   470  C CD  . GLN A 1 56  ? -11.433 -17.884 -10.048 1.00 42.57 ? 104 GLN A CD  1 
ATOM   471  O OE1 . GLN A 1 56  ? -12.249 -17.013 -10.357 1.00 43.54 ? 104 GLN A OE1 1 
ATOM   472  N NE2 . GLN A 1 56  ? -11.686 -19.183 -10.172 1.00 43.62 ? 104 GLN A NE2 1 
ATOM   473  N N   . LYS A 1 57  ? -6.966  -15.836 -7.362  1.00 25.72 ? 105 LYS A N   1 
ATOM   474  C CA  . LYS A 1 57  ? -5.984  -16.057 -6.308  1.00 24.30 ? 105 LYS A CA  1 
ATOM   475  C C   . LYS A 1 57  ? -5.178  -14.809 -5.991  1.00 22.34 ? 105 LYS A C   1 
ATOM   476  O O   . LYS A 1 57  ? -4.314  -14.414 -6.766  1.00 21.59 ? 105 LYS A O   1 
ATOM   477  C CB  . LYS A 1 57  ? -5.030  -17.179 -6.709  1.00 24.85 ? 105 LYS A CB  1 
ATOM   478  C CG  . LYS A 1 57  ? -4.129  -17.648 -5.591  1.00 29.89 ? 105 LYS A CG  1 
ATOM   479  C CD  . LYS A 1 57  ? -4.417  -19.101 -5.247  1.00 33.75 ? 105 LYS A CD  1 
ATOM   480  C CE  . LYS A 1 57  ? -3.242  -19.747 -4.524  1.00 35.44 ? 105 LYS A CE  1 
ATOM   481  N NZ  . LYS A 1 57  ? -3.039  -21.162 -4.956  1.00 37.99 ? 105 LYS A NZ  1 
ATOM   482  N N   . VAL A 1 58  ? -5.453  -14.173 -4.858  1.00 19.62 ? 106 VAL A N   1 
ATOM   483  C CA  . VAL A 1 58  ? -4.684  -12.993 -4.514  1.00 17.54 ? 106 VAL A CA  1 
ATOM   484  C C   . VAL A 1 58  ? -3.339  -13.478 -3.988  1.00 17.55 ? 106 VAL A C   1 
ATOM   485  O O   . VAL A 1 58  ? -3.278  -14.394 -3.162  1.00 17.13 ? 106 VAL A O   1 
ATOM   486  C CB  . VAL A 1 58  ? -5.416  -12.101 -3.469  1.00 18.21 ? 106 VAL A CB  1 
ATOM   487  C CG1 . VAL A 1 58  ? -6.637  -12.800 -2.956  1.00 19.58 ? 106 VAL A CG1 1 
ATOM   488  C CG2 . VAL A 1 58  ? -4.479  -11.706 -2.344  1.00 17.52 ? 106 VAL A CG2 1 
ATOM   489  N N   . ILE A 1 59  ? -2.260  -12.887 -4.494  1.00 14.65 ? 107 ILE A N   1 
ATOM   490  C CA  . ILE A 1 59  ? -0.920  -13.272 -4.075  1.00 13.30 ? 107 ILE A CA  1 
ATOM   491  C C   . ILE A 1 59  ? -0.157  -12.093 -3.499  1.00 12.59 ? 107 ILE A C   1 
ATOM   492  O O   . ILE A 1 59  ? 1.032   -12.194 -3.215  1.00 13.75 ? 107 ILE A O   1 
ATOM   493  C CB  . ILE A 1 59  ? -0.105  -13.870 -5.254  1.00 14.42 ? 107 ILE A CB  1 
ATOM   494  C CG1 . ILE A 1 59  ? 0.013   -12.848 -6.393  1.00 15.36 ? 107 ILE A CG1 1 
ATOM   495  C CG2 . ILE A 1 59  ? -0.777  -15.141 -5.756  1.00 13.10 ? 107 ILE A CG2 1 
ATOM   496  C CD1 . ILE A 1 59  ? 0.891   -13.312 -7.559  1.00 14.07 ? 107 ILE A CD1 1 
ATOM   497  N N   . GLY A 1 60  ? -0.844  -10.974 -3.323  1.00 11.13 ? 108 GLY A N   1 
ATOM   498  C CA  . GLY A 1 60  ? -0.197  -9.803  -2.770  1.00 8.42  ? 108 GLY A CA  1 
ATOM   499  C C   . GLY A 1 60  ? -1.081  -8.591  -2.918  1.00 7.11  ? 108 GLY A C   1 
ATOM   500  O O   . GLY A 1 60  ? -2.160  -8.673  -3.501  1.00 9.20  ? 108 GLY A O   1 
ATOM   501  N N   . GLY A 1 61  ? -0.631  -7.462  -2.391  1.00 8.18  ? 109 GLY A N   1 
ATOM   502  C CA  . GLY A 1 61  ? -1.421  -6.256  -2.498  1.00 7.44  ? 109 GLY A CA  1 
ATOM   503  C C   . GLY A 1 61  ? -0.901  -5.106  -1.668  1.00 7.13  ? 109 GLY A C   1 
ATOM   504  O O   . GLY A 1 61  ? 0.077   -5.235  -0.938  1.00 7.53  ? 109 GLY A O   1 
ATOM   505  N N   . ILE A 1 62  ? -1.565  -3.965  -1.809  1.00 8.61  ? 110 ILE A N   1 
ATOM   506  C CA  . ILE A 1 62  ? -1.220  -2.750  -1.087  1.00 10.58 ? 110 ILE A CA  1 
ATOM   507  C C   . ILE A 1 62  ? -2.504  -2.185  -0.489  1.00 11.09 ? 110 ILE A C   1 
ATOM   508  O O   . ILE A 1 62  ? -3.496  -2.026  -1.202  1.00 11.56 ? 110 ILE A O   1 
ATOM   509  C CB  . ILE A 1 62  ? -0.642  -1.665  -2.028  1.00 12.64 ? 110 ILE A CB  1 
ATOM   510  C CG1 . ILE A 1 62  ? 0.755   -2.052  -2.511  1.00 13.88 ? 110 ILE A CG1 1 
ATOM   511  C CG2 . ILE A 1 62  ? -0.558  -0.342  -1.300  1.00 13.46 ? 110 ILE A CG2 1 
ATOM   512  C CD1 . ILE A 1 62  ? 1.340   -1.050  -3.522  1.00 15.71 ? 110 ILE A CD1 1 
ATOM   513  N N   . CYS A 1 63  ? -2.494  -1.899  0.810   1.00 10.11 ? 111 CYS A N   1 
ATOM   514  C CA  . CYS A 1 63  ? -3.657  -1.309  1.459   1.00 9.10  ? 111 CYS A CA  1 
ATOM   515  C C   . CYS A 1 63  ? -3.237  0.123   1.713   1.00 7.35  ? 111 CYS A C   1 
ATOM   516  O O   . CYS A 1 63  ? -2.222  0.370   2.363   1.00 7.79  ? 111 CYS A O   1 
ATOM   517  C CB  . CYS A 1 63  ? -3.983  -2.011  2.775   1.00 9.03  ? 111 CYS A CB  1 
ATOM   518  S SG  . CYS A 1 63  ? -5.398  -1.264  3.629   1.00 11.93 ? 111 CYS A SG  1 
ATOM   519  N N   . PHE A 1 64  ? -4.010  1.068   1.189   1.00 8.07  ? 112 PHE A N   1 
ATOM   520  C CA  . PHE A 1 64  ? -3.667  2.474   1.307   1.00 8.83  ? 112 PHE A CA  1 
ATOM   521  C C   . PHE A 1 64  ? -4.828  3.367   1.700   1.00 9.16  ? 112 PHE A C   1 
ATOM   522  O O   . PHE A 1 64  ? -5.995  2.983   1.603   1.00 10.20 ? 112 PHE A O   1 
ATOM   523  C CB  . PHE A 1 64  ? -3.086  2.969   -0.024  1.00 9.71  ? 112 PHE A CB  1 
ATOM   524  C CG  . PHE A 1 64  ? -4.027  2.809   -1.198  1.00 8.93  ? 112 PHE A CG  1 
ATOM   525  C CD1 . PHE A 1 64  ? -4.761  3.898   -1.673  1.00 8.09  ? 112 PHE A CD1 1 
ATOM   526  C CD2 . PHE A 1 64  ? -4.178  1.573   -1.828  1.00 7.59  ? 112 PHE A CD2 1 
ATOM   527  C CE1 . PHE A 1 64  ? -5.631  3.749   -2.761  1.00 9.49  ? 112 PHE A CE1 1 
ATOM   528  C CE2 . PHE A 1 64  ? -5.044  1.412   -2.915  1.00 8.12  ? 112 PHE A CE2 1 
ATOM   529  C CZ  . PHE A 1 64  ? -5.770  2.499   -3.382  1.00 9.48  ? 112 PHE A CZ  1 
ATOM   530  N N   . ARG A 1 65  ? -4.482  4.573   2.132   1.00 9.62  ? 113 ARG A N   1 
ATOM   531  C CA  . ARG A 1 65  ? -5.459  5.561   2.557   1.00 12.35 ? 113 ARG A CA  1 
ATOM   532  C C   . ARG A 1 65  ? -5.153  6.912   1.907   1.00 11.16 ? 113 ARG A C   1 
ATOM   533  O O   . ARG A 1 65  ? -4.146  7.550   2.215   1.00 10.92 ? 113 ARG A O   1 
ATOM   534  C CB  . ARG A 1 65  ? -5.426  5.694   4.082   1.00 13.79 ? 113 ARG A CB  1 
ATOM   535  C CG  . ARG A 1 65  ? -6.735  6.132   4.698   1.00 18.70 ? 113 ARG A CG  1 
ATOM   536  C CD  . ARG A 1 65  ? -6.787  7.634   4.804   1.00 21.76 ? 113 ARG A CD  1 
ATOM   537  N NE  . ARG A 1 65  ? -7.515  8.085   5.984   1.00 22.76 ? 113 ARG A NE  1 
ATOM   538  C CZ  . ARG A 1 65  ? -8.372  9.102   5.990   1.00 27.43 ? 113 ARG A CZ  1 
ATOM   539  N NH1 . ARG A 1 65  ? -8.617  9.782   4.869   1.00 26.03 ? 113 ARG A NH1 1 
ATOM   540  N NH2 . ARG A 1 65  ? -8.982  9.444   7.120   1.00 27.30 ? 113 ARG A NH2 1 
ATOM   541  N N   . GLN A 1 66  ? -6.027  7.338   1.002   1.00 11.53 ? 114 GLN A N   1 
ATOM   542  C CA  . GLN A 1 66  ? -5.845  8.606   0.310   1.00 11.91 ? 114 GLN A CA  1 
ATOM   543  C C   . GLN A 1 66  ? -6.333  9.805   1.114   1.00 12.29 ? 114 GLN A C   1 
ATOM   544  O O   . GLN A 1 66  ? -7.389  9.751   1.743   1.00 14.01 ? 114 GLN A O   1 
ATOM   545  C CB  . GLN A 1 66  ? -6.623  8.618   -1.013  1.00 9.87  ? 114 GLN A CB  1 
ATOM   546  C CG  . GLN A 1 66  ? -6.219  7.598   -2.053  1.00 10.02 ? 114 GLN A CG  1 
ATOM   547  C CD  . GLN A 1 66  ? -6.888  7.884   -3.396  1.00 10.81 ? 114 GLN A CD  1 
ATOM   548  O OE1 . GLN A 1 66  ? -7.722  7.111   -3.870  1.00 13.36 ? 114 GLN A OE1 1 
ATOM   549  N NE2 . GLN A 1 66  ? -6.532  9.006   -4.002  1.00 9.22  ? 114 GLN A NE2 1 
ATOM   550  N N   . TYR A 1 67  ? -5.558  10.880  1.089   1.00 11.90 ? 115 TYR A N   1 
ATOM   551  C CA  . TYR A 1 67  ? -5.952  12.133  1.719   1.00 13.01 ? 115 TYR A CA  1 
ATOM   552  C C   . TYR A 1 67  ? -6.063  13.009  0.463   1.00 14.04 ? 115 TYR A C   1 
ATOM   553  O O   . TYR A 1 67  ? -5.188  13.808  0.136   1.00 13.00 ? 115 TYR A O   1 
ATOM   554  C CB  . TYR A 1 67  ? -4.874  12.609  2.692   1.00 12.89 ? 115 TYR A CB  1 
ATOM   555  C CG  . TYR A 1 67  ? -4.800  11.719  3.920   1.00 15.78 ? 115 TYR A CG  1 
ATOM   556  C CD1 . TYR A 1 67  ? -3.962  10.600  3.946   1.00 15.45 ? 115 TYR A CD1 1 
ATOM   557  C CD2 . TYR A 1 67  ? -5.610  11.961  5.037   1.00 14.87 ? 115 TYR A CD2 1 
ATOM   558  C CE1 . TYR A 1 67  ? -3.934  9.739   5.053   1.00 16.13 ? 115 TYR A CE1 1 
ATOM   559  C CE2 . TYR A 1 67  ? -5.591  11.105  6.151   1.00 13.51 ? 115 TYR A CE2 1 
ATOM   560  C CZ  . TYR A 1 67  ? -4.754  9.999   6.150   1.00 16.12 ? 115 TYR A CZ  1 
ATOM   561  O OH  . TYR A 1 67  ? -4.742  9.140   7.229   1.00 16.40 ? 115 TYR A OH  1 
ATOM   562  N N   . LYS A 1 68  ? -7.160  12.787  -0.252  1.00 16.12 ? 116 LYS A N   1 
ATOM   563  C CA  . LYS A 1 68  ? -7.460  13.436  -1.522  1.00 16.06 ? 116 LYS A CA  1 
ATOM   564  C C   . LYS A 1 68  ? -7.224  14.936  -1.666  1.00 15.69 ? 116 LYS A C   1 
ATOM   565  O O   . LYS A 1 68  ? -6.458  15.355  -2.538  1.00 15.33 ? 116 LYS A O   1 
ATOM   566  C CB  . LYS A 1 68  ? -8.880  13.060  -1.938  1.00 14.43 ? 116 LYS A CB  1 
ATOM   567  C CG  . LYS A 1 68  ? -9.077  11.549  -1.977  1.00 16.63 ? 116 LYS A CG  1 
ATOM   568  C CD  . LYS A 1 68  ? -10.394 11.139  -2.614  1.00 19.32 ? 116 LYS A CD  1 
ATOM   569  C CE  . LYS A 1 68  ? -10.839 9.784   -2.081  1.00 22.02 ? 116 LYS A CE  1 
ATOM   570  N NZ  . LYS A 1 68  ? -11.380 8.891   -3.140  1.00 24.15 ? 116 LYS A NZ  1 
ATOM   571  N N   . PRO A 1 69  ? -7.878  15.769  -0.837  1.00 15.76 ? 117 PRO A N   1 
ATOM   572  C CA  . PRO A 1 69  ? -7.638  17.211  -0.986  1.00 14.92 ? 117 PRO A CA  1 
ATOM   573  C C   . PRO A 1 69  ? -6.193  17.597  -0.698  1.00 14.91 ? 117 PRO A C   1 
ATOM   574  O O   . PRO A 1 69  ? -5.696  18.584  -1.230  1.00 15.03 ? 117 PRO A O   1 
ATOM   575  C CB  . PRO A 1 69  ? -8.610  17.850  0.012   1.00 14.23 ? 117 PRO A CB  1 
ATOM   576  C CG  . PRO A 1 69  ? -9.612  16.783  0.315   1.00 13.77 ? 117 PRO A CG  1 
ATOM   577  C CD  . PRO A 1 69  ? -8.863  15.486  0.219   1.00 14.38 ? 117 PRO A CD  1 
ATOM   578  N N   . GLN A 1 70  ? -5.522  16.816  0.144   1.00 13.13 ? 118 GLN A N   1 
ATOM   579  C CA  . GLN A 1 70  ? -4.132  17.089  0.505   1.00 13.05 ? 118 GLN A CA  1 
ATOM   580  C C   . GLN A 1 70  ? -3.163  16.565  -0.545  1.00 12.05 ? 118 GLN A C   1 
ATOM   581  O O   . GLN A 1 70  ? -1.984  16.920  -0.544  1.00 12.76 ? 118 GLN A O   1 
ATOM   582  C CB  . GLN A 1 70  ? -3.797  16.458  1.856   1.00 12.95 ? 118 GLN A CB  1 
ATOM   583  C CG  . GLN A 1 70  ? -4.529  17.073  3.025   1.00 13.66 ? 118 GLN A CG  1 
ATOM   584  C CD  . GLN A 1 70  ? -6.013  16.795  2.986   1.00 12.86 ? 118 GLN A CD  1 
ATOM   585  O OE1 . GLN A 1 70  ? -6.445  15.677  2.695   1.00 14.87 ? 118 GLN A OE1 1 
ATOM   586  N NE2 . GLN A 1 70  ? -6.810  17.816  3.279   1.00 15.79 ? 118 GLN A NE2 1 
ATOM   587  N N   . ARG A 1 71  ? -3.663  15.704  -1.425  1.00 13.66 ? 119 ARG A N   1 
ATOM   588  C CA  . ARG A 1 71  ? -2.856  15.144  -2.501  1.00 13.96 ? 119 ARG A CA  1 
ATOM   589  C C   . ARG A 1 71  ? -1.727  14.195  -2.079  1.00 14.57 ? 119 ARG A C   1 
ATOM   590  O O   . ARG A 1 71  ? -0.691  14.111  -2.741  1.00 14.39 ? 119 ARG A O   1 
ATOM   591  C CB  . ARG A 1 71  ? -2.292  16.278  -3.365  1.00 15.91 ? 119 ARG A CB  1 
ATOM   592  C CG  . ARG A 1 71  ? -3.363  17.236  -3.877  1.00 21.04 ? 119 ARG A CG  1 
ATOM   593  C CD  . ARG A 1 71  ? -2.914  17.978  -5.120  1.00 20.64 ? 119 ARG A CD  1 
ATOM   594  N NE  . ARG A 1 71  ? -2.993  17.110  -6.288  1.00 27.30 ? 119 ARG A NE  1 
ATOM   595  C CZ  . ARG A 1 71  ? -2.148  17.153  -7.314  1.00 30.52 ? 119 ARG A CZ  1 
ATOM   596  N NH1 . ARG A 1 71  ? -1.146  18.028  -7.320  1.00 29.64 ? 119 ARG A NH1 1 
ATOM   597  N NH2 . ARG A 1 71  ? -2.305  16.312  -8.332  1.00 28.88 ? 119 ARG A NH2 1 
ATOM   598  N N   . PHE A 1 72  ? -1.901  13.504  -0.958  1.00 14.08 ? 120 PHE A N   1 
ATOM   599  C CA  . PHE A 1 72  ? -0.905  12.516  -0.559  1.00 13.15 ? 120 PHE A CA  1 
ATOM   600  C C   . PHE A 1 72  ? -1.653  11.291  -0.054  1.00 11.67 ? 120 PHE A C   1 
ATOM   601  O O   . PHE A 1 72  ? -2.837  11.373  0.261   1.00 13.21 ? 120 PHE A O   1 
ATOM   602  C CB  . PHE A 1 72  ? 0.103   13.063  0.482   1.00 12.85 ? 120 PHE A CB  1 
ATOM   603  C CG  . PHE A 1 72  ? -0.513  13.586  1.755   1.00 13.93 ? 120 PHE A CG  1 
ATOM   604  C CD1 . PHE A 1 72  ? -1.099  12.721  2.677   1.00 16.94 ? 120 PHE A CD1 1 
ATOM   605  C CD2 . PHE A 1 72  ? -0.445  14.941  2.062   1.00 15.05 ? 120 PHE A CD2 1 
ATOM   606  C CE1 . PHE A 1 72  ? -1.605  13.201  3.888   1.00 14.47 ? 120 PHE A CE1 1 
ATOM   607  C CE2 . PHE A 1 72  ? -0.948  15.434  3.272   1.00 15.26 ? 120 PHE A CE2 1 
ATOM   608  C CZ  . PHE A 1 72  ? -1.528  14.560  4.184   1.00 14.64 ? 120 PHE A CZ  1 
ATOM   609  N N   . ALA A 1 73  ? -0.987  10.145  -0.032  1.00 11.09 ? 121 ALA A N   1 
ATOM   610  C CA  . ALA A 1 73  ? -1.632  8.919   0.429   1.00 10.26 ? 121 ALA A CA  1 
ATOM   611  C C   . ALA A 1 73  ? -0.676  8.133   1.303   1.00 10.90 ? 121 ALA A C   1 
ATOM   612  O O   . ALA A 1 73  ? 0.538   8.223   1.141   1.00 11.06 ? 121 ALA A O   1 
ATOM   613  C CB  . ALA A 1 73  ? -2.063  8.064   -0.764  1.00 8.54  ? 121 ALA A CB  1 
ATOM   614  N N   . GLU A 1 74  ? -1.218  7.366   2.239   1.00 10.34 ? 122 GLU A N   1 
ATOM   615  C CA  . GLU A 1 74  ? -0.357  6.555   3.089   1.00 11.33 ? 122 GLU A CA  1 
ATOM   616  C C   . GLU A 1 74  ? -0.508  5.093   2.704   1.00 10.68 ? 122 GLU A C   1 
ATOM   617  O O   . GLU A 1 74  ? -1.623  4.607   2.494   1.00 11.00 ? 122 GLU A O   1 
ATOM   618  C CB  . GLU A 1 74  ? -0.702  6.726   4.574   1.00 12.02 ? 122 GLU A CB  1 
ATOM   619  C CG  . GLU A 1 74  ? 0.346   6.097   5.486   1.00 14.93 ? 122 GLU A CG  1 
ATOM   620  C CD  . GLU A 1 74  ? -0.080  5.992   6.946   1.00 16.66 ? 122 GLU A CD  1 
ATOM   621  O OE1 . GLU A 1 74  ? -0.880  6.827   7.419   1.00 15.05 ? 122 GLU A OE1 1 
ATOM   622  O OE2 . GLU A 1 74  ? 0.402   5.061   7.623   1.00 16.99 ? 122 GLU A OE2 1 
ATOM   623  N N   . VAL A 1 75  ? 0.622   4.404   2.570   1.00 9.62  ? 123 VAL A N   1 
ATOM   624  C CA  . VAL A 1 75  ? 0.599   2.985   2.261   1.00 10.03 ? 123 VAL A CA  1 
ATOM   625  C C   . VAL A 1 75  ? 0.601   2.321   3.641   1.00 10.89 ? 123 VAL A C   1 
ATOM   626  O O   . VAL A 1 75  ? 1.616   2.325   4.337   1.00 11.98 ? 123 VAL A O   1 
ATOM   627  C CB  . VAL A 1 75  ? 1.854   2.547   1.478   1.00 11.20 ? 123 VAL A CB  1 
ATOM   628  C CG1 . VAL A 1 75  ? 1.956   1.024   1.456   1.00 8.07  ? 123 VAL A CG1 1 
ATOM   629  C CG2 . VAL A 1 75  ? 1.793   3.101   0.049   1.00 13.57 ? 123 VAL A CG2 1 
ATOM   630  N N   . ALA A 1 76  ? -0.548  1.789   4.044   1.00 11.60 ? 124 ALA A N   1 
ATOM   631  C CA  . ALA A 1 76  ? -0.663  1.144   5.343   1.00 11.72 ? 124 ALA A CA  1 
ATOM   632  C C   . ALA A 1 76  ? 0.033   -0.214  5.352   1.00 10.89 ? 124 ALA A C   1 
ATOM   633  O O   . ALA A 1 76  ? 0.872   -0.477  6.206   1.00 12.32 ? 124 ALA A O   1 
ATOM   634  C CB  . ALA A 1 76  ? -2.131  0.992   5.717   1.00 12.08 ? 124 ALA A CB  1 
ATOM   635  N N   . PHE A 1 77  ? -0.311  -1.074  4.402   1.00 9.73  ? 125 PHE A N   1 
ATOM   636  C CA  . PHE A 1 77  ? 0.297   -2.402  4.322   1.00 10.41 ? 125 PHE A CA  1 
ATOM   637  C C   . PHE A 1 77  ? 0.660   -2.751  2.881   1.00 10.97 ? 125 PHE A C   1 
ATOM   638  O O   . PHE A 1 77  ? -0.034  -2.361  1.946   1.00 11.20 ? 125 PHE A O   1 
ATOM   639  C CB  . PHE A 1 77  ? -0.666  -3.479  4.845   1.00 9.31  ? 125 PHE A CB  1 
ATOM   640  C CG  . PHE A 1 77  ? -1.284  -3.156  6.176   1.00 10.29 ? 125 PHE A CG  1 
ATOM   641  C CD1 . PHE A 1 77  ? -2.656  -2.974  6.288   1.00 9.72  ? 125 PHE A CD1 1 
ATOM   642  C CD2 . PHE A 1 77  ? -0.495  -3.058  7.318   1.00 11.07 ? 125 PHE A CD2 1 
ATOM   643  C CE1 . PHE A 1 77  ? -3.237  -2.700  7.522   1.00 12.39 ? 125 PHE A CE1 1 
ATOM   644  C CE2 . PHE A 1 77  ? -1.064  -2.786  8.552   1.00 9.14  ? 125 PHE A CE2 1 
ATOM   645  C CZ  . PHE A 1 77  ? -2.437  -2.605  8.657   1.00 10.83 ? 125 PHE A CZ  1 
ATOM   646  N N   . LEU A 1 78  ? 1.738   -3.505  2.717   1.00 9.98  ? 126 LEU A N   1 
ATOM   647  C CA  . LEU A 1 78  ? 2.187   -3.933  1.397   1.00 11.20 ? 126 LEU A CA  1 
ATOM   648  C C   . LEU A 1 78  ? 2.871   -5.284  1.544   1.00 11.41 ? 126 LEU A C   1 
ATOM   649  O O   . LEU A 1 78  ? 3.719   -5.459  2.416   1.00 12.31 ? 126 LEU A O   1 
ATOM   650  C CB  . LEU A 1 78  ? 3.175   -2.915  0.811   1.00 10.60 ? 126 LEU A CB  1 
ATOM   651  C CG  . LEU A 1 78  ? 3.696   -3.176  -0.611  1.00 11.66 ? 126 LEU A CG  1 
ATOM   652  C CD1 . LEU A 1 78  ? 4.087   -1.850  -1.263  1.00 10.58 ? 126 LEU A CD1 1 
ATOM   653  C CD2 . LEU A 1 78  ? 4.893   -4.115  -0.562  1.00 11.38 ? 126 LEU A CD2 1 
ATOM   654  N N   . ALA A 1 79  ? 2.505   -6.242  0.705   1.00 11.19 ? 127 ALA A N   1 
ATOM   655  C CA  . ALA A 1 79  ? 3.135   -7.553  0.778   1.00 11.98 ? 127 ALA A CA  1 
ATOM   656  C C   . ALA A 1 79  ? 2.840   -8.435  -0.418  1.00 11.21 ? 127 ALA A C   1 
ATOM   657  O O   . ALA A 1 79  ? 1.895   -8.204  -1.169  1.00 9.65  ? 127 ALA A O   1 
ATOM   658  C CB  . ALA A 1 79  ? 2.710   -8.274  2.065   1.00 13.41 ? 127 ALA A CB  1 
ATOM   659  N N   . VAL A 1 80  ? 3.682   -9.448  -0.580  1.00 11.88 ? 128 VAL A N   1 
ATOM   660  C CA  . VAL A 1 80  ? 3.548   -10.440 -1.633  1.00 13.20 ? 128 VAL A CA  1 
ATOM   661  C C   . VAL A 1 80  ? 3.707   -11.744 -0.869  1.00 13.36 ? 128 VAL A C   1 
ATOM   662  O O   . VAL A 1 80  ? 4.615   -11.871 -0.046  1.00 14.51 ? 128 VAL A O   1 
ATOM   663  C CB  . VAL A 1 80  ? 4.676   -10.328 -2.686  1.00 15.67 ? 128 VAL A CB  1 
ATOM   664  C CG1 . VAL A 1 80  ? 4.542   -11.441 -3.706  1.00 15.73 ? 128 VAL A CG1 1 
ATOM   665  C CG2 . VAL A 1 80  ? 4.622   -8.976  -3.367  1.00 13.24 ? 128 VAL A CG2 1 
ATOM   666  N N   . THR A 1 81  ? 2.825   -12.703 -1.114  1.00 13.40 ? 129 THR A N   1 
ATOM   667  C CA  . THR A 1 81  ? 2.903   -13.966 -0.404  1.00 15.80 ? 129 THR A CA  1 
ATOM   668  C C   . THR A 1 81  ? 4.264   -14.609 -0.629  1.00 16.91 ? 129 THR A C   1 
ATOM   669  O O   . THR A 1 81  ? 4.837   -14.514 -1.711  1.00 17.33 ? 129 THR A O   1 
ATOM   670  C CB  . THR A 1 81  ? 1.766   -14.911 -0.836  1.00 17.74 ? 129 THR A CB  1 
ATOM   671  O OG1 . THR A 1 81  ? 1.589   -15.923 0.162   1.00 18.91 ? 129 THR A OG1 1 
ATOM   672  C CG2 . THR A 1 81  ? 2.072   -15.548 -2.185  1.00 17.47 ? 129 THR A CG2 1 
ATOM   673  N N   . ALA A 1 82  ? 4.781   -15.256 0.413   1.00 16.78 ? 130 ALA A N   1 
ATOM   674  C CA  . ALA A 1 82  ? 6.094   -15.888 0.378   1.00 17.20 ? 130 ALA A CA  1 
ATOM   675  C C   . ALA A 1 82  ? 6.442   -16.716 -0.858  1.00 16.93 ? 130 ALA A C   1 
ATOM   676  O O   . ALA A 1 82  ? 7.529   -16.558 -1.419  1.00 18.12 ? 130 ALA A O   1 
ATOM   677  C CB  . ALA A 1 82  ? 6.289   -16.738 1.635   1.00 16.94 ? 130 ALA A CB  1 
ATOM   678  N N   . ASN A 1 83  ? 5.541   -17.592 -1.287  1.00 16.85 ? 131 ASN A N   1 
ATOM   679  C CA  . ASN A 1 83  ? 5.830   -18.436 -2.443  1.00 19.39 ? 131 ASN A CA  1 
ATOM   680  C C   . ASN A 1 83  ? 5.684   -17.764 -3.809  1.00 19.11 ? 131 ASN A C   1 
ATOM   681  O O   . ASN A 1 83  ? 5.744   -18.435 -4.842  1.00 19.77 ? 131 ASN A O   1 
ATOM   682  C CB  . ASN A 1 83  ? 4.988   -19.720 -2.391  1.00 22.36 ? 131 ASN A CB  1 
ATOM   683  C CG  . ASN A 1 83  ? 3.495   -19.452 -2.413  1.00 26.86 ? 131 ASN A CG  1 
ATOM   684  O OD1 . ASN A 1 83  ? 3.038   -18.418 -2.899  1.00 29.53 ? 131 ASN A OD1 1 
ATOM   685  N ND2 . ASN A 1 83  ? 2.724   -20.394 -1.882  1.00 30.71 ? 131 ASN A ND2 1 
ATOM   686  N N   . GLU A 1 84  ? 5.502   -16.448 -3.819  1.00 16.61 ? 132 GLU A N   1 
ATOM   687  C CA  . GLU A 1 84  ? 5.376   -15.716 -5.076  1.00 15.69 ? 132 GLU A CA  1 
ATOM   688  C C   . GLU A 1 84  ? 6.373   -14.569 -5.124  1.00 15.29 ? 132 GLU A C   1 
ATOM   689  O O   . GLU A 1 84  ? 6.272   -13.685 -5.973  1.00 15.91 ? 132 GLU A O   1 
ATOM   690  C CB  . GLU A 1 84  ? 3.960   -15.167 -5.240  1.00 14.46 ? 132 GLU A CB  1 
ATOM   691  C CG  . GLU A 1 84  ? 2.899   -16.238 -5.418  1.00 14.73 ? 132 GLU A CG  1 
ATOM   692  C CD  . GLU A 1 84  ? 2.968   -16.915 -6.770  1.00 15.38 ? 132 GLU A CD  1 
ATOM   693  O OE1 . GLU A 1 84  ? 3.939   -16.677 -7.517  1.00 16.68 ? 132 GLU A OE1 1 
ATOM   694  O OE2 . GLU A 1 84  ? 2.049   -17.694 -7.090  1.00 17.44 ? 132 GLU A OE2 1 
ATOM   695  N N   . GLN A 1 85  ? 7.341   -14.582 -4.217  1.00 14.05 ? 133 GLN A N   1 
ATOM   696  C CA  . GLN A 1 85  ? 8.336   -13.520 -4.173  1.00 15.59 ? 133 GLN A CA  1 
ATOM   697  C C   . GLN A 1 85  ? 9.463   -13.724 -5.187  1.00 14.50 ? 133 GLN A C   1 
ATOM   698  O O   . GLN A 1 85  ? 9.584   -14.790 -5.786  1.00 16.47 ? 133 GLN A O   1 
ATOM   699  C CB  . GLN A 1 85  ? 8.896   -13.404 -2.754  1.00 14.82 ? 133 GLN A CB  1 
ATOM   700  C CG  . GLN A 1 85  ? 7.818   -13.079 -1.733  1.00 16.32 ? 133 GLN A CG  1 
ATOM   701  C CD  . GLN A 1 85  ? 8.375   -12.611 -0.398  1.00 19.91 ? 133 GLN A CD  1 
ATOM   702  O OE1 . GLN A 1 85  ? 7.618   -12.264 0.511   1.00 20.53 ? 133 GLN A OE1 1 
ATOM   703  N NE2 . GLN A 1 85  ? 9.697   -12.599 -0.274  1.00 19.97 ? 133 GLN A NE2 1 
ATOM   704  N N   . VAL A 1 86  ? 10.274  -12.686 -5.375  1.00 14.40 ? 134 VAL A N   1 
ATOM   705  C CA  . VAL A 1 86  ? 11.401  -12.698 -6.313  1.00 14.78 ? 134 VAL A CA  1 
ATOM   706  C C   . VAL A 1 86  ? 10.981  -13.113 -7.729  1.00 14.18 ? 134 VAL A C   1 
ATOM   707  O O   . VAL A 1 86  ? 11.745  -13.759 -8.450  1.00 13.63 ? 134 VAL A O   1 
ATOM   708  C CB  . VAL A 1 86  ? 12.555  -13.632 -5.823  1.00 14.50 ? 134 VAL A CB  1 
ATOM   709  C CG1 . VAL A 1 86  ? 13.900  -12.987 -6.098  1.00 14.65 ? 134 VAL A CG1 1 
ATOM   710  C CG2 . VAL A 1 86  ? 12.424  -13.894 -4.333  1.00 19.53 ? 134 VAL A CG2 1 
ATOM   711  N N   . ARG A 1 87  ? 9.765   -12.731 -8.116  1.00 12.90 ? 135 ARG A N   1 
ATOM   712  C CA  . ARG A 1 87  ? 9.234   -13.045 -9.442  1.00 14.11 ? 135 ARG A CA  1 
ATOM   713  C C   . ARG A 1 87  ? 8.834   -11.769 -10.191 1.00 13.35 ? 135 ARG A C   1 
ATOM   714  O O   . ARG A 1 87  ? 8.147   -11.827 -11.210 1.00 14.24 ? 135 ARG A O   1 
ATOM   715  C CB  . ARG A 1 87  ? 8.021   -13.961 -9.324  1.00 13.34 ? 135 ARG A CB  1 
ATOM   716  C CG  . ARG A 1 87  ? 8.351   -15.393 -8.924  1.00 18.35 ? 135 ARG A CG  1 
ATOM   717  C CD  . ARG A 1 87  ? 7.066   -16.188 -8.790  1.00 18.98 ? 135 ARG A CD  1 
ATOM   718  N NE  . ARG A 1 87  ? 7.271   -17.617 -8.585  1.00 20.23 ? 135 ARG A NE  1 
ATOM   719  C CZ  . ARG A 1 87  ? 7.816   -18.149 -7.497  1.00 21.92 ? 135 ARG A CZ  1 
ATOM   720  N NH1 . ARG A 1 87  ? 8.223   -17.372 -6.499  1.00 21.81 ? 135 ARG A NH1 1 
ATOM   721  N NH2 . ARG A 1 87  ? 7.922   -19.468 -7.392  1.00 23.35 ? 135 ARG A NH2 1 
ATOM   722  N N   . GLY A 1 88  ? 9.257   -10.624 -9.660  1.00 14.10 ? 136 GLY A N   1 
ATOM   723  C CA  . GLY A 1 88  ? 8.960   -9.341  -10.279 1.00 13.79 ? 136 GLY A CA  1 
ATOM   724  C C   . GLY A 1 88  ? 7.634   -8.702  -9.915  1.00 13.21 ? 136 GLY A C   1 
ATOM   725  O O   . GLY A 1 88  ? 7.343   -7.591  -10.358 1.00 12.88 ? 136 GLY A O   1 
ATOM   726  N N   . TYR A 1 89  ? 6.839   -9.380  -9.092  1.00 12.69 ? 137 TYR A N   1 
ATOM   727  C CA  . TYR A 1 89  ? 5.528   -8.866  -8.706  1.00 12.93 ? 137 TYR A CA  1 
ATOM   728  C C   . TYR A 1 89  ? 5.533   -7.631  -7.820  1.00 13.51 ? 137 TYR A C   1 
ATOM   729  O O   . TYR A 1 89  ? 4.690   -6.747  -7.985  1.00 13.03 ? 137 TYR A O   1 
ATOM   730  C CB  . TYR A 1 89  ? 4.711   -9.966  -8.027  1.00 13.80 ? 137 TYR A CB  1 
ATOM   731  C CG  . TYR A 1 89  ? 4.506   -11.180 -8.892  1.00 13.80 ? 137 TYR A CG  1 
ATOM   732  C CD1 . TYR A 1 89  ? 4.455   -12.451 -8.332  1.00 14.25 ? 137 TYR A CD1 1 
ATOM   733  C CD2 . TYR A 1 89  ? 4.382   -11.062 -10.274 1.00 13.47 ? 137 TYR A CD2 1 
ATOM   734  C CE1 . TYR A 1 89  ? 4.288   -13.579 -9.122  1.00 15.13 ? 137 TYR A CE1 1 
ATOM   735  C CE2 . TYR A 1 89  ? 4.215   -12.183 -11.075 1.00 15.03 ? 137 TYR A CE2 1 
ATOM   736  C CZ  . TYR A 1 89  ? 4.170   -13.437 -10.494 1.00 13.62 ? 137 TYR A CZ  1 
ATOM   737  O OH  . TYR A 1 89  ? 4.014   -14.554 -11.276 1.00 14.23 ? 137 TYR A OH  1 
ATOM   738  N N   . GLY A 1 90  ? 6.473   -7.565  -6.882  1.00 14.08 ? 138 GLY A N   1 
ATOM   739  C CA  . GLY A 1 90  ? 6.542   -6.424  -5.989  1.00 14.95 ? 138 GLY A CA  1 
ATOM   740  C C   . GLY A 1 90  ? 6.719   -5.105  -6.718  1.00 14.12 ? 138 GLY A C   1 
ATOM   741  O O   . GLY A 1 90  ? 6.062   -4.111  -6.400  1.00 15.23 ? 138 GLY A O   1 
ATOM   742  N N   . THR A 1 91  ? 7.613   -5.090  -7.698  1.00 13.83 ? 139 THR A N   1 
ATOM   743  C CA  . THR A 1 91  ? 7.862   -3.878  -8.462  1.00 14.41 ? 139 THR A CA  1 
ATOM   744  C C   . THR A 1 91  ? 6.680   -3.554  -9.359  1.00 12.31 ? 139 THR A C   1 
ATOM   745  O O   . THR A 1 91  ? 6.257   -2.402  -9.433  1.00 13.75 ? 139 THR A O   1 
ATOM   746  C CB  . THR A 1 91  ? 9.120   -4.010  -9.334  1.00 14.95 ? 139 THR A CB  1 
ATOM   747  O OG1 . THR A 1 91  ? 10.273  -4.062  -8.486  1.00 17.50 ? 139 THR A OG1 1 
ATOM   748  C CG2 . THR A 1 91  ? 9.241   -2.818  -10.286 1.00 13.89 ? 139 THR A CG2 1 
ATOM   749  N N   . ARG A 1 92  ? 6.149   -4.563  -10.039 1.00 12.48 ? 140 ARG A N   1 
ATOM   750  C CA  . ARG A 1 92  ? 5.014   -4.345  -10.924 1.00 13.22 ? 140 ARG A CA  1 
ATOM   751  C C   . ARG A 1 92  ? 3.826   -3.793  -10.138 1.00 13.81 ? 140 ARG A C   1 
ATOM   752  O O   . ARG A 1 92  ? 3.092   -2.933  -10.628 1.00 13.47 ? 140 ARG A O   1 
ATOM   753  C CB  . ARG A 1 92  ? 4.621   -5.647  -11.628 1.00 12.76 ? 140 ARG A CB  1 
ATOM   754  C CG  . ARG A 1 92  ? 5.564   -6.041  -12.757 1.00 12.95 ? 140 ARG A CG  1 
ATOM   755  C CD  . ARG A 1 92  ? 5.339   -7.476  -13.210 1.00 12.71 ? 140 ARG A CD  1 
ATOM   756  N NE  . ARG A 1 92  ? 4.063   -7.644  -13.899 1.00 15.20 ? 140 ARG A NE  1 
ATOM   757  C CZ  . ARG A 1 92  ? 3.565   -8.817  -14.282 1.00 15.78 ? 140 ARG A CZ  1 
ATOM   758  N NH1 . ARG A 1 92  ? 4.232   -9.937  -14.046 1.00 17.25 ? 140 ARG A NH1 1 
ATOM   759  N NH2 . ARG A 1 92  ? 2.386   -8.871  -14.890 1.00 15.67 ? 140 ARG A NH2 1 
ATOM   760  N N   . LEU A 1 93  ? 3.639   -4.281  -8.917  1.00 12.08 ? 141 LEU A N   1 
ATOM   761  C CA  . LEU A 1 93  ? 2.534   -3.800  -8.100  1.00 11.33 ? 141 LEU A CA  1 
ATOM   762  C C   . LEU A 1 93  ? 2.699   -2.322  -7.753  1.00 10.08 ? 141 LEU A C   1 
ATOM   763  O O   . LEU A 1 93  ? 1.758   -1.540  -7.904  1.00 10.14 ? 141 LEU A O   1 
ATOM   764  C CB  . LEU A 1 93  ? 2.423   -4.620  -6.808  1.00 11.88 ? 141 LEU A CB  1 
ATOM   765  C CG  . LEU A 1 93  ? 1.504   -4.052  -5.718  1.00 9.66  ? 141 LEU A CG  1 
ATOM   766  C CD1 . LEU A 1 93  ? 0.055   -4.095  -6.179  1.00 9.09  ? 141 LEU A CD1 1 
ATOM   767  C CD2 . LEU A 1 93  ? 1.695   -4.862  -4.439  1.00 9.99  ? 141 LEU A CD2 1 
ATOM   768  N N   . MET A 1 94  ? 3.882   -1.935  -7.284  1.00 8.73  ? 142 MET A N   1 
ATOM   769  C CA  . MET A 1 94  ? 4.088   -0.544  -6.921  1.00 10.02 ? 142 MET A CA  1 
ATOM   770  C C   . MET A 1 94  ? 3.951   0.350   -8.147  1.00 10.21 ? 142 MET A C   1 
ATOM   771  O O   . MET A 1 94  ? 3.447   1.458   -8.039  1.00 9.52  ? 142 MET A O   1 
ATOM   772  C CB  . MET A 1 94  ? 5.460   -0.343  -6.257  1.00 11.96 ? 142 MET A CB  1 
ATOM   773  C CG  . MET A 1 94  ? 5.833   1.124   -5.939  1.00 13.91 ? 142 MET A CG  1 
ATOM   774  S SD  . MET A 1 94  ? 4.660   1.688   -4.677  1.00 18.35 ? 142 MET A SD  1 
ATOM   775  C CE  . MET A 1 94  ? 5.596   0.792   -3.061  1.00 16.49 ? 142 MET A CE  1 
ATOM   776  N N   . ASN A 1 95  ? 4.385   -0.133  -9.307  1.00 10.09 ? 143 ASN A N   1 
ATOM   777  C CA  . ASN A 1 95  ? 4.278   0.660   -10.533 1.00 10.77 ? 143 ASN A CA  1 
ATOM   778  C C   . ASN A 1 95  ? 2.820   0.881   -10.913 1.00 9.04  ? 143 ASN A C   1 
ATOM   779  O O   . ASN A 1 95  ? 2.418   1.994   -11.249 1.00 11.61 ? 143 ASN A O   1 
ATOM   780  C CB  . ASN A 1 95  ? 5.022   -0.034  -11.668 1.00 13.55 ? 143 ASN A CB  1 
ATOM   781  C CG  . ASN A 1 95  ? 6.510   0.199   -11.595 1.00 12.85 ? 143 ASN A CG  1 
ATOM   782  O OD1 . ASN A 1 95  ? 6.963   1.184   -11.010 1.00 16.55 ? 143 ASN A OD1 1 
ATOM   783  N ND2 . ASN A 1 95  ? 7.282   -0.704  -12.185 1.00 15.69 ? 143 ASN A ND2 1 
ATOM   784  N N   . LYS A 1 96  ? 2.026   -0.179  -10.854 1.00 9.25  ? 144 LYS A N   1 
ATOM   785  C CA  . LYS A 1 96  ? 0.604   -0.071  -11.155 1.00 9.63  ? 144 LYS A CA  1 
ATOM   786  C C   . LYS A 1 96  ? -0.061  0.866   -10.140 1.00 9.57  ? 144 LYS A C   1 
ATOM   787  O O   . LYS A 1 96  ? -0.972  1.619   -10.475 1.00 8.39  ? 144 LYS A O   1 
ATOM   788  C CB  . LYS A 1 96  ? -0.052  -1.446  -11.085 1.00 11.82 ? 144 LYS A CB  1 
ATOM   789  C CG  . LYS A 1 96  ? 0.378   -2.386  -12.191 1.00 16.78 ? 144 LYS A CG  1 
ATOM   790  C CD  . LYS A 1 96  ? -0.577  -2.304  -13.372 1.00 23.32 ? 144 LYS A CD  1 
ATOM   791  C CE  . LYS A 1 96  ? 0.049   -2.900  -14.634 1.00 25.15 ? 144 LYS A CE  1 
ATOM   792  N NZ  . LYS A 1 96  ? -0.973  -3.464  -15.565 1.00 25.71 ? 144 LYS A NZ  1 
ATOM   793  N N   . PHE A 1 97  ? 0.404   0.813   -8.893  1.00 10.00 ? 145 PHE A N   1 
ATOM   794  C CA  . PHE A 1 97  ? -0.141  1.663   -7.847  1.00 8.32  ? 145 PHE A CA  1 
ATOM   795  C C   . PHE A 1 97  ? 0.234   3.129   -8.089  1.00 8.06  ? 145 PHE A C   1 
ATOM   796  O O   . PHE A 1 97  ? -0.592  4.031   -7.923  1.00 8.25  ? 145 PHE A O   1 
ATOM   797  C CB  . PHE A 1 97  ? 0.370   1.203   -6.477  1.00 7.71  ? 145 PHE A CB  1 
ATOM   798  C CG  . PHE A 1 97  ? -0.168  2.013   -5.340  1.00 6.64  ? 145 PHE A CG  1 
ATOM   799  C CD1 . PHE A 1 97  ? -1.538  2.071   -5.105  1.00 7.24  ? 145 PHE A CD1 1 
ATOM   800  C CD2 . PHE A 1 97  ? 0.689   2.749   -4.524  1.00 7.11  ? 145 PHE A CD2 1 
ATOM   801  C CE1 . PHE A 1 97  ? -2.052  2.857   -4.071  1.00 6.24  ? 145 PHE A CE1 1 
ATOM   802  C CE2 . PHE A 1 97  ? 0.184   3.537   -3.486  1.00 7.88  ? 145 PHE A CE2 1 
ATOM   803  C CZ  . PHE A 1 97  ? -1.191  3.590   -3.263  1.00 7.25  ? 145 PHE A CZ  1 
ATOM   804  N N   . LYS A 1 98  ? 1.480   3.368   -8.486  1.00 8.84  ? 146 LYS A N   1 
ATOM   805  C CA  . LYS A 1 98  ? 1.930   4.732   -8.756  1.00 8.62  ? 146 LYS A CA  1 
ATOM   806  C C   . LYS A 1 98  ? 1.127   5.292   -9.922  1.00 8.24  ? 146 LYS A C   1 
ATOM   807  O O   . LYS A 1 98  ? 0.733   6.459   -9.922  1.00 8.67  ? 146 LYS A O   1 
ATOM   808  C CB  . LYS A 1 98  ? 3.418   4.745   -9.097  1.00 10.64 ? 146 LYS A CB  1 
ATOM   809  C CG  . LYS A 1 98  ? 4.329   4.652   -7.877  1.00 11.02 ? 146 LYS A CG  1 
ATOM   810  C CD  . LYS A 1 98  ? 5.785   4.549   -8.279  1.00 11.40 ? 146 LYS A CD  1 
ATOM   811  C CE  . LYS A 1 98  ? 6.692   4.660   -7.066  1.00 12.62 ? 146 LYS A CE  1 
ATOM   812  N NZ  . LYS A 1 98  ? 8.122   4.807   -7.446  1.00 15.93 ? 146 LYS A NZ  1 
ATOM   813  N N   . ASP A 1 99  ? 0.882   4.454   -10.919 1.00 9.68  ? 147 ASP A N   1 
ATOM   814  C CA  . ASP A 1 99  ? 0.107   4.886   -12.076 1.00 10.41 ? 147 ASP A CA  1 
ATOM   815  C C   . ASP A 1 99  ? -1.300  5.278   -11.623 1.00 9.96  ? 147 ASP A C   1 
ATOM   816  O O   . ASP A 1 99  ? -1.853  6.283   -12.065 1.00 9.68  ? 147 ASP A O   1 
ATOM   817  C CB  . ASP A 1 99  ? 0.029   3.767   -13.111 1.00 11.13 ? 147 ASP A CB  1 
ATOM   818  C CG  . ASP A 1 99  ? -0.768  4.167   -14.328 1.00 15.52 ? 147 ASP A CG  1 
ATOM   819  O OD1 . ASP A 1 99  ? -0.221  4.910   -15.172 1.00 15.99 ? 147 ASP A OD1 1 
ATOM   820  O OD2 . ASP A 1 99  ? -1.938  3.744   -14.433 1.00 17.47 ? 147 ASP A OD2 1 
ATOM   821  N N   . HIS A 1 100 ? -1.876  4.484   -10.727 1.00 9.85  ? 148 HIS A N   1 
ATOM   822  C CA  . HIS A 1 100 ? -3.209  4.781   -10.216 1.00 11.02 ? 148 HIS A CA  1 
ATOM   823  C C   . HIS A 1 100 ? -3.230  6.081   -9.403  1.00 10.50 ? 148 HIS A C   1 
ATOM   824  O O   . HIS A 1 100 ? -4.136  6.906   -9.552  1.00 11.47 ? 148 HIS A O   1 
ATOM   825  C CB  . HIS A 1 100 ? -3.717  3.637   -9.341  1.00 11.48 ? 148 HIS A CB  1 
ATOM   826  C CG  . HIS A 1 100 ? -5.136  3.812   -8.906  1.00 12.92 ? 148 HIS A CG  1 
ATOM   827  N ND1 . HIS A 1 100 ? -5.500  3.928   -7.582  1.00 16.75 ? 148 HIS A ND1 1 
ATOM   828  C CD2 . HIS A 1 100 ? -6.281  3.902   -9.621  1.00 12.95 ? 148 HIS A CD2 1 
ATOM   829  C CE1 . HIS A 1 100 ? -6.810  4.081   -7.500  1.00 14.34 ? 148 HIS A CE1 1 
ATOM   830  N NE2 . HIS A 1 100 ? -7.307  4.069   -8.723  1.00 18.35 ? 148 HIS A NE2 1 
ATOM   831  N N   . MET A 1 101 ? -2.236  6.260   -8.538  1.00 9.40  ? 149 MET A N   1 
ATOM   832  C CA  . MET A 1 101 ? -2.172  7.464   -7.724  1.00 10.63 ? 149 MET A CA  1 
ATOM   833  C C   . MET A 1 101 ? -1.965  8.692   -8.620  1.00 9.45  ? 149 MET A C   1 
ATOM   834  O O   . MET A 1 101 ? -2.503  9.763   -8.353  1.00 9.12  ? 149 MET A O   1 
ATOM   835  C CB  . MET A 1 101 ? -1.048  7.346   -6.681  1.00 11.69 ? 149 MET A CB  1 
ATOM   836  C CG  . MET A 1 101 ? -1.260  6.227   -5.634  1.00 13.13 ? 149 MET A CG  1 
ATOM   837  S SD  . MET A 1 101 ? -2.502  6.882   -4.485  1.00 17.74 ? 149 MET A SD  1 
ATOM   838  C CE  . MET A 1 101 ? -4.100  5.804   -5.182  1.00 12.13 ? 149 MET A CE  1 
ATOM   839  N N   . GLN A 1 102 ? -1.199  8.529   -9.694  1.00 10.28 ? 150 GLN A N   1 
ATOM   840  C CA  . GLN A 1 102 ? -0.965  9.634   -10.622 1.00 10.74 ? 150 GLN A CA  1 
ATOM   841  C C   . GLN A 1 102 ? -2.305  10.076  -11.212 1.00 10.39 ? 150 GLN A C   1 
ATOM   842  O O   . GLN A 1 102 ? -2.599  11.270  -11.283 1.00 11.45 ? 150 GLN A O   1 
ATOM   843  C CB  . GLN A 1 102 ? -0.019  9.181   -11.737 1.00 10.89 ? 150 GLN A CB  1 
ATOM   844  C CG  . GLN A 1 102 ? 0.290   10.240  -12.783 1.00 11.45 ? 150 GLN A CG  1 
ATOM   845  C CD  . GLN A 1 102 ? 1.195   9.694   -13.874 1.00 9.58  ? 150 GLN A CD  1 
ATOM   846  O OE1 . GLN A 1 102 ? 0.778   8.873   -14.684 1.00 14.13 ? 150 GLN A OE1 1 
ATOM   847  N NE2 . GLN A 1 102 ? 2.441   10.140  -13.886 1.00 9.63  ? 150 GLN A NE2 1 
ATOM   848  N N   . LYS A 1 103 ? -3.117  9.105   -11.622 1.00 12.34 ? 151 LYS A N   1 
ATOM   849  C CA  . LYS A 1 103 ? -4.435  9.373   -12.194 1.00 14.26 ? 151 LYS A CA  1 
ATOM   850  C C   . LYS A 1 103 ? -5.396  9.930   -11.141 1.00 15.73 ? 151 LYS A C   1 
ATOM   851  O O   . LYS A 1 103 ? -6.409  10.550  -11.470 1.00 17.02 ? 151 LYS A O   1 
ATOM   852  C CB  . LYS A 1 103 ? -5.020  8.087   -12.788 1.00 15.57 ? 151 LYS A CB  1 
ATOM   853  C CG  . LYS A 1 103 ? -4.397  7.671   -14.115 1.00 18.47 ? 151 LYS A CG  1 
ATOM   854  C CD  . LYS A 1 103 ? -4.876  6.292   -14.555 1.00 19.70 ? 151 LYS A CD  1 
ATOM   855  C CE  . LYS A 1 103 ? -4.400  5.958   -15.967 1.00 21.12 ? 151 LYS A CE  1 
ATOM   856  N NZ  . LYS A 1 103 ? -2.941  6.204   -16.157 1.00 23.19 ? 151 LYS A NZ  1 
ATOM   857  N N   . GLN A 1 104 ? -5.073  9.709   -9.873  1.00 15.41 ? 152 GLN A N   1 
ATOM   858  C CA  . GLN A 1 104 ? -5.910  10.187  -8.779  1.00 16.13 ? 152 GLN A CA  1 
ATOM   859  C C   . GLN A 1 104 ? -5.463  11.557  -8.288  1.00 16.29 ? 152 GLN A C   1 
ATOM   860  O O   . GLN A 1 104 ? -5.995  12.079  -7.309  1.00 15.77 ? 152 GLN A O   1 
ATOM   861  C CB  . GLN A 1 104 ? -5.867  9.191   -7.615  1.00 18.08 ? 152 GLN A CB  1 
ATOM   862  C CG  . GLN A 1 104 ? -6.593  7.889   -7.893  1.00 22.92 ? 152 GLN A CG  1 
ATOM   863  C CD  . GLN A 1 104 ? -8.082  8.098   -8.087  1.00 28.66 ? 152 GLN A CD  1 
ATOM   864  O OE1 . GLN A 1 104 ? -8.805  8.420   -7.137  1.00 33.40 ? 152 GLN A OE1 1 
ATOM   865  N NE2 . GLN A 1 104 ? -8.551  7.917   -9.319  1.00 28.34 ? 152 GLN A NE2 1 
ATOM   866  N N   . ASN A 1 105 ? -4.485  12.140  -8.970  1.00 13.78 ? 153 ASN A N   1 
ATOM   867  C CA  . ASN A 1 105 ? -3.973  13.444  -8.580  1.00 16.36 ? 153 ASN A CA  1 
ATOM   868  C C   . ASN A 1 105 ? -3.372  13.408  -7.175  1.00 14.38 ? 153 ASN A C   1 
ATOM   869  O O   . ASN A 1 105 ? -3.567  14.330  -6.383  1.00 14.01 ? 153 ASN A O   1 
ATOM   870  C CB  . ASN A 1 105 ? -5.075  14.510  -8.641  1.00 18.97 ? 153 ASN A CB  1 
ATOM   871  C CG  . ASN A 1 105 ? -5.757  14.575  -10.003 1.00 27.71 ? 153 ASN A CG  1 
ATOM   872  O OD1 . ASN A 1 105 ? -6.953  14.867  -10.096 1.00 31.57 ? 153 ASN A OD1 1 
ATOM   873  N ND2 . ASN A 1 105 ? -4.997  14.303  -11.069 1.00 27.09 ? 153 ASN A ND2 1 
ATOM   874  N N   . ILE A 1 106 ? -2.671  12.324  -6.863  1.00 12.22 ? 154 ILE A N   1 
ATOM   875  C CA  . ILE A 1 106 ? -1.988  12.190  -5.578  1.00 12.12 ? 154 ILE A CA  1 
ATOM   876  C C   . ILE A 1 106 ? -0.521  12.440  -5.926  1.00 11.98 ? 154 ILE A C   1 
ATOM   877  O O   . ILE A 1 106 ? 0.014   11.793  -6.823  1.00 11.84 ? 154 ILE A O   1 
ATOM   878  C CB  . ILE A 1 106 ? -2.141  10.767  -5.002  1.00 10.80 ? 154 ILE A CB  1 
ATOM   879  C CG1 . ILE A 1 106 ? -3.587  10.537  -4.570  1.00 10.65 ? 154 ILE A CG1 1 
ATOM   880  C CG2 . ILE A 1 106 ? -1.181  10.566  -3.831  1.00 10.56 ? 154 ILE A CG2 1 
ATOM   881  C CD1 . ILE A 1 106 ? -4.027  11.388  -3.397  1.00 12.44 ? 154 ILE A CD1 1 
ATOM   882  N N   . GLU A 1 107 ? 0.136   13.373  -5.246  1.00 12.39 ? 155 GLU A N   1 
ATOM   883  C CA  . GLU A 1 107 ? 1.531   13.635  -5.583  1.00 15.22 ? 155 GLU A CA  1 
ATOM   884  C C   . GLU A 1 107 ? 2.584   13.072  -4.637  1.00 15.42 ? 155 GLU A C   1 
ATOM   885  O O   . GLU A 1 107 ? 3.773   13.074  -4.967  1.00 11.79 ? 155 GLU A O   1 
ATOM   886  C CB  . GLU A 1 107 ? 1.761   15.132  -5.794  1.00 19.77 ? 155 GLU A CB  1 
ATOM   887  C CG  . GLU A 1 107 ? 1.598   16.002  -4.581  1.00 29.89 ? 155 GLU A CG  1 
ATOM   888  C CD  . GLU A 1 107 ? 1.736   17.477  -4.932  1.00 33.34 ? 155 GLU A CD  1 
ATOM   889  O OE1 . GLU A 1 107 ? 0.825   18.258  -4.580  1.00 34.88 ? 155 GLU A OE1 1 
ATOM   890  O OE2 . GLU A 1 107 ? 2.753   17.854  -5.563  1.00 35.68 ? 155 GLU A OE2 1 
ATOM   891  N N   . TYR A 1 108 ? 2.151   12.573  -3.475  1.00 14.05 ? 156 TYR A N   1 
ATOM   892  C CA  . TYR A 1 108 ? 3.076   11.987  -2.507  1.00 11.57 ? 156 TYR A CA  1 
ATOM   893  C C   . TYR A 1 108 ? 2.521   10.743  -1.832  1.00 11.12 ? 156 TYR A C   1 
ATOM   894  O O   . TYR A 1 108 ? 1.336   10.664  -1.510  1.00 10.88 ? 156 TYR A O   1 
ATOM   895  C CB  . TYR A 1 108 ? 3.437   12.988  -1.412  1.00 10.69 ? 156 TYR A CB  1 
ATOM   896  C CG  . TYR A 1 108 ? 4.415   14.046  -1.836  1.00 12.65 ? 156 TYR A CG  1 
ATOM   897  C CD1 . TYR A 1 108 ? 3.980   15.333  -2.133  1.00 14.40 ? 156 TYR A CD1 1 
ATOM   898  C CD2 . TYR A 1 108 ? 5.769   13.763  -1.948  1.00 14.27 ? 156 TYR A CD2 1 
ATOM   899  C CE1 . TYR A 1 108 ? 4.867   16.316  -2.536  1.00 16.09 ? 156 TYR A CE1 1 
ATOM   900  C CE2 . TYR A 1 108 ? 6.673   14.743  -2.351  1.00 16.85 ? 156 TYR A CE2 1 
ATOM   901  C CZ  . TYR A 1 108 ? 6.211   16.018  -2.646  1.00 16.97 ? 156 TYR A CZ  1 
ATOM   902  O OH  . TYR A 1 108 ? 7.092   16.994  -3.059  1.00 21.16 ? 156 TYR A OH  1 
ATOM   903  N N   . LEU A 1 109 ? 3.406   9.775   -1.631  1.00 12.98 ? 157 LEU A N   1 
ATOM   904  C CA  . LEU A 1 109 ? 3.085   8.530   -0.947  1.00 11.05 ? 157 LEU A CA  1 
ATOM   905  C C   . LEU A 1 109 ? 3.945   8.533   0.312   1.00 12.48 ? 157 LEU A C   1 
ATOM   906  O O   . LEU A 1 109 ? 5.119   8.916   0.273   1.00 11.70 ? 157 LEU A O   1 
ATOM   907  C CB  . LEU A 1 109 ? 3.461   7.318   -1.802  1.00 10.96 ? 157 LEU A CB  1 
ATOM   908  C CG  . LEU A 1 109 ? 2.696   7.108   -3.101  1.00 10.44 ? 157 LEU A CG  1 
ATOM   909  C CD1 . LEU A 1 109 ? 3.153   5.819   -3.731  1.00 9.33  ? 157 LEU A CD1 1 
ATOM   910  C CD2 . LEU A 1 109 ? 1.197   7.080   -2.833  1.00 13.18 ? 157 LEU A CD2 1 
ATOM   911  N N   . LEU A 1 110 ? 3.359   8.117   1.428   1.00 11.90 ? 158 LEU A N   1 
ATOM   912  C CA  . LEU A 1 110 ? 4.085   8.056   2.688   1.00 12.68 ? 158 LEU A CA  1 
ATOM   913  C C   . LEU A 1 110 ? 3.874   6.670   3.297   1.00 12.18 ? 158 LEU A C   1 
ATOM   914  O O   . LEU A 1 110 ? 2.814   6.061   3.126   1.00 11.18 ? 158 LEU A O   1 
ATOM   915  C CB  . LEU A 1 110 ? 3.576   9.144   3.643   1.00 14.27 ? 158 LEU A CB  1 
ATOM   916  C CG  . LEU A 1 110 ? 4.071   10.570  3.365   1.00 15.23 ? 158 LEU A CG  1 
ATOM   917  C CD1 . LEU A 1 110 ? 3.281   11.557  4.200   1.00 19.66 ? 158 LEU A CD1 1 
ATOM   918  C CD2 . LEU A 1 110 ? 5.542   10.678  3.695   1.00 17.03 ? 158 LEU A CD2 1 
ATOM   919  N N   . THR A 1 111 ? 4.886   6.160   3.986   1.00 11.62 ? 159 THR A N   1 
ATOM   920  C CA  . THR A 1 111 ? 4.762   4.850   4.602   1.00 12.57 ? 159 THR A CA  1 
ATOM   921  C C   . THR A 1 111 ? 5.779   4.648   5.712   1.00 14.94 ? 159 THR A C   1 
ATOM   922  O O   . THR A 1 111 ? 6.906   5.141   5.635   1.00 14.75 ? 159 THR A O   1 
ATOM   923  C CB  . THR A 1 111 ? 4.930   3.714   3.554   1.00 12.01 ? 159 THR A CB  1 
ATOM   924  O OG1 . THR A 1 111 ? 4.358   2.501   4.063   1.00 13.25 ? 159 THR A OG1 1 
ATOM   925  C CG2 . THR A 1 111 ? 6.404   3.471   3.229   1.00 11.53 ? 159 THR A CG2 1 
ATOM   926  N N   . TYR A 1 112 ? 5.362   3.944   6.759   1.00 15.75 ? 160 TYR A N   1 
ATOM   927  C CA  . TYR A 1 112 ? 6.265   3.627   7.860   1.00 16.78 ? 160 TYR A CA  1 
ATOM   928  C C   . TYR A 1 112 ? 6.819   2.252   7.496   1.00 19.71 ? 160 TYR A C   1 
ATOM   929  O O   . TYR A 1 112 ? 6.128   1.240   7.616   1.00 19.01 ? 160 TYR A O   1 
ATOM   930  C CB  . TYR A 1 112 ? 5.501   3.589   9.183   1.00 15.03 ? 160 TYR A CB  1 
ATOM   931  C CG  . TYR A 1 112 ? 5.349   4.956   9.794   1.00 13.24 ? 160 TYR A CG  1 
ATOM   932  C CD1 . TYR A 1 112 ? 4.154   5.668   9.671   1.00 12.67 ? 160 TYR A CD1 1 
ATOM   933  C CD2 . TYR A 1 112 ? 6.416   5.566   10.456  1.00 10.76 ? 160 TYR A CD2 1 
ATOM   934  C CE1 . TYR A 1 112 ? 4.027   6.949   10.190  1.00 11.67 ? 160 TYR A CE1 1 
ATOM   935  C CE2 . TYR A 1 112 ? 6.300   6.847   10.977  1.00 10.69 ? 160 TYR A CE2 1 
ATOM   936  C CZ  . TYR A 1 112 ? 5.105   7.533   10.840  1.00 11.51 ? 160 TYR A CZ  1 
ATOM   937  O OH  . TYR A 1 112 ? 4.985   8.802   11.352  1.00 14.34 ? 160 TYR A OH  1 
ATOM   938  N N   . ALA A 1 113 ? 8.062   2.237   7.019   1.00 24.25 ? 161 ALA A N   1 
ATOM   939  C CA  . ALA A 1 113 ? 8.721   1.015   6.575   1.00 29.11 ? 161 ALA A CA  1 
ATOM   940  C C   . ALA A 1 113 ? 8.956   -0.053  7.639   1.00 32.63 ? 161 ALA A C   1 
ATOM   941  O O   . ALA A 1 113 ? 9.433   0.226   8.744   1.00 31.59 ? 161 ALA A O   1 
ATOM   942  C CB  . ALA A 1 113 ? 10.037  1.358   5.887   1.00 29.72 ? 161 ALA A CB  1 
ATOM   943  N N   . ASP A 1 114 ? 8.627   -1.283  7.249   1.00 36.44 ? 162 ASP A N   1 
ATOM   944  C CA  . ASP A 1 114 ? 8.741   -2.486  8.065   1.00 40.29 ? 162 ASP A CA  1 
ATOM   945  C C   . ASP A 1 114 ? 10.172  -2.829  8.506   1.00 41.22 ? 162 ASP A C   1 
ATOM   946  O O   . ASP A 1 114 ? 10.382  -3.804  9.228   1.00 41.82 ? 162 ASP A O   1 
ATOM   947  C CB  . ASP A 1 114 ? 8.129   -3.660  7.279   1.00 42.80 ? 162 ASP A CB  1 
ATOM   948  C CG  . ASP A 1 114 ? 8.436   -5.013  7.895   1.00 44.05 ? 162 ASP A CG  1 
ATOM   949  O OD1 . ASP A 1 114 ? 8.858   -5.930  7.156   1.00 45.49 ? 162 ASP A OD1 1 
ATOM   950  O OD2 . ASP A 1 114 ? 8.252   -5.162  9.119   1.00 46.12 ? 162 ASP A OD2 1 
ATOM   951  N N   . ASN A 1 115 ? 11.146  -2.022  8.086   1.00 42.11 ? 163 ASN A N   1 
ATOM   952  C CA  . ASN A 1 115 ? 12.557  -2.251  8.428   1.00 42.13 ? 163 ASN A CA  1 
ATOM   953  C C   . ASN A 1 115 ? 13.097  -3.443  7.642   1.00 40.70 ? 163 ASN A C   1 
ATOM   954  O O   . ASN A 1 115 ? 14.262  -3.471  7.246   1.00 39.38 ? 163 ASN A O   1 
ATOM   955  C CB  . ASN A 1 115 ? 12.724  -2.500  9.929   1.00 44.46 ? 163 ASN A CB  1 
ATOM   956  C CG  . ASN A 1 115 ? 13.906  -1.756  10.508  1.00 45.50 ? 163 ASN A CG  1 
ATOM   957  O OD1 . ASN A 1 115 ? 15.053  -2.177  10.355  1.00 46.44 ? 163 ASN A OD1 1 
ATOM   958  N ND2 . ASN A 1 115 ? 13.633  -0.641  11.174  1.00 46.25 ? 163 ASN A ND2 1 
ATOM   959  N N   . PHE A 1 116 ? 12.234  -4.429  7.433   1.00 40.04 ? 164 PHE A N   1 
ATOM   960  C CA  . PHE A 1 116 ? 12.578  -5.611  6.658   1.00 39.25 ? 164 PHE A CA  1 
ATOM   961  C C   . PHE A 1 116 ? 12.103  -5.284  5.243   1.00 37.22 ? 164 PHE A C   1 
ATOM   962  O O   . PHE A 1 116 ? 12.265  -6.070  4.308   1.00 37.72 ? 164 PHE A O   1 
ATOM   963  C CB  . PHE A 1 116 ? 11.817  -6.824  7.193   1.00 41.57 ? 164 PHE A CB  1 
ATOM   964  C CG  . PHE A 1 116 ? 12.522  -8.125  6.973   1.00 45.10 ? 164 PHE A CG  1 
ATOM   965  C CD1 . PHE A 1 116 ? 13.112  -8.800  8.041   1.00 46.68 ? 164 PHE A CD1 1 
ATOM   966  C CD2 . PHE A 1 116 ? 12.599  -8.683  5.698   1.00 46.34 ? 164 PHE A CD2 1 
ATOM   967  C CE1 . PHE A 1 116 ? 13.769  -10.014 7.844   1.00 48.09 ? 164 PHE A CE1 1 
ATOM   968  C CE2 . PHE A 1 116 ? 13.254  -9.899  5.485   1.00 47.39 ? 164 PHE A CE2 1 
ATOM   969  C CZ  . PHE A 1 116 ? 13.841  -10.566 6.562   1.00 48.41 ? 164 PHE A CZ  1 
ATOM   970  N N   . ALA A 1 117 ? 11.511  -4.098  5.111   1.00 34.30 ? 165 ALA A N   1 
ATOM   971  C CA  . ALA A 1 117 ? 10.979  -3.626  3.844   1.00 31.81 ? 165 ALA A CA  1 
ATOM   972  C C   . ALA A 1 117 ? 11.655  -2.343  3.356   1.00 29.88 ? 165 ALA A C   1 
ATOM   973  O O   . ALA A 1 117 ? 11.386  -1.884  2.246   1.00 28.44 ? 165 ALA A O   1 
ATOM   974  C CB  . ALA A 1 117 ? 9.482   -3.397  3.980   1.00 31.73 ? 165 ALA A CB  1 
ATOM   975  N N   . ILE A 1 118 ? 12.523  -1.761  4.181   1.00 27.15 ? 166 ILE A N   1 
ATOM   976  C CA  . ILE A 1 118 ? 13.200  -0.531  3.793   1.00 26.27 ? 166 ILE A CA  1 
ATOM   977  C C   . ILE A 1 118 ? 13.929  -0.689  2.462   1.00 26.61 ? 166 ILE A C   1 
ATOM   978  O O   . ILE A 1 118 ? 13.832  0.169   1.581   1.00 26.91 ? 166 ILE A O   1 
ATOM   979  C CB  . ILE A 1 118 ? 14.198  -0.081  4.869   1.00 26.27 ? 166 ILE A CB  1 
ATOM   980  C CG1 . ILE A 1 118 ? 13.431  0.378   6.111   1.00 27.07 ? 166 ILE A CG1 1 
ATOM   981  C CG2 . ILE A 1 118 ? 15.065  1.050   4.337   1.00 23.77 ? 166 ILE A CG2 1 
ATOM   982  C CD1 . ILE A 1 118 ? 14.285  1.083   7.141   1.00 28.37 ? 166 ILE A CD1 1 
ATOM   983  N N   . GLY A 1 119 ? 14.655  -1.789  2.314   1.00 25.14 ? 167 GLY A N   1 
ATOM   984  C CA  . GLY A 1 119 ? 15.371  -2.015  1.076   1.00 24.75 ? 167 GLY A CA  1 
ATOM   985  C C   . GLY A 1 119 ? 14.437  -2.005  -0.116  1.00 24.91 ? 167 GLY A C   1 
ATOM   986  O O   . GLY A 1 119 ? 14.804  -1.533  -1.195  1.00 25.47 ? 167 GLY A O   1 
ATOM   987  N N   . TYR A 1 120 ? 13.224  -2.520  0.072   1.00 23.30 ? 168 TYR A N   1 
ATOM   988  C CA  . TYR A 1 120 ? 12.240  -2.572  -1.007  1.00 21.57 ? 168 TYR A CA  1 
ATOM   989  C C   . TYR A 1 120 ? 11.747  -1.178  -1.380  1.00 20.54 ? 168 TYR A C   1 
ATOM   990  O O   . TYR A 1 120 ? 11.726  -0.817  -2.554  1.00 20.15 ? 168 TYR A O   1 
ATOM   991  C CB  . TYR A 1 120 ? 11.044  -3.451  -0.608  1.00 19.46 ? 168 TYR A CB  1 
ATOM   992  C CG  . TYR A 1 120 ? 9.831   -3.302  -1.514  1.00 18.30 ? 168 TYR A CG  1 
ATOM   993  C CD1 . TYR A 1 120 ? 9.773   -3.948  -2.757  1.00 17.70 ? 168 TYR A CD1 1 
ATOM   994  C CD2 . TYR A 1 120 ? 8.747   -2.510  -1.132  1.00 17.48 ? 168 TYR A CD2 1 
ATOM   995  C CE1 . TYR A 1 120 ? 8.667   -3.805  -3.596  1.00 16.56 ? 168 TYR A CE1 1 
ATOM   996  C CE2 . TYR A 1 120 ? 7.635   -2.360  -1.962  1.00 16.62 ? 168 TYR A CE2 1 
ATOM   997  C CZ  . TYR A 1 120 ? 7.601   -3.008  -3.191  1.00 16.39 ? 168 TYR A CZ  1 
ATOM   998  O OH  . TYR A 1 120 ? 6.498   -2.857  -4.005  1.00 15.03 ? 168 TYR A OH  1 
ATOM   999  N N   . PHE A 1 121 ? 11.356  -0.396  -0.381  1.00 20.77 ? 169 PHE A N   1 
ATOM   1000 C CA  . PHE A 1 121 ? 10.859  0.948   -0.635  1.00 20.07 ? 169 PHE A CA  1 
ATOM   1001 C C   . PHE A 1 121 ? 11.942  1.858   -1.213  1.00 20.74 ? 169 PHE A C   1 
ATOM   1002 O O   . PHE A 1 121 ? 11.648  2.737   -2.025  1.00 18.96 ? 169 PHE A O   1 
ATOM   1003 C CB  . PHE A 1 121 ? 10.268  1.536   0.647   1.00 18.60 ? 169 PHE A CB  1 
ATOM   1004 C CG  . PHE A 1 121 ? 8.933   0.948   1.006   1.00 17.38 ? 169 PHE A CG  1 
ATOM   1005 C CD1 . PHE A 1 121 ? 8.791   0.130   2.126   1.00 19.46 ? 169 PHE A CD1 1 
ATOM   1006 C CD2 . PHE A 1 121 ? 7.820   1.179   0.201   1.00 17.48 ? 169 PHE A CD2 1 
ATOM   1007 C CE1 . PHE A 1 121 ? 7.558   -0.449  2.435   1.00 17.98 ? 169 PHE A CE1 1 
ATOM   1008 C CE2 . PHE A 1 121 ? 6.581   0.607   0.499   1.00 15.92 ? 169 PHE A CE2 1 
ATOM   1009 C CZ  . PHE A 1 121 ? 6.450   -0.209  1.617   1.00 19.66 ? 169 PHE A CZ  1 
ATOM   1010 N N   . LYS A 1 122 ? 13.189  1.646   -0.798  1.00 20.42 ? 170 LYS A N   1 
ATOM   1011 C CA  . LYS A 1 122 ? 14.305  2.439   -1.314  1.00 22.43 ? 170 LYS A CA  1 
ATOM   1012 C C   . LYS A 1 122 ? 14.433  2.098   -2.796  1.00 20.95 ? 170 LYS A C   1 
ATOM   1013 O O   . LYS A 1 122 ? 14.702  2.955   -3.632  1.00 20.05 ? 170 LYS A O   1 
ATOM   1014 C CB  . LYS A 1 122 ? 15.603  2.069   -0.589  1.00 23.20 ? 170 LYS A CB  1 
ATOM   1015 C CG  . LYS A 1 122 ? 15.919  2.952   0.602   1.00 26.55 ? 170 LYS A CG  1 
ATOM   1016 C CD  . LYS A 1 122 ? 17.376  2.823   1.006   1.00 30.08 ? 170 LYS A CD  1 
ATOM   1017 C CE  . LYS A 1 122 ? 17.618  3.378   2.399   1.00 33.26 ? 170 LYS A CE  1 
ATOM   1018 N NZ  . LYS A 1 122 ? 18.672  2.611   3.127   1.00 36.03 ? 170 LYS A NZ  1 
ATOM   1019 N N   . LYS A 1 123 ? 14.219  0.821   -3.092  1.00 20.86 ? 171 LYS A N   1 
ATOM   1020 C CA  . LYS A 1 123 ? 14.278  0.284   -4.441  1.00 20.27 ? 171 LYS A CA  1 
ATOM   1021 C C   . LYS A 1 123 ? 13.136  0.839   -5.296  1.00 19.82 ? 171 LYS A C   1 
ATOM   1022 O O   . LYS A 1 123 ? 13.297  1.044   -6.504  1.00 19.08 ? 171 LYS A O   1 
ATOM   1023 C CB  . LYS A 1 123 ? 14.195  -1.242  -4.366  1.00 21.48 ? 171 LYS A CB  1 
ATOM   1024 C CG  . LYS A 1 123 ? 14.160  -1.952  -5.694  1.00 23.64 ? 171 LYS A CG  1 
ATOM   1025 C CD  . LYS A 1 123 ? 13.591  -3.355  -5.525  1.00 25.75 ? 171 LYS A CD  1 
ATOM   1026 C CE  . LYS A 1 123 ? 14.482  -4.414  -6.163  1.00 28.17 ? 171 LYS A CE  1 
ATOM   1027 N NZ  . LYS A 1 123 ? 13.694  -5.542  -6.751  1.00 28.58 ? 171 LYS A NZ  1 
ATOM   1028 N N   . GLN A 1 124 ? 11.991  1.093   -4.664  1.00 17.96 ? 172 GLN A N   1 
ATOM   1029 C CA  . GLN A 1 124 ? 10.826  1.628   -5.366  1.00 17.66 ? 172 GLN A CA  1 
ATOM   1030 C C   . GLN A 1 124 ? 10.836  3.154   -5.436  1.00 17.90 ? 172 GLN A C   1 
ATOM   1031 O O   . GLN A 1 124 ? 9.841   3.774   -5.821  1.00 18.86 ? 172 GLN A O   1 
ATOM   1032 C CB  . GLN A 1 124 ? 9.532   1.155   -4.700  1.00 16.43 ? 172 GLN A CB  1 
ATOM   1033 C CG  . GLN A 1 124 ? 9.318   -0.352  -4.750  1.00 18.53 ? 172 GLN A CG  1 
ATOM   1034 C CD  . GLN A 1 124 ? 9.694   -0.971  -6.090  1.00 18.79 ? 172 GLN A CD  1 
ATOM   1035 O OE1 . GLN A 1 124 ? 9.417   -0.407  -7.152  1.00 21.52 ? 172 GLN A OE1 1 
ATOM   1036 N NE2 . GLN A 1 124 ? 10.322  -2.143  -6.044  1.00 18.71 ? 172 GLN A NE2 1 
ATOM   1037 N N   . GLY A 1 125 ? 11.955  3.760   -5.049  1.00 16.97 ? 173 GLY A N   1 
ATOM   1038 C CA  . GLY A 1 125 ? 12.066  5.205   -5.121  1.00 14.97 ? 173 GLY A CA  1 
ATOM   1039 C C   . GLY A 1 125 ? 11.700  6.015   -3.895  1.00 15.65 ? 173 GLY A C   1 
ATOM   1040 O O   . GLY A 1 125 ? 11.683  7.242   -3.963  1.00 16.16 ? 173 GLY A O   1 
ATOM   1041 N N   . PHE A 1 126 ? 11.404  5.348   -2.783  1.00 16.04 ? 174 PHE A N   1 
ATOM   1042 C CA  . PHE A 1 126 ? 11.054  6.046   -1.547  1.00 15.03 ? 174 PHE A CA  1 
ATOM   1043 C C   . PHE A 1 126 ? 12.338  6.495   -0.862  1.00 16.60 ? 174 PHE A C   1 
ATOM   1044 O O   . PHE A 1 126 ? 13.395  5.883   -1.047  1.00 16.26 ? 174 PHE A O   1 
ATOM   1045 C CB  . PHE A 1 126 ? 10.267  5.124   -0.603  1.00 13.47 ? 174 PHE A CB  1 
ATOM   1046 C CG  . PHE A 1 126 ? 8.821   4.932   -0.992  1.00 10.59 ? 174 PHE A CG  1 
ATOM   1047 C CD1 . PHE A 1 126 ? 8.478   4.188   -2.121  1.00 11.41 ? 174 PHE A CD1 1 
ATOM   1048 C CD2 . PHE A 1 126 ? 7.800   5.448   -0.197  1.00 11.82 ? 174 PHE A CD2 1 
ATOM   1049 C CE1 . PHE A 1 126 ? 7.136   3.953   -2.450  1.00 11.13 ? 174 PHE A CE1 1 
ATOM   1050 C CE2 . PHE A 1 126 ? 6.454   5.219   -0.515  1.00 9.43  ? 174 PHE A CE2 1 
ATOM   1051 C CZ  . PHE A 1 126 ? 6.125   4.470   -1.642  1.00 10.71 ? 174 PHE A CZ  1 
ATOM   1052 N N   . THR A 1 127 ? 12.251  7.562   -0.074  1.00 17.75 ? 175 THR A N   1 
ATOM   1053 C CA  . THR A 1 127 ? 13.424  8.071   0.620   1.00 21.21 ? 175 THR A CA  1 
ATOM   1054 C C   . THR A 1 127 ? 13.142  8.391   2.076   1.00 22.52 ? 175 THR A C   1 
ATOM   1055 O O   . THR A 1 127 ? 12.005  8.663   2.451   1.00 22.22 ? 175 THR A O   1 
ATOM   1056 C CB  . THR A 1 127 ? 13.957  9.344   -0.054  1.00 21.11 ? 175 THR A CB  1 
ATOM   1057 O OG1 . THR A 1 127 ? 12.917  10.324  -0.110  1.00 20.35 ? 175 THR A OG1 1 
ATOM   1058 C CG2 . THR A 1 127 ? 14.428  9.036   -1.462  1.00 23.58 ? 175 THR A CG2 1 
ATOM   1059 N N   . LYS A 1 128 ? 14.196  8.363   2.888   1.00 25.66 ? 176 LYS A N   1 
ATOM   1060 C CA  . LYS A 1 128 ? 14.093  8.662   4.311   1.00 28.02 ? 176 LYS A CA  1 
ATOM   1061 C C   . LYS A 1 128 ? 13.970  10.163  4.497   1.00 29.26 ? 176 LYS A C   1 
ATOM   1062 O O   . LYS A 1 128 ? 13.390  10.631  5.473   1.00 29.28 ? 176 LYS A O   1 
ATOM   1063 C CB  . LYS A 1 128 ? 15.332  8.155   5.044   1.00 30.21 ? 176 LYS A CB  1 
ATOM   1064 C CG  . LYS A 1 128 ? 15.141  6.799   5.699   1.00 34.22 ? 176 LYS A CG  1 
ATOM   1065 C CD  . LYS A 1 128 ? 16.035  5.746   5.067   1.00 38.42 ? 176 LYS A CD  1 
ATOM   1066 C CE  . LYS A 1 128 ? 15.838  4.386   5.727   1.00 40.69 ? 176 LYS A CE  1 
ATOM   1067 N NZ  . LYS A 1 128 ? 14.432  3.900   5.617   1.00 43.67 ? 176 LYS A NZ  1 
ATOM   1068 N N   . GLU A 1 129 ? 14.527  10.908  3.549   1.00 31.58 ? 177 GLU A N   1 
ATOM   1069 C CA  . GLU A 1 129 ? 14.486  12.366  3.567   1.00 34.34 ? 177 GLU A CA  1 
ATOM   1070 C C   . GLU A 1 129 ? 13.199  12.824  2.887   1.00 34.88 ? 177 GLU A C   1 
ATOM   1071 O O   . GLU A 1 129 ? 12.832  12.320  1.825   1.00 34.90 ? 177 GLU A O   1 
ATOM   1072 C CB  . GLU A 1 129 ? 15.701  12.938  2.828   1.00 37.43 ? 177 GLU A CB  1 
ATOM   1073 C CG  . GLU A 1 129 ? 16.799  13.454  3.747   1.00 43.05 ? 177 GLU A CG  1 
ATOM   1074 C CD  . GLU A 1 129 ? 17.568  12.333  4.429   1.00 46.87 ? 177 GLU A CD  1 
ATOM   1075 O OE1 . GLU A 1 129 ? 17.745  11.264  3.801   1.00 48.37 ? 177 GLU A OE1 1 
ATOM   1076 O OE2 . GLU A 1 129 ? 17.994  12.523  5.591   1.00 48.98 ? 177 GLU A OE2 1 
ATOM   1077 N N   . HIS A 1 130 ? 12.519  13.789  3.493   1.00 34.43 ? 178 HIS A N   1 
ATOM   1078 C CA  . HIS A 1 130 ? 11.261  14.272  2.953   1.00 34.17 ? 178 HIS A CA  1 
ATOM   1079 C C   . HIS A 1 130 ? 11.348  15.528  2.111   1.00 34.65 ? 178 HIS A C   1 
ATOM   1080 O O   . HIS A 1 130 ? 12.171  16.407  2.360   1.00 34.18 ? 178 HIS A O   1 
ATOM   1081 C CB  . HIS A 1 130 ? 10.275  14.504  4.093   1.00 32.16 ? 178 HIS A CB  1 
ATOM   1082 C CG  . HIS A 1 130 ? 9.895   13.255  4.820   1.00 30.72 ? 178 HIS A CG  1 
ATOM   1083 N ND1 . HIS A 1 130 ? 10.442  12.027  4.518   1.00 29.84 ? 178 HIS A ND1 1 
ATOM   1084 C CD2 . HIS A 1 130 ? 9.027   13.041  5.836   1.00 30.14 ? 178 HIS A CD2 1 
ATOM   1085 C CE1 . HIS A 1 130 ? 9.927   11.110  5.318   1.00 28.70 ? 178 HIS A CE1 1 
ATOM   1086 N NE2 . HIS A 1 130 ? 9.066   11.700  6.127   1.00 28.98 ? 178 HIS A NE2 1 
ATOM   1087 N N   . ARG A 1 131 ? 10.480  15.594  1.108   1.00 36.49 ? 179 ARG A N   1 
ATOM   1088 C CA  . ARG A 1 131 ? 10.396  16.742  0.222   1.00 38.38 ? 179 ARG A CA  1 
ATOM   1089 C C   . ARG A 1 131 ? 9.151   17.504  0.647   1.00 39.06 ? 179 ARG A C   1 
ATOM   1090 O O   . ARG A 1 131 ? 9.015   18.695  0.379   1.00 40.17 ? 179 ARG A O   1 
ATOM   1091 C CB  . ARG A 1 131 ? 10.265  16.289  -1.232  1.00 40.43 ? 179 ARG A CB  1 
ATOM   1092 C CG  . ARG A 1 131 ? 11.031  17.142  -2.242  1.00 44.33 ? 179 ARG A CG  1 
ATOM   1093 C CD  . ARG A 1 131 ? 12.129  17.973  -1.586  1.00 47.82 ? 179 ARG A CD  1 
ATOM   1094 N NE  . ARG A 1 131 ? 13.170  17.147  -0.972  1.00 51.35 ? 179 ARG A NE  1 
ATOM   1095 C CZ  . ARG A 1 131 ? 13.959  17.552  0.021   1.00 52.21 ? 179 ARG A CZ  1 
ATOM   1096 N NH1 . ARG A 1 131 ? 13.829  18.776  0.519   1.00 51.43 ? 179 ARG A NH1 1 
ATOM   1097 N NH2 . ARG A 1 131 ? 14.884  16.736  0.513   1.00 53.05 ? 179 ARG A NH2 1 
ATOM   1098 N N   . MET A 1 132 ? 8.246   16.794  1.318   1.00 40.12 ? 180 MET A N   1 
ATOM   1099 C CA  . MET A 1 132 ? 6.999   17.371  1.817   1.00 40.49 ? 180 MET A CA  1 
ATOM   1100 C C   . MET A 1 132 ? 7.187   17.658  3.312   1.00 40.28 ? 180 MET A C   1 
ATOM   1101 O O   . MET A 1 132 ? 7.570   16.771  4.080   1.00 40.94 ? 180 MET A O   1 
ATOM   1102 C CB  . MET A 1 132 ? 5.834   16.386  1.578   1.00 40.39 ? 180 MET A CB  1 
ATOM   1103 C CG  . MET A 1 132 ? 4.706   16.403  2.617   1.00 42.18 ? 180 MET A CG  1 
ATOM   1104 S SD  . MET A 1 132 ? 3.357   15.545  1.792   1.00 41.50 ? 180 MET A SD  1 
ATOM   1105 C CE  . MET A 1 132 ? 4.211   13.668  1.826   1.00 42.29 ? 180 MET A CE  1 
ATOM   1106 N N   . PRO A 1 133 ? 6.932   18.911  3.739   1.00 40.07 ? 181 PRO A N   1 
ATOM   1107 C CA  . PRO A 1 133 ? 7.070   19.340  5.141   1.00 39.43 ? 181 PRO A CA  1 
ATOM   1108 C C   . PRO A 1 133 ? 6.129   18.623  6.109   1.00 39.23 ? 181 PRO A C   1 
ATOM   1109 O O   . PRO A 1 133 ? 4.948   18.443  5.817   1.00 39.66 ? 181 PRO A O   1 
ATOM   1110 C CB  . PRO A 1 133 ? 6.792   20.846  5.094   1.00 38.96 ? 181 PRO A CB  1 
ATOM   1111 C CG  . PRO A 1 133 ? 6.889   21.223  3.646   1.00 38.00 ? 181 PRO A CG  1 
ATOM   1112 C CD  . PRO A 1 133 ? 6.480   20.015  2.874   1.00 38.91 ? 181 PRO A CD  1 
ATOM   1113 N N   . GLN A 1 134 ? 6.652   18.227  7.267   1.00 39.45 ? 182 GLN A N   1 
ATOM   1114 C CA  . GLN A 1 134 ? 5.843   17.531  8.262   1.00 39.43 ? 182 GLN A CA  1 
ATOM   1115 C C   . GLN A 1 134 ? 4.531   18.263  8.504   1.00 37.45 ? 182 GLN A C   1 
ATOM   1116 O O   . GLN A 1 134 ? 3.490   17.639  8.677   1.00 36.09 ? 182 GLN A O   1 
ATOM   1117 C CB  . GLN A 1 134 ? 6.607   17.393  9.580   1.00 42.36 ? 182 GLN A CB  1 
ATOM   1118 C CG  . GLN A 1 134 ? 7.202   18.686  10.106  1.00 46.23 ? 182 GLN A CG  1 
ATOM   1119 C CD  . GLN A 1 134 ? 8.659   18.533  10.497  1.00 48.33 ? 182 GLN A CD  1 
ATOM   1120 O OE1 . GLN A 1 134 ? 9.154   19.237  11.378  1.00 50.17 ? 182 GLN A OE1 1 
ATOM   1121 N NE2 . GLN A 1 134 ? 9.354   17.608  9.841   1.00 49.49 ? 182 GLN A NE2 1 
ATOM   1122 N N   . GLU A 1 135 ? 4.587   19.590  8.511   1.00 37.40 ? 183 GLU A N   1 
ATOM   1123 C CA  . GLU A 1 135 ? 3.395   20.404  8.718   1.00 36.68 ? 183 GLU A CA  1 
ATOM   1124 C C   . GLU A 1 135 ? 2.296   20.018  7.729   1.00 33.99 ? 183 GLU A C   1 
ATOM   1125 O O   . GLU A 1 135 ? 1.108   20.148  8.025   1.00 33.46 ? 183 GLU A O   1 
ATOM   1126 C CB  . GLU A 1 135 ? 3.736   21.885  8.544   1.00 40.38 ? 183 GLU A CB  1 
ATOM   1127 C CG  . GLU A 1 135 ? 4.824   22.389  9.477   1.00 45.68 ? 183 GLU A CG  1 
ATOM   1128 C CD  . GLU A 1 135 ? 4.475   23.728  10.104  1.00 49.27 ? 183 GLU A CD  1 
ATOM   1129 O OE1 . GLU A 1 135 ? 3.925   24.594  9.385   1.00 49.66 ? 183 GLU A OE1 1 
ATOM   1130 O OE2 . GLU A 1 135 ? 4.747   23.914  11.312  1.00 50.51 ? 183 GLU A OE2 1 
ATOM   1131 N N   . LYS A 1 136 ? 2.705   19.539  6.556   1.00 31.88 ? 184 LYS A N   1 
ATOM   1132 C CA  . LYS A 1 136 ? 1.771   19.139  5.506   1.00 29.75 ? 184 LYS A CA  1 
ATOM   1133 C C   . LYS A 1 136 ? 0.940   17.905  5.854   1.00 26.62 ? 184 LYS A C   1 
ATOM   1134 O O   . LYS A 1 136 ? -0.269  17.888  5.634   1.00 26.42 ? 184 LYS A O   1 
ATOM   1135 C CB  . LYS A 1 136 ? 2.531   18.892  4.202   1.00 31.32 ? 184 LYS A CB  1 
ATOM   1136 C CG  . LYS A 1 136 ? 2.162   19.841  3.078   1.00 34.60 ? 184 LYS A CG  1 
ATOM   1137 C CD  . LYS A 1 136 ? 1.277   19.149  2.049   1.00 39.66 ? 184 LYS A CD  1 
ATOM   1138 C CE  . LYS A 1 136 ? 1.917   19.150  0.660   1.00 40.89 ? 184 LYS A CE  1 
ATOM   1139 N NZ  . LYS A 1 136 ? 1.688   17.871  -0.084  1.00 43.74 ? 184 LYS A NZ  1 
ATOM   1140 N N   . TRP A 1 137 ? 1.581   16.875  6.400   1.00 25.96 ? 185 TRP A N   1 
ATOM   1141 C CA  . TRP A 1 137 ? 0.868   15.650  6.756   1.00 24.15 ? 185 TRP A CA  1 
ATOM   1142 C C   . TRP A 1 137 ? 0.482   15.581  8.225   1.00 24.19 ? 185 TRP A C   1 
ATOM   1143 O O   . TRP A 1 137 ? -0.148  14.621  8.659   1.00 22.46 ? 185 TRP A O   1 
ATOM   1144 C CB  . TRP A 1 137 ? 1.699   14.417  6.390   1.00 24.14 ? 185 TRP A CB  1 
ATOM   1145 C CG  . TRP A 1 137 ? 3.097   14.415  6.924   1.00 24.18 ? 185 TRP A CG  1 
ATOM   1146 C CD1 . TRP A 1 137 ? 4.218   14.856  6.283   1.00 24.91 ? 185 TRP A CD1 1 
ATOM   1147 C CD2 . TRP A 1 137 ? 3.535   13.887  8.181   1.00 26.15 ? 185 TRP A CD2 1 
ATOM   1148 N NE1 . TRP A 1 137 ? 5.329   14.630  7.060   1.00 25.39 ? 185 TRP A NE1 1 
ATOM   1149 C CE2 . TRP A 1 137 ? 4.938   14.036  8.232   1.00 25.93 ? 185 TRP A CE2 1 
ATOM   1150 C CE3 . TRP A 1 137 ? 2.876   13.298  9.272   1.00 26.77 ? 185 TRP A CE3 1 
ATOM   1151 C CZ2 . TRP A 1 137 ? 5.697   13.618  9.332   1.00 26.50 ? 185 TRP A CZ2 1 
ATOM   1152 C CZ3 . TRP A 1 137 ? 3.634   12.882  10.367  1.00 26.25 ? 185 TRP A CZ3 1 
ATOM   1153 C CH2 . TRP A 1 137 ? 5.029   13.045  10.385  1.00 26.70 ? 185 TRP A CH2 1 
ATOM   1154 N N   . LYS A 1 138 ? 0.859   16.601  8.985   1.00 25.13 ? 186 LYS A N   1 
ATOM   1155 C CA  . LYS A 1 138 ? 0.540   16.642  10.406  1.00 27.11 ? 186 LYS A CA  1 
ATOM   1156 C C   . LYS A 1 138 ? -0.967  16.760  10.599  1.00 26.07 ? 186 LYS A C   1 
ATOM   1157 O O   . LYS A 1 138 ? -1.611  17.647  10.039  1.00 26.23 ? 186 LYS A O   1 
ATOM   1158 C CB  . LYS A 1 138 ? 1.245   17.827  11.072  1.00 29.74 ? 186 LYS A CB  1 
ATOM   1159 C CG  . LYS A 1 138 ? 2.336   17.424  12.054  1.00 34.12 ? 186 LYS A CG  1 
ATOM   1160 C CD  . LYS A 1 138 ? 3.545   16.811  11.348  1.00 36.64 ? 186 LYS A CD  1 
ATOM   1161 C CE  . LYS A 1 138 ? 4.465   16.103  12.336  1.00 38.36 ? 186 LYS A CE  1 
ATOM   1162 N NZ  . LYS A 1 138 ? 5.853   16.640  12.300  1.00 38.84 ? 186 LYS A NZ  1 
ATOM   1163 N N   . GLY A 1 139 ? -1.529  15.858  11.394  1.00 25.51 ? 187 GLY A N   1 
ATOM   1164 C CA  . GLY A 1 139 ? -2.959  15.888  11.632  1.00 24.13 ? 187 GLY A CA  1 
ATOM   1165 C C   . GLY A 1 139 ? -3.722  14.983  10.683  1.00 23.68 ? 187 GLY A C   1 
ATOM   1166 O O   . GLY A 1 139 ? -4.950  14.876  10.760  1.00 24.44 ? 187 GLY A O   1 
ATOM   1167 N N   . TYR A 1 140 ? -2.991  14.333  9.782   1.00 21.06 ? 188 TYR A N   1 
ATOM   1168 C CA  . TYR A 1 140 ? -3.594  13.428  8.813   1.00 19.28 ? 188 TYR A CA  1 
ATOM   1169 C C   . TYR A 1 140 ? -2.976  12.058  8.972   1.00 18.45 ? 188 TYR A C   1 
ATOM   1170 O O   . TYR A 1 140 ? -3.669  11.057  9.149   1.00 20.55 ? 188 TYR A O   1 
ATOM   1171 C CB  . TYR A 1 140 ? -3.345  13.939  7.398   1.00 17.79 ? 188 TYR A CB  1 
ATOM   1172 C CG  . TYR A 1 140 ? -4.056  15.230  7.120   1.00 17.35 ? 188 TYR A CG  1 
ATOM   1173 C CD1 . TYR A 1 140 ? -3.363  16.437  7.117   1.00 18.65 ? 188 TYR A CD1 1 
ATOM   1174 C CD2 . TYR A 1 140 ? -5.426  15.248  6.879   1.00 17.51 ? 188 TYR A CD2 1 
ATOM   1175 C CE1 . TYR A 1 140 ? -4.021  17.631  6.882   1.00 19.81 ? 188 TYR A CE1 1 
ATOM   1176 C CE2 . TYR A 1 140 ? -6.093  16.436  6.644   1.00 18.62 ? 188 TYR A CE2 1 
ATOM   1177 C CZ  . TYR A 1 140 ? -5.386  17.623  6.645   1.00 18.73 ? 188 TYR A CZ  1 
ATOM   1178 O OH  . TYR A 1 140 ? -6.047  18.805  6.403   1.00 21.82 ? 188 TYR A OH  1 
ATOM   1179 N N   . ILE A 1 141 ? -1.654  12.034  8.901   1.00 19.45 ? 189 ILE A N   1 
ATOM   1180 C CA  . ILE A 1 141 ? -0.887  10.810  9.040   1.00 19.45 ? 189 ILE A CA  1 
ATOM   1181 C C   . ILE A 1 141 ? -0.221  10.855  10.411  1.00 20.60 ? 189 ILE A C   1 
ATOM   1182 O O   . ILE A 1 141 ? 0.383   11.863  10.778  1.00 19.98 ? 189 ILE A O   1 
ATOM   1183 C CB  . ILE A 1 141 ? 0.170   10.718  7.921   1.00 18.26 ? 189 ILE A CB  1 
ATOM   1184 C CG1 . ILE A 1 141 ? -0.535  10.382  6.601   1.00 17.49 ? 189 ILE A CG1 1 
ATOM   1185 C CG2 . ILE A 1 141 ? 1.241   9.695   8.282   1.00 17.43 ? 189 ILE A CG2 1 
ATOM   1186 C CD1 . ILE A 1 141 ? 0.378   10.277  5.404   1.00 15.97 ? 189 ILE A CD1 1 
ATOM   1187 N N   . LYS A 1 142 ? -0.344  9.767   11.168  1.00 21.50 ? 190 LYS A N   1 
ATOM   1188 C CA  . LYS A 1 142 ? 0.234   9.698   12.508  1.00 23.58 ? 190 LYS A CA  1 
ATOM   1189 C C   . LYS A 1 142 ? 1.756   9.849   12.536  1.00 23.46 ? 190 LYS A C   1 
ATOM   1190 O O   . LYS A 1 142 ? 2.458   9.408   11.625  1.00 24.32 ? 190 LYS A O   1 
ATOM   1191 C CB  . LYS A 1 142 ? -0.176  8.385   13.182  1.00 25.20 ? 190 LYS A CB  1 
ATOM   1192 C CG  . LYS A 1 142 ? -1.363  8.528   14.117  1.00 28.20 ? 190 LYS A CG  1 
ATOM   1193 C CD  . LYS A 1 142 ? -1.361  7.432   15.181  1.00 31.56 ? 190 LYS A CD  1 
ATOM   1194 C CE  . LYS A 1 142 ? -0.739  7.906   16.493  1.00 31.21 ? 190 LYS A CE  1 
ATOM   1195 N NZ  . LYS A 1 142 ? -1.652  7.678   17.646  1.00 31.26 ? 190 LYS A NZ  1 
ATOM   1196 N N   . ASP A 1 143 ? 2.257   10.478  13.597  1.00 23.42 ? 191 ASP A N   1 
ATOM   1197 C CA  . ASP A 1 143 ? 3.690   10.708  13.764  1.00 24.48 ? 191 ASP A CA  1 
ATOM   1198 C C   . ASP A 1 143 ? 4.293   9.763   14.806  1.00 23.05 ? 191 ASP A C   1 
ATOM   1199 O O   . ASP A 1 143 ? 4.226   10.035  16.002  1.00 25.14 ? 191 ASP A O   1 
ATOM   1200 C CB  . ASP A 1 143 ? 3.918   12.165  14.187  1.00 25.13 ? 191 ASP A CB  1 
ATOM   1201 C CG  . ASP A 1 143 ? 5.386   12.533  14.269  1.00 25.95 ? 191 ASP A CG  1 
ATOM   1202 O OD1 . ASP A 1 143 ? 5.684   13.611  14.825  1.00 28.56 ? 191 ASP A OD1 1 
ATOM   1203 O OD2 . ASP A 1 143 ? 6.238   11.757  13.782  1.00 27.66 ? 191 ASP A OD2 1 
ATOM   1204 N N   . TYR A 1 144 ? 4.881   8.658   14.357  1.00 22.58 ? 192 TYR A N   1 
ATOM   1205 C CA  . TYR A 1 144 ? 5.487   7.693   15.273  1.00 25.04 ? 192 TYR A CA  1 
ATOM   1206 C C   . TYR A 1 144 ? 6.992   7.889   15.376  1.00 28.54 ? 192 TYR A C   1 
ATOM   1207 O O   . TYR A 1 144 ? 7.655   8.189   14.383  1.00 30.35 ? 192 TYR A O   1 
ATOM   1208 C CB  . TYR A 1 144 ? 5.222   6.260   14.811  1.00 21.59 ? 192 TYR A CB  1 
ATOM   1209 C CG  . TYR A 1 144 ? 3.764   5.907   14.655  1.00 20.11 ? 192 TYR A CG  1 
ATOM   1210 C CD1 . TYR A 1 144 ? 3.172   5.845   13.395  1.00 17.21 ? 192 TYR A CD1 1 
ATOM   1211 C CD2 . TYR A 1 144 ? 2.972   5.634   15.770  1.00 19.19 ? 192 TYR A CD2 1 
ATOM   1212 C CE1 . TYR A 1 144 ? 1.834   5.522   13.245  1.00 17.01 ? 192 TYR A CE1 1 
ATOM   1213 C CE2 . TYR A 1 144 ? 1.627   5.308   15.630  1.00 19.42 ? 192 TYR A CE2 1 
ATOM   1214 C CZ  . TYR A 1 144 ? 1.065   5.253   14.364  1.00 18.91 ? 192 TYR A CZ  1 
ATOM   1215 O OH  . TYR A 1 144 ? -0.267  4.926   14.223  1.00 19.44 ? 192 TYR A OH  1 
ATOM   1216 N N   . ASP A 1 145 ? 7.535   7.712   16.577  1.00 31.08 ? 193 ASP A N   1 
ATOM   1217 C CA  . ASP A 1 145 ? 8.973   7.853   16.776  1.00 31.57 ? 193 ASP A CA  1 
ATOM   1218 C C   . ASP A 1 145 ? 9.659   6.597   16.249  1.00 31.89 ? 193 ASP A C   1 
ATOM   1219 O O   . ASP A 1 145 ? 10.724  6.670   15.627  1.00 31.84 ? 193 ASP A O   1 
ATOM   1220 C CB  . ASP A 1 145 ? 9.287   8.055   18.256  1.00 36.29 ? 193 ASP A CB  1 
ATOM   1221 C CG  . ASP A 1 145 ? 9.225   9.512   18.668  1.00 39.53 ? 193 ASP A CG  1 
ATOM   1222 O OD1 . ASP A 1 145 ? 8.372   10.249  18.127  1.00 40.79 ? 193 ASP A OD1 1 
ATOM   1223 O OD2 . ASP A 1 145 ? 10.031  9.919   19.530  1.00 41.71 ? 193 ASP A OD2 1 
ATOM   1224 N N   . GLY A 1 146 ? 9.043   5.444   16.500  1.00 29.75 ? 194 GLY A N   1 
ATOM   1225 C CA  . GLY A 1 146 ? 9.593   4.196   16.011  1.00 31.38 ? 194 GLY A CA  1 
ATOM   1226 C C   . GLY A 1 146 ? 9.313   4.114   14.521  1.00 32.96 ? 194 GLY A C   1 
ATOM   1227 O O   . GLY A 1 146 ? 8.653   4.997   13.965  1.00 33.07 ? 194 GLY A O   1 
ATOM   1228 N N   . GLY A 1 147 ? 9.809   3.070   13.862  1.00 34.09 ? 195 GLY A N   1 
ATOM   1229 C CA  . GLY A 1 147 ? 9.584   2.928   12.432  1.00 34.11 ? 195 GLY A CA  1 
ATOM   1230 C C   . GLY A 1 147 ? 10.129  4.082   11.597  1.00 34.96 ? 195 GLY A C   1 
ATOM   1231 O O   . GLY A 1 147 ? 10.212  5.230   12.058  1.00 34.53 ? 195 GLY A O   1 
ATOM   1232 N N   . THR A 1 148 ? 10.494  3.776   10.353  1.00 33.27 ? 196 THR A N   1 
ATOM   1233 C CA  . THR A 1 148 ? 11.038  4.774   9.435   1.00 30.71 ? 196 THR A CA  1 
ATOM   1234 C C   . THR A 1 148 ? 9.987   5.293   8.458   1.00 26.55 ? 196 THR A C   1 
ATOM   1235 O O   . THR A 1 148 ? 9.460   4.530   7.647   1.00 25.21 ? 196 THR A O   1 
ATOM   1236 C CB  . THR A 1 148 ? 12.194  4.189   8.601   1.00 32.77 ? 196 THR A CB  1 
ATOM   1237 O OG1 . THR A 1 148 ? 12.781  3.084   9.301   1.00 36.50 ? 196 THR A OG1 1 
ATOM   1238 C CG2 . THR A 1 148 ? 13.250  5.255   8.330   1.00 35.92 ? 196 THR A CG2 1 
ATOM   1239 N N   . LEU A 1 149 ? 9.682   6.585   8.535   1.00 22.25 ? 197 LEU A N   1 
ATOM   1240 C CA  . LEU A 1 149 ? 8.709   7.182   7.624   1.00 21.33 ? 197 LEU A CA  1 
ATOM   1241 C C   . LEU A 1 149 ? 9.434   7.514   6.323   1.00 20.30 ? 197 LEU A C   1 
ATOM   1242 O O   . LEU A 1 149 ? 10.356  8.328   6.308   1.00 19.37 ? 197 LEU A O   1 
ATOM   1243 C CB  . LEU A 1 149 ? 8.102   8.456   8.218   1.00 19.84 ? 197 LEU A CB  1 
ATOM   1244 C CG  . LEU A 1 149 ? 7.038   9.152   7.357   1.00 19.67 ? 197 LEU A CG  1 
ATOM   1245 C CD1 . LEU A 1 149 ? 5.808   8.259   7.192   1.00 18.80 ? 197 LEU A CD1 1 
ATOM   1246 C CD2 . LEU A 1 149 ? 6.646   10.455  8.006   1.00 21.03 ? 197 LEU A CD2 1 
ATOM   1247 N N   . MET A 1 150 ? 9.023   6.865   5.242   1.00 19.32 ? 198 MET A N   1 
ATOM   1248 C CA  . MET A 1 150 ? 9.643   7.085   3.947   1.00 17.45 ? 198 MET A CA  1 
ATOM   1249 C C   . MET A 1 150 ? 8.629   7.697   2.978   1.00 17.22 ? 198 MET A C   1 
ATOM   1250 O O   . MET A 1 150 ? 7.431   7.394   3.024   1.00 14.74 ? 198 MET A O   1 
ATOM   1251 C CB  . MET A 1 150 ? 10.232  5.764   3.432   1.00 18.16 ? 198 MET A CB  1 
ATOM   1252 C CG  . MET A 1 150 ? 11.429  5.279   4.295   1.00 20.08 ? 198 MET A CG  1 
ATOM   1253 S SD  . MET A 1 150 ? 11.766  3.614   3.725   1.00 31.70 ? 198 MET A SD  1 
ATOM   1254 C CE  . MET A 1 150 ? 13.060  4.135   2.198   1.00 23.64 ? 198 MET A CE  1 
ATOM   1255 N N   . GLU A 1 151 ? 9.123   8.576   2.113   1.00 16.53 ? 199 GLU A N   1 
ATOM   1256 C CA  . GLU A 1 151 ? 8.283   9.286   1.154   1.00 15.28 ? 199 GLU A CA  1 
ATOM   1257 C C   . GLU A 1 151 ? 8.659   9.052   -0.315  1.00 14.21 ? 199 GLU A C   1 
ATOM   1258 O O   . GLU A 1 151 ? 9.817   8.811   -0.647  1.00 12.85 ? 199 GLU A O   1 
ATOM   1259 C CB  . GLU A 1 151 ? 8.339   10.787  1.480   1.00 15.26 ? 199 GLU A CB  1 
ATOM   1260 C CG  . GLU A 1 151 ? 7.731   11.725  0.445   1.00 19.89 ? 199 GLU A CG  1 
ATOM   1261 C CD  . GLU A 1 151 ? 8.329   13.124  0.519   1.00 21.60 ? 199 GLU A CD  1 
ATOM   1262 O OE1 . GLU A 1 151 ? 7.823   13.962  1.297   1.00 23.11 ? 199 GLU A OE1 1 
ATOM   1263 O OE2 . GLU A 1 151 ? 9.313   13.387  -0.200  1.00 22.43 ? 199 GLU A OE2 1 
ATOM   1264 N N   . CYS A 1 152 ? 7.654   9.103   -1.183  1.00 13.40 ? 200 CYS A N   1 
ATOM   1265 C CA  . CYS A 1 152 ? 7.875   8.950   -2.616  1.00 12.49 ? 200 CYS A CA  1 
ATOM   1266 C C   . CYS A 1 152 ? 7.019   9.956   -3.374  1.00 11.43 ? 200 CYS A C   1 
ATOM   1267 O O   . CYS A 1 152 ? 5.814   10.046  -3.154  1.00 10.92 ? 200 CYS A O   1 
ATOM   1268 C CB  . CYS A 1 152 ? 7.530   7.546   -3.094  1.00 12.69 ? 200 CYS A CB  1 
ATOM   1269 S SG  . CYS A 1 152 ? 7.976   7.313   -4.841  1.00 15.88 ? 200 CYS A SG  1 
ATOM   1270 N N   . TYR A 1 153 ? 7.656   10.722  -4.257  1.00 11.34 ? 201 TYR A N   1 
ATOM   1271 C CA  . TYR A 1 153 ? 6.956   11.717  -5.059  1.00 11.25 ? 201 TYR A CA  1 
ATOM   1272 C C   . TYR A 1 153 ? 6.414   11.056  -6.326  1.00 10.62 ? 201 TYR A C   1 
ATOM   1273 O O   . TYR A 1 153 ? 7.078   10.210  -6.934  1.00 11.74 ? 201 TYR A O   1 
ATOM   1274 C CB  . TYR A 1 153 ? 7.916   12.848  -5.434  1.00 11.74 ? 201 TYR A CB  1 
ATOM   1275 C CG  . TYR A 1 153 ? 7.329   13.867  -6.385  1.00 14.07 ? 201 TYR A CG  1 
ATOM   1276 C CD1 . TYR A 1 153 ? 6.255   14.666  -5.998  1.00 14.22 ? 201 TYR A CD1 1 
ATOM   1277 C CD2 . TYR A 1 153 ? 7.848   14.033  -7.673  1.00 15.76 ? 201 TYR A CD2 1 
ATOM   1278 C CE1 . TYR A 1 153 ? 5.708   15.606  -6.860  1.00 16.49 ? 201 TYR A CE1 1 
ATOM   1279 C CE2 . TYR A 1 153 ? 7.305   14.979  -8.552  1.00 16.85 ? 201 TYR A CE2 1 
ATOM   1280 C CZ  . TYR A 1 153 ? 6.236   15.759  -8.137  1.00 18.18 ? 201 TYR A CZ  1 
ATOM   1281 O OH  . TYR A 1 153 ? 5.689   16.700  -8.983  1.00 19.24 ? 201 TYR A OH  1 
ATOM   1282 N N   . ILE A 1 154 ? 5.197   11.429  -6.705  1.00 11.69 ? 202 ILE A N   1 
ATOM   1283 C CA  . ILE A 1 154 ? 4.564   10.896  -7.903  1.00 11.66 ? 202 ILE A CA  1 
ATOM   1284 C C   . ILE A 1 154 ? 4.506   12.050  -8.898  1.00 13.45 ? 202 ILE A C   1 
ATOM   1285 O O   . ILE A 1 154 ? 3.689   12.964  -8.753  1.00 14.36 ? 202 ILE A O   1 
ATOM   1286 C CB  . ILE A 1 154 ? 3.137   10.406  -7.610  1.00 12.95 ? 202 ILE A CB  1 
ATOM   1287 C CG1 . ILE A 1 154 ? 3.161   9.377   -6.473  1.00 12.07 ? 202 ILE A CG1 1 
ATOM   1288 C CG2 . ILE A 1 154 ? 2.520   9.817   -8.870  1.00 13.98 ? 202 ILE A CG2 1 
ATOM   1289 C CD1 . ILE A 1 154 ? 3.943   8.121   -6.775  1.00 11.75 ? 202 ILE A CD1 1 
ATOM   1290 N N   . HIS A 1 155 ? 5.396   12.012  -9.889  1.00 13.04 ? 203 HIS A N   1 
ATOM   1291 C CA  . HIS A 1 155 ? 5.474   13.052  -10.910 1.00 13.17 ? 203 HIS A CA  1 
ATOM   1292 C C   . HIS A 1 155 ? 4.247   12.984  -11.820 1.00 12.51 ? 203 HIS A C   1 
ATOM   1293 O O   . HIS A 1 155 ? 3.854   11.900  -12.261 1.00 12.75 ? 203 HIS A O   1 
ATOM   1294 C CB  . HIS A 1 155 ? 6.759   12.882  -11.727 1.00 12.49 ? 203 HIS A CB  1 
ATOM   1295 C CG  . HIS A 1 155 ? 7.082   14.058  -12.593 1.00 12.24 ? 203 HIS A CG  1 
ATOM   1296 N ND1 . HIS A 1 155 ? 8.140   14.901  -12.336 1.00 15.48 ? 203 HIS A ND1 1 
ATOM   1297 C CD2 . HIS A 1 155 ? 6.485   14.532  -13.711 1.00 12.22 ? 203 HIS A CD2 1 
ATOM   1298 C CE1 . HIS A 1 155 ? 8.183   15.845  -13.259 1.00 14.61 ? 203 HIS A CE1 1 
ATOM   1299 N NE2 . HIS A 1 155 ? 7.190   15.644  -14.105 1.00 15.73 ? 203 HIS A NE2 1 
ATOM   1300 N N   . PRO A 1 156 ? 3.638   14.148  -12.125 1.00 11.95 ? 204 PRO A N   1 
ATOM   1301 C CA  . PRO A 1 156 ? 2.445   14.254  -12.977 1.00 13.87 ? 204 PRO A CA  1 
ATOM   1302 C C   . PRO A 1 156 ? 2.566   13.711  -14.401 1.00 13.79 ? 204 PRO A C   1 
ATOM   1303 O O   . PRO A 1 156 ? 1.562   13.333  -15.004 1.00 14.94 ? 204 PRO A O   1 
ATOM   1304 C CB  . PRO A 1 156 ? 2.107   15.747  -12.950 1.00 14.65 ? 204 PRO A CB  1 
ATOM   1305 C CG  . PRO A 1 156 ? 3.380   16.421  -12.577 1.00 14.90 ? 204 PRO A CG  1 
ATOM   1306 C CD  . PRO A 1 156 ? 4.087   15.470  -11.652 1.00 13.24 ? 204 PRO A CD  1 
ATOM   1307 N N   . TYR A 1 157 ? 3.771   13.681  -14.956 1.00 13.57 ? 205 TYR A N   1 
ATOM   1308 C CA  . TYR A 1 157 ? 3.895   13.136  -16.296 1.00 14.40 ? 205 TYR A CA  1 
ATOM   1309 C C   . TYR A 1 157 ? 5.063   12.190  -16.517 1.00 15.97 ? 205 TYR A C   1 
ATOM   1310 O O   . TYR A 1 157 ? 5.779   12.279  -17.519 1.00 15.39 ? 205 TYR A O   1 
ATOM   1311 C CB  . TYR A 1 157 ? 3.884   14.238  -17.368 1.00 17.67 ? 205 TYR A CB  1 
ATOM   1312 C CG  . TYR A 1 157 ? 4.640   15.501  -17.058 1.00 18.45 ? 205 TYR A CG  1 
ATOM   1313 C CD1 . TYR A 1 157 ? 5.959   15.665  -17.486 1.00 19.62 ? 205 TYR A CD1 1 
ATOM   1314 C CD2 . TYR A 1 157 ? 4.028   16.558  -16.382 1.00 19.19 ? 205 TYR A CD2 1 
ATOM   1315 C CE1 . TYR A 1 157 ? 6.653   16.852  -17.250 1.00 20.99 ? 205 TYR A CE1 1 
ATOM   1316 C CE2 . TYR A 1 157 ? 4.711   17.751  -16.140 1.00 20.65 ? 205 TYR A CE2 1 
ATOM   1317 C CZ  . TYR A 1 157 ? 6.023   17.888  -16.577 1.00 22.36 ? 205 TYR A CZ  1 
ATOM   1318 O OH  . TYR A 1 157 ? 6.717   19.051  -16.331 1.00 24.91 ? 205 TYR A OH  1 
ATOM   1319 N N   . VAL A 1 158 ? 5.253   11.282  -15.562 1.00 13.06 ? 206 VAL A N   1 
ATOM   1320 C CA  . VAL A 1 158 ? 6.275   10.251  -15.666 1.00 12.34 ? 206 VAL A CA  1 
ATOM   1321 C C   . VAL A 1 158 ? 5.465   9.000   -16.006 1.00 12.18 ? 206 VAL A C   1 
ATOM   1322 O O   . VAL A 1 158 ? 4.361   8.818   -15.495 1.00 11.65 ? 206 VAL A O   1 
ATOM   1323 C CB  . VAL A 1 158 ? 7.017   10.037  -14.333 1.00 12.50 ? 206 VAL A CB  1 
ATOM   1324 C CG1 . VAL A 1 158 ? 7.600   8.626   -14.285 1.00 11.97 ? 206 VAL A CG1 1 
ATOM   1325 C CG2 . VAL A 1 158 ? 8.118   11.074  -14.181 1.00 13.09 ? 206 VAL A CG2 1 
ATOM   1326 N N   . ASP A 1 159 ? 5.985   8.154   -16.883 1.00 12.55 ? 207 ASP A N   1 
ATOM   1327 C CA  . ASP A 1 159 ? 5.260   6.951   -17.268 1.00 14.00 ? 207 ASP A CA  1 
ATOM   1328 C C   . ASP A 1 159 ? 5.516   5.811   -16.292 1.00 15.06 ? 207 ASP A C   1 
ATOM   1329 O O   . ASP A 1 159 ? 6.616   5.263   -16.236 1.00 14.71 ? 207 ASP A O   1 
ATOM   1330 C CB  . ASP A 1 159 ? 5.662   6.519   -18.678 1.00 16.54 ? 207 ASP A CB  1 
ATOM   1331 C CG  . ASP A 1 159 ? 4.807   5.382   -19.208 1.00 18.26 ? 207 ASP A CG  1 
ATOM   1332 O OD1 . ASP A 1 159 ? 5.001   5.003   -20.380 1.00 22.75 ? 207 ASP A OD1 1 
ATOM   1333 O OD2 . ASP A 1 159 ? 3.945   4.867   -18.467 1.00 19.75 ? 207 ASP A OD2 1 
ATOM   1334 N N   . TYR A 1 160 ? 4.483   5.462   -15.528 1.00 16.65 ? 208 TYR A N   1 
ATOM   1335 C CA  . TYR A 1 160 ? 4.560   4.396   -14.538 1.00 16.94 ? 208 TYR A CA  1 
ATOM   1336 C C   . TYR A 1 160 ? 3.934   3.112   -15.078 1.00 18.50 ? 208 TYR A C   1 
ATOM   1337 O O   . TYR A 1 160 ? 3.588   3.076   -16.278 1.00 21.25 ? 208 TYR A O   1 
ATOM   1338 C CB  . TYR A 1 160 ? 3.831   4.830   -13.261 1.00 16.15 ? 208 TYR A CB  1 
ATOM   1339 C CG  . TYR A 1 160 ? 4.504   5.963   -12.526 1.00 13.54 ? 208 TYR A CG  1 
ATOM   1340 C CD1 . TYR A 1 160 ? 3.916   7.223   -12.457 1.00 13.52 ? 208 TYR A CD1 1 
ATOM   1341 C CD2 . TYR A 1 160 ? 5.747   5.785   -11.925 1.00 13.44 ? 208 TYR A CD2 1 
ATOM   1342 C CE1 . TYR A 1 160 ? 4.555   8.278   -11.809 1.00 13.28 ? 208 TYR A CE1 1 
ATOM   1343 C CE2 . TYR A 1 160 ? 6.392   6.830   -11.276 1.00 12.79 ? 208 TYR A CE2 1 
ATOM   1344 C CZ  . TYR A 1 160 ? 5.794   8.074   -11.224 1.00 11.86 ? 208 TYR A CZ  1 
ATOM   1345 O OH  . TYR A 1 160 ? 6.449   9.119   -10.610 1.00 12.54 ? 208 TYR A OH  1 
HETATM 1346 N N1  . EPE B 2 .   ? 8.748   -7.945  -0.538  1.00 34.10 ? 401 EPE A N1  1 
HETATM 1347 C C2  . EPE B 2 .   ? 7.541   -7.068  -0.332  1.00 33.48 ? 401 EPE A C2  1 
HETATM 1348 C C3  . EPE B 2 .   ? 7.563   -6.387  1.045   1.00 35.93 ? 401 EPE A C3  1 
HETATM 1349 N N4  . EPE B 2 .   ? 7.808   -7.320  2.221   1.00 36.15 ? 401 EPE A N4  1 
HETATM 1350 C C5  . EPE B 2 .   ? 9.094   -8.082  1.978   1.00 36.07 ? 401 EPE A C5  1 
HETATM 1351 C C6  . EPE B 2 .   ? 9.000   -8.839  0.634   1.00 34.84 ? 401 EPE A C6  1 
HETATM 1352 C C7  . EPE B 2 .   ? 7.844   -6.605  3.549   1.00 36.83 ? 401 EPE A C7  1 
HETATM 1353 C C8  . EPE B 2 .   ? 6.516   -5.871  3.814   1.00 36.96 ? 401 EPE A C8  1 
HETATM 1354 O O8  . EPE B 2 .   ? 6.481   -4.478  3.739   1.00 37.19 ? 401 EPE A O8  1 
HETATM 1355 C C9  . EPE B 2 .   ? 8.625   -8.783  -1.766  1.00 33.87 ? 401 EPE A C9  1 
HETATM 1356 C C10 . EPE B 2 .   ? 9.108   -7.997  -2.977  1.00 29.70 ? 401 EPE A C10 1 
HETATM 1357 S S   . EPE B 2 .   ? 8.973   -8.998  -4.482  1.00 25.83 ? 401 EPE A S   1 
HETATM 1358 O O1S . EPE B 2 .   ? 9.462   -8.125  -5.534  1.00 29.64 ? 401 EPE A O1S 1 
HETATM 1359 O O2S . EPE B 2 .   ? 7.730   -9.685  -4.594  1.00 28.24 ? 401 EPE A O2S 1 
HETATM 1360 O O3S . EPE B 2 .   ? 10.197  -10.106 -4.335  1.00 30.10 ? 401 EPE A O3S 1 
HETATM 1361 O O   . HOH C 3 .   ? -12.287 -1.224  3.081   1.00 20.06 ? 301 HOH A O   1 
HETATM 1362 O O   . HOH C 3 .   ? 5.847   -9.096  1.451   1.00 15.11 ? 302 HOH A O   1 
HETATM 1363 O O   . HOH C 3 .   ? -3.403  6.986   6.788   1.00 10.29 ? 303 HOH A O   1 
HETATM 1364 O O   . HOH C 3 .   ? 8.020   1.495   -8.467  1.00 17.69 ? 304 HOH A O   1 
HETATM 1365 O O   . HOH C 3 .   ? -4.102  8.418   10.213  1.00 18.50 ? 305 HOH A O   1 
HETATM 1366 O O   . HOH C 3 .   ? -9.030  -1.906  1.757   1.00 14.72 ? 306 HOH A O   1 
HETATM 1367 O O   . HOH C 3 .   ? 12.343  -6.362  -10.150 1.00 16.21 ? 307 HOH A O   1 
HETATM 1368 O O   . HOH C 3 .   ? -1.354  3.091   9.119   1.00 20.13 ? 308 HOH A O   1 
HETATM 1369 O O   . HOH C 3 .   ? -0.851  13.618  -14.291 1.00 17.54 ? 309 HOH A O   1 
HETATM 1370 O O   . HOH C 3 .   ? -13.262 -0.017  -1.230  1.00 26.50 ? 310 HOH A O   1 
HETATM 1371 O O   . HOH C 3 .   ? -1.266  5.243   11.598  1.00 19.58 ? 311 HOH A O   1 
HETATM 1372 O O   . HOH C 3 .   ? 3.624   -3.017  5.098   1.00 16.90 ? 312 HOH A O   1 
HETATM 1373 O O   . HOH C 3 .   ? 7.453   -11.458 -6.858  1.00 8.28  ? 313 HOH A O   1 
HETATM 1374 O O   . HOH C 3 .   ? 3.697   -16.993 -10.222 1.00 17.46 ? 314 HOH A O   1 
HETATM 1375 O O   . HOH C 3 .   ? -25.926 -13.818 1.156   1.00 16.93 ? 315 HOH A O   1 
HETATM 1376 O O   . HOH C 3 .   ? -7.368  -15.732 -3.034  1.00 16.78 ? 316 HOH A O   1 
HETATM 1377 O O   . HOH C 3 .   ? 2.394   3.244   6.892   1.00 14.90 ? 317 HOH A O   1 
HETATM 1378 O O   . HOH C 3 .   ? 7.398   11.521  -19.632 1.00 17.93 ? 318 HOH A O   1 
HETATM 1379 O O   . HOH C 3 .   ? 6.768   -10.208 -13.127 1.00 18.93 ? 319 HOH A O   1 
HETATM 1380 O O   . HOH C 3 .   ? -20.448 -12.236 -4.541  1.00 23.01 ? 320 HOH A O   1 
HETATM 1381 O O   . HOH C 3 .   ? -15.807 -15.181 2.356   1.00 29.75 ? 321 HOH A O   1 
HETATM 1382 O O   . HOH C 3 .   ? 3.162   -15.477 3.173   1.00 20.06 ? 322 HOH A O   1 
HETATM 1383 O O   . HOH C 3 .   ? 1.122   12.883  -9.346  1.00 28.47 ? 323 HOH A O   1 
HETATM 1384 O O   . HOH C 3 .   ? -2.146  -10.742 16.432  1.00 27.53 ? 324 HOH A O   1 
HETATM 1385 O O   . HOH C 3 .   ? -8.940  4.725   -5.816  1.00 15.36 ? 325 HOH A O   1 
HETATM 1386 O O   . HOH C 3 .   ? -3.028  1.478   -12.624 1.00 20.75 ? 326 HOH A O   1 
HETATM 1387 O O   . HOH C 3 .   ? 5.925   -21.748 -9.486  1.00 30.99 ? 327 HOH A O   1 
HETATM 1388 O O   . HOH C 3 .   ? -7.511  13.676  9.561   1.00 32.33 ? 328 HOH A O   1 
HETATM 1389 O O   . HOH C 3 .   ? -4.511  -15.636 1.833   1.00 16.00 ? 329 HOH A O   1 
HETATM 1390 O O   . HOH C 3 .   ? 11.691  -16.147 -10.732 1.00 16.14 ? 330 HOH A O   1 
HETATM 1391 O O   . HOH C 3 .   ? -4.745  -16.036 -1.303  1.00 28.22 ? 331 HOH A O   1 
HETATM 1392 O O   . HOH C 3 .   ? -9.062  -12.118 11.102  1.00 17.81 ? 332 HOH A O   1 
HETATM 1393 O O   . HOH C 3 .   ? 2.940   -12.218 -15.507 1.00 20.97 ? 333 HOH A O   1 
HETATM 1394 O O   . HOH C 3 .   ? -1.314  -13.887 -16.959 1.00 32.11 ? 334 HOH A O   1 
HETATM 1395 O O   . HOH C 3 .   ? 1.801   6.436   -15.481 1.00 25.94 ? 335 HOH A O   1 
HETATM 1396 O O   . HOH C 3 .   ? -8.434  6.103   0.550   1.00 19.28 ? 336 HOH A O   1 
HETATM 1397 O O   . HOH C 3 .   ? -1.365  7.470   9.996   1.00 17.00 ? 337 HOH A O   1 
HETATM 1398 O O   . HOH C 3 .   ? 3.629   -2.333  7.878   1.00 28.68 ? 338 HOH A O   1 
HETATM 1399 O O   . HOH C 3 .   ? 2.409   -14.603 -13.697 1.00 19.40 ? 339 HOH A O   1 
HETATM 1400 O O   . HOH C 3 .   ? 13.754  -13.402 -10.560 1.00 12.47 ? 340 HOH A O   1 
HETATM 1401 O O   . HOH C 3 .   ? -4.495  4.764   11.648  1.00 23.43 ? 341 HOH A O   1 
HETATM 1402 O O   . HOH C 3 .   ? 6.237   -18.403 -10.903 1.00 21.33 ? 342 HOH A O   1 
HETATM 1403 O O   . HOH C 3 .   ? -24.544 -17.258 1.556   1.00 21.95 ? 343 HOH A O   1 
HETATM 1404 O O   . HOH C 3 .   ? -22.370 -11.743 -3.175  1.00 28.50 ? 344 HOH A O   1 
HETATM 1405 O O   . HOH C 3 .   ? -10.514 -5.918  14.136  1.00 21.87 ? 345 HOH A O   1 
HETATM 1406 O O   . HOH C 3 .   ? 9.732   -7.243  -7.793  1.00 18.59 ? 346 HOH A O   1 
HETATM 1407 O O   . HOH C 3 .   ? -3.843  4.554   7.897   1.00 23.45 ? 347 HOH A O   1 
HETATM 1408 O O   . HOH C 3 .   ? -18.400 0.911   6.823   1.00 20.75 ? 348 HOH A O   1 
HETATM 1409 O O   . HOH C 3 .   ? -6.050  3.742   -12.562 1.00 25.51 ? 349 HOH A O   1 
HETATM 1410 O O   . HOH C 3 .   ? -7.893  7.265   8.227   1.00 25.13 ? 350 HOH A O   1 
HETATM 1411 O O   . HOH C 3 .   ? -3.843  12.104  13.127  1.00 32.15 ? 351 HOH A O   1 
HETATM 1412 O O   . HOH C 3 .   ? 0.280   -10.456 11.828  1.00 20.64 ? 352 HOH A O   1 
HETATM 1413 O O   . HOH C 3 .   ? -2.825  11.342  -15.364 1.00 22.41 ? 353 HOH A O   1 
HETATM 1414 O O   . HOH C 3 .   ? 10.997  7.868   10.609  1.00 24.16 ? 354 HOH A O   1 
HETATM 1415 O O   . HOH C 3 .   ? -5.488  5.839   9.571   1.00 20.07 ? 355 HOH A O   1 
HETATM 1416 O O   . HOH C 3 .   ? -4.214  -5.123  -14.334 1.00 24.81 ? 356 HOH A O   1 
HETATM 1417 O O   . HOH C 3 .   ? 5.201   -12.548 -17.774 1.00 23.39 ? 357 HOH A O   1 
HETATM 1418 O O   . HOH C 3 .   ? -0.014  12.376  15.951  1.00 24.91 ? 358 HOH A O   1 
HETATM 1419 O O   . HOH C 3 .   ? 10.872  10.351  -4.182  1.00 22.67 ? 359 HOH A O   1 
HETATM 1420 O O   . HOH C 3 .   ? -5.092  -8.941  16.965  1.00 24.29 ? 360 HOH A O   1 
HETATM 1421 O O   . HOH C 3 .   ? 9.505   18.934  -16.509 1.00 30.03 ? 361 HOH A O   1 
HETATM 1422 O O   . HOH C 3 .   ? 11.683  -6.944  -0.307  1.00 28.41 ? 362 HOH A O   1 
HETATM 1423 O O   . HOH C 3 .   ? 9.951   17.907  -13.814 1.00 32.97 ? 363 HOH A O   1 
HETATM 1424 O O   . HOH C 3 .   ? -9.503  -16.230 8.453   1.00 13.35 ? 364 HOH A O   1 
HETATM 1425 O O   . HOH C 3 .   ? -9.793  12.619  1.581   1.00 20.04 ? 365 HOH A O   1 
HETATM 1426 O O   . HOH C 3 .   ? -15.377 1.804   9.623   0.50 41.12 ? 366 HOH A O   1 
HETATM 1427 O O   . HOH C 3 .   ? -1.303  13.650  -11.560 1.00 26.57 ? 367 HOH A O   1 
HETATM 1428 O O   . HOH C 3 .   ? -11.281 -15.809 -4.520  1.00 25.14 ? 368 HOH A O   1 
HETATM 1429 O O   . HOH C 3 .   ? 9.793   6.909   -8.408  1.00 30.51 ? 369 HOH A O   1 
HETATM 1430 O O   . HOH C 3 .   ? 15.124  5.464   -3.218  1.00 30.80 ? 370 HOH A O   1 
HETATM 1431 O O   . HOH C 3 .   ? 8.803   4.500   -13.856 1.00 38.54 ? 371 HOH A O   1 
HETATM 1432 O O   . HOH C 3 .   ? -6.070  -12.805 -13.025 1.00 20.77 ? 372 HOH A O   1 
HETATM 1433 O O   . HOH C 3 .   ? 4.532   -0.212  4.914   1.00 31.15 ? 373 HOH A O   1 
HETATM 1434 O O   . HOH C 3 .   ? -15.956 -15.637 -4.550  1.00 36.36 ? 374 HOH A O   1 
HETATM 1435 O O   . HOH C 3 .   ? -11.574 1.785   -4.105  1.00 28.97 ? 375 HOH A O   1 
HETATM 1436 O O   . HOH C 3 .   ? -6.349  10.492  9.772   1.00 22.41 ? 376 HOH A O   1 
HETATM 1437 O O   . HOH C 3 .   ? -11.987 -9.569  -9.193  1.00 41.68 ? 377 HOH A O   1 
HETATM 1438 O O   . HOH C 3 .   ? -13.890 -8.349  -7.739  1.00 31.14 ? 378 HOH A O   1 
HETATM 1439 O O   . HOH C 3 .   ? 3.100   -18.219 0.101   1.00 24.21 ? 379 HOH A O   1 
HETATM 1440 O O   . HOH C 3 .   ? 2.684   -5.466  -15.163 1.00 28.36 ? 380 HOH A O   1 
HETATM 1441 O O   . HOH C 3 .   ? -1.752  -16.137 3.683   1.00 24.10 ? 381 HOH A O   1 
HETATM 1442 O O   . HOH C 3 .   ? 4.049   -21.618 -11.105 1.00 36.22 ? 382 HOH A O   1 
HETATM 1443 O O   . HOH C 3 .   ? 11.172  12.885  -7.825  1.00 35.05 ? 383 HOH A O   1 
HETATM 1444 O O   . HOH C 3 .   ? 11.501  0.289   -9.406  1.00 44.84 ? 384 HOH A O   1 
HETATM 1445 O O   . HOH C 3 .   ? -11.409 9.157   2.831   1.00 35.41 ? 385 HOH A O   1 
HETATM 1446 O O   . HOH C 3 .   ? -1.958  8.813   -16.130 1.00 32.06 ? 386 HOH A O   1 
HETATM 1447 O O   . HOH C 3 .   ? 8.751   4.077   -10.198 1.00 30.20 ? 387 HOH A O   1 
HETATM 1448 O O   . HOH C 3 .   ? 11.478  -9.755  -7.925  1.00 25.93 ? 388 HOH A O   1 
HETATM 1449 O O   . HOH C 3 .   ? -1.276  -14.770 10.519  1.00 33.47 ? 389 HOH A O   1 
HETATM 1450 O O   . HOH C 3 .   ? 8.446   -4.454  -13.868 1.00 26.66 ? 390 HOH A O   1 
HETATM 1451 O O   . HOH C 3 .   ? -19.080 -0.340  2.231   1.00 38.57 ? 391 HOH A O   1 
HETATM 1452 O O   . HOH C 3 .   ? -7.123  17.978  -11.204 1.00 36.29 ? 392 HOH A O   1 
HETATM 1453 O O   . HOH C 3 .   ? -21.986 -1.849  -1.249  1.00 28.73 ? 393 HOH A O   1 
HETATM 1454 O O   . HOH C 3 .   ? 2.838   -19.650 -12.120 1.00 38.82 ? 394 HOH A O   1 
HETATM 1455 O O   . HOH C 3 .   ? 3.390   -2.706  -13.735 1.00 25.66 ? 395 HOH A O   1 
HETATM 1456 O O   . HOH C 3 .   ? 12.056  8.752   21.353  1.00 31.07 ? 396 HOH A O   1 
# 
